data_6E5X
# 
_entry.id   6E5X 
# 
_audit_conform.dict_name       mmcif_pdbx.dic 
_audit_conform.dict_version    5.379 
_audit_conform.dict_location   http://mmcif.pdb.org/dictionaries/ascii/mmcif_pdbx.dic 
# 
loop_
_database_2.database_id 
_database_2.database_code 
_database_2.pdbx_database_accession 
_database_2.pdbx_DOI 
PDB   6E5X         pdb_00006e5x 10.2210/pdb6e5x/pdb 
WWPDB D_1000235767 ?            ?                   
# 
_pdbx_database_status.status_code                     REL 
_pdbx_database_status.status_code_sf                  REL 
_pdbx_database_status.status_code_mr                  ? 
_pdbx_database_status.entry_id                        6E5X 
_pdbx_database_status.recvd_initial_deposition_date   2018-07-23 
_pdbx_database_status.SG_entry                        N 
_pdbx_database_status.deposit_site                    RCSB 
_pdbx_database_status.process_site                    RCSB 
_pdbx_database_status.status_code_cs                  ? 
_pdbx_database_status.methods_development_category    ? 
_pdbx_database_status.pdb_format_compatible           Y 
_pdbx_database_status.status_code_nmr_data            ? 
# 
loop_
_audit_author.name 
_audit_author.pdbx_ordinal 
_audit_author.identifier_ORCID 
'Liu, D.'           1 ? 
'Small, G.I.'       2 ? 
'Leung, D.W.'       3 ? 
'Amarasinghe, G.K.' 4 ? 
# 
_citation.abstract                  ? 
_citation.abstract_id_CAS           ? 
_citation.book_id_ISBN              ? 
_citation.book_publisher            ? 
_citation.book_publisher_city       ? 
_citation.book_title                ? 
_citation.coordinate_linkage        ? 
_citation.country                   ? 
_citation.database_id_Medline       ? 
_citation.details                   ? 
_citation.id                        primary 
_citation.journal_abbrev            Cell 
_citation.journal_id_ASTM           ? 
_citation.journal_id_CSD            ? 
_citation.journal_id_ISSN           1097-4172 
_citation.journal_full              ? 
_citation.journal_issue             ? 
_citation.journal_volume            175 
_citation.language                  ? 
_citation.page_first                1917 
_citation.page_last                 1930.e13 
_citation.title                     
'Protein Interaction Mapping Identifies RBBP6 as a Negative Regulator of Ebola Virus Replication.' 
_citation.year                      2018 
_citation.database_id_CSD           ? 
_citation.pdbx_database_id_DOI      10.1016/j.cell.2018.08.044 
_citation.pdbx_database_id_PubMed   30550789 
_citation.unpublished_flag          ? 
# 
loop_
_citation_author.citation_id 
_citation_author.name 
_citation_author.ordinal 
_citation_author.identifier_ORCID 
primary 'Batra, J.'         1  ? 
primary 'Hultquist, J.F.'   2  ? 
primary 'Liu, D.'           3  ? 
primary 'Shtanko, O.'       4  ? 
primary 'Von Dollen, J.'    5  ? 
primary 'Satkamp, L.'       6  ? 
primary 'Jang, G.M.'        7  ? 
primary 'Luthra, P.'        8  ? 
primary 'Schwarz, T.M.'     9  ? 
primary 'Small, G.I.'       10 ? 
primary 'Arnett, E.'        11 ? 
primary 'Anantpadma, M.'    12 ? 
primary 'Reyes, A.'         13 ? 
primary 'Leung, D.W.'       14 ? 
primary 'Kaake, R.'         15 ? 
primary 'Haas, P.'          16 ? 
primary 'Schmidt, C.B.'     17 ? 
primary 'Schlesinger, L.S.' 18 ? 
primary 'LaCount, D.J.'     19 ? 
primary 'Davey, R.A.'       20 ? 
primary 'Amarasinghe, G.K.' 21 ? 
primary 'Basler, C.F.'      22 ? 
primary 'Krogan, N.J.'      23 ? 
# 
_cell.angle_alpha                  90.00 
_cell.angle_alpha_esd              ? 
_cell.angle_beta                   90.00 
_cell.angle_beta_esd               ? 
_cell.angle_gamma                  90.00 
_cell.angle_gamma_esd              ? 
_cell.entry_id                     6E5X 
_cell.details                      ? 
_cell.formula_units_Z              ? 
_cell.length_a                     45.600 
_cell.length_a_esd                 ? 
_cell.length_b                     45.600 
_cell.length_b_esd                 ? 
_cell.length_c                     158.710 
_cell.length_c_esd                 ? 
_cell.volume                       ? 
_cell.volume_esd                   ? 
_cell.Z_PDB                        8 
_cell.reciprocal_angle_alpha       ? 
_cell.reciprocal_angle_beta        ? 
_cell.reciprocal_angle_gamma       ? 
_cell.reciprocal_angle_alpha_esd   ? 
_cell.reciprocal_angle_beta_esd    ? 
_cell.reciprocal_angle_gamma_esd   ? 
_cell.reciprocal_length_a          ? 
_cell.reciprocal_length_b          ? 
_cell.reciprocal_length_c          ? 
_cell.reciprocal_length_a_esd      ? 
_cell.reciprocal_length_b_esd      ? 
_cell.reciprocal_length_c_esd      ? 
_cell.pdbx_unique_axis             ? 
# 
_symmetry.entry_id                         6E5X 
_symmetry.cell_setting                     ? 
_symmetry.Int_Tables_number                96 
_symmetry.space_group_name_Hall            ? 
_symmetry.space_group_name_H-M             'P 43 21 2' 
_symmetry.pdbx_full_space_group_name_H-M   ? 
# 
loop_
_entity.id 
_entity.type 
_entity.src_method 
_entity.pdbx_description 
_entity.formula_weight 
_entity.pdbx_number_of_molecules 
_entity.pdbx_ec 
_entity.pdbx_mutation 
_entity.pdbx_fragment 
_entity.details 
1 polymer     man 'Minor nucleoprotein VP30'          14407.747 1   ? ? 'C-terminal domain (UNP residues 140-266)' ? 
2 polymer     syn 'E3 ubiquitin-protein ligase RBBP6' 1612.946  1   ? ? 'UNP residues 554-568'                     ? 
3 non-polymer nat 'CALCIUM ION'                       40.078    1   ? ? ?                                          ? 
4 water       nat water                               18.015    149 ? ? ?                                          ? 
# 
loop_
_entity_name_com.entity_id 
_entity_name_com.name 
1 'Transcription activator VP30' 
2 
;Proliferation potential-related protein, Protein P2P-R, RING-type E3 ubiquitin transferase RBBP6, Retinoblastoma-binding Q protein 1, RBQ-1, Retinoblastoma-binding protein 6, p53-associated cellular protein of testis
;
# 
loop_
_entity_poly.entity_id 
_entity_poly.type 
_entity_poly.nstd_linkage 
_entity_poly.nstd_monomer 
_entity_poly.pdbx_seq_one_letter_code 
_entity_poly.pdbx_seq_one_letter_code_can 
_entity_poly.pdbx_strand_id 
_entity_poly.pdbx_target_identifier 
1 'polypeptide(L)' no no 
;PKITLLTLIKTAEHWARQDIRTIEDSKLRALLTLCAVMTRKFSKSQLSLLCETHLRREGLGQDQAEPVLEVYQRLHSDKG
GSFEAALWQQWDRQSLIMFITAFLNIALQLPCESSAVVVSGLRTLVP
;
;PKITLLTLIKTAEHWARQDIRTIEDSKLRALLTLCAVMTRKFSKSQLSLLCETHLRREGLGQDQAEPVLEVYQRLHSDKG
GSFEAALWQQWDRQSLIMFITAFLNIALQLPCESSAVVVSGLRTLVP
;
A ? 
2 'polypeptide(L)' no no PVFVPVPPPPLYPPP PVFVPVPPPPLYPPP B ? 
# 
loop_
_entity_poly_seq.entity_id 
_entity_poly_seq.num 
_entity_poly_seq.mon_id 
_entity_poly_seq.hetero 
1 1   PRO n 
1 2   LYS n 
1 3   ILE n 
1 4   THR n 
1 5   LEU n 
1 6   LEU n 
1 7   THR n 
1 8   LEU n 
1 9   ILE n 
1 10  LYS n 
1 11  THR n 
1 12  ALA n 
1 13  GLU n 
1 14  HIS n 
1 15  TRP n 
1 16  ALA n 
1 17  ARG n 
1 18  GLN n 
1 19  ASP n 
1 20  ILE n 
1 21  ARG n 
1 22  THR n 
1 23  ILE n 
1 24  GLU n 
1 25  ASP n 
1 26  SER n 
1 27  LYS n 
1 28  LEU n 
1 29  ARG n 
1 30  ALA n 
1 31  LEU n 
1 32  LEU n 
1 33  THR n 
1 34  LEU n 
1 35  CYS n 
1 36  ALA n 
1 37  VAL n 
1 38  MET n 
1 39  THR n 
1 40  ARG n 
1 41  LYS n 
1 42  PHE n 
1 43  SER n 
1 44  LYS n 
1 45  SER n 
1 46  GLN n 
1 47  LEU n 
1 48  SER n 
1 49  LEU n 
1 50  LEU n 
1 51  CYS n 
1 52  GLU n 
1 53  THR n 
1 54  HIS n 
1 55  LEU n 
1 56  ARG n 
1 57  ARG n 
1 58  GLU n 
1 59  GLY n 
1 60  LEU n 
1 61  GLY n 
1 62  GLN n 
1 63  ASP n 
1 64  GLN n 
1 65  ALA n 
1 66  GLU n 
1 67  PRO n 
1 68  VAL n 
1 69  LEU n 
1 70  GLU n 
1 71  VAL n 
1 72  TYR n 
1 73  GLN n 
1 74  ARG n 
1 75  LEU n 
1 76  HIS n 
1 77  SER n 
1 78  ASP n 
1 79  LYS n 
1 80  GLY n 
1 81  GLY n 
1 82  SER n 
1 83  PHE n 
1 84  GLU n 
1 85  ALA n 
1 86  ALA n 
1 87  LEU n 
1 88  TRP n 
1 89  GLN n 
1 90  GLN n 
1 91  TRP n 
1 92  ASP n 
1 93  ARG n 
1 94  GLN n 
1 95  SER n 
1 96  LEU n 
1 97  ILE n 
1 98  MET n 
1 99  PHE n 
1 100 ILE n 
1 101 THR n 
1 102 ALA n 
1 103 PHE n 
1 104 LEU n 
1 105 ASN n 
1 106 ILE n 
1 107 ALA n 
1 108 LEU n 
1 109 GLN n 
1 110 LEU n 
1 111 PRO n 
1 112 CYS n 
1 113 GLU n 
1 114 SER n 
1 115 SER n 
1 116 ALA n 
1 117 VAL n 
1 118 VAL n 
1 119 VAL n 
1 120 SER n 
1 121 GLY n 
1 122 LEU n 
1 123 ARG n 
1 124 THR n 
1 125 LEU n 
1 126 VAL n 
1 127 PRO n 
2 1   PRO n 
2 2   VAL n 
2 3   PHE n 
2 4   VAL n 
2 5   PRO n 
2 6   VAL n 
2 7   PRO n 
2 8   PRO n 
2 9   PRO n 
2 10  PRO n 
2 11  LEU n 
2 12  TYR n 
2 13  PRO n 
2 14  PRO n 
2 15  PRO n 
# 
_entity_src_gen.entity_id                          1 
_entity_src_gen.pdbx_src_id                        1 
_entity_src_gen.pdbx_alt_source_flag               sample 
_entity_src_gen.pdbx_seq_type                      'Biological sequence' 
_entity_src_gen.pdbx_beg_seq_num                   1 
_entity_src_gen.pdbx_end_seq_num                   127 
_entity_src_gen.gene_src_common_name               ZEBOV 
_entity_src_gen.gene_src_genus                     ? 
_entity_src_gen.pdbx_gene_src_gene                 VP30 
_entity_src_gen.gene_src_species                   ? 
_entity_src_gen.gene_src_strain                    Kikwit-95 
_entity_src_gen.gene_src_tissue                    ? 
_entity_src_gen.gene_src_tissue_fraction           ? 
_entity_src_gen.gene_src_details                   ? 
_entity_src_gen.pdbx_gene_src_fragment             ? 
_entity_src_gen.pdbx_gene_src_scientific_name      'Zaire ebolavirus (strain Kikwit-95)' 
_entity_src_gen.pdbx_gene_src_ncbi_taxonomy_id     128951 
_entity_src_gen.pdbx_gene_src_variant              ? 
_entity_src_gen.pdbx_gene_src_cell_line            ? 
_entity_src_gen.pdbx_gene_src_atcc                 ? 
_entity_src_gen.pdbx_gene_src_organ                ? 
_entity_src_gen.pdbx_gene_src_organelle            ? 
_entity_src_gen.pdbx_gene_src_cell                 ? 
_entity_src_gen.pdbx_gene_src_cellular_location    ? 
_entity_src_gen.host_org_common_name               ? 
_entity_src_gen.pdbx_host_org_scientific_name      'Escherichia coli BL21(DE3)' 
_entity_src_gen.pdbx_host_org_ncbi_taxonomy_id     469008 
_entity_src_gen.host_org_genus                     ? 
_entity_src_gen.pdbx_host_org_gene                 ? 
_entity_src_gen.pdbx_host_org_organ                ? 
_entity_src_gen.host_org_species                   ? 
_entity_src_gen.pdbx_host_org_tissue               ? 
_entity_src_gen.pdbx_host_org_tissue_fraction      ? 
_entity_src_gen.pdbx_host_org_strain               ? 
_entity_src_gen.pdbx_host_org_variant              ? 
_entity_src_gen.pdbx_host_org_cell_line            ? 
_entity_src_gen.pdbx_host_org_atcc                 ? 
_entity_src_gen.pdbx_host_org_culture_collection   ? 
_entity_src_gen.pdbx_host_org_cell                 ? 
_entity_src_gen.pdbx_host_org_organelle            ? 
_entity_src_gen.pdbx_host_org_cellular_location    ? 
_entity_src_gen.pdbx_host_org_vector_type          ? 
_entity_src_gen.pdbx_host_org_vector               ? 
_entity_src_gen.host_org_details                   ? 
_entity_src_gen.expression_system_id               ? 
_entity_src_gen.plasmid_name                       ? 
_entity_src_gen.plasmid_details                    ? 
_entity_src_gen.pdbx_description                   ? 
# 
_pdbx_entity_src_syn.entity_id              2 
_pdbx_entity_src_syn.pdbx_src_id            1 
_pdbx_entity_src_syn.pdbx_alt_source_flag   sample 
_pdbx_entity_src_syn.pdbx_beg_seq_num       1 
_pdbx_entity_src_syn.pdbx_end_seq_num       15 
_pdbx_entity_src_syn.organism_scientific    'Homo sapiens' 
_pdbx_entity_src_syn.organism_common_name   Human 
_pdbx_entity_src_syn.ncbi_taxonomy_id       9606 
_pdbx_entity_src_syn.details                ? 
# 
loop_
_struct_ref.id 
_struct_ref.db_name 
_struct_ref.db_code 
_struct_ref.pdbx_db_accession 
_struct_ref.pdbx_db_isoform 
_struct_ref.entity_id 
_struct_ref.pdbx_seq_one_letter_code 
_struct_ref.pdbx_align_begin 
1 UNP VP30_EBOZ5  Q77DJ5 ? 1 
;PKITLLTLIKTAEHWARQDIRTIEDSKLRALLTLCAVMTRKFSKSQLSLLCETHLRREGLGQDQAEPVLEVYQRLHSDKG
GSFEAALWQQWDRQSLIMFITAFLNIALQLPCESSAVVVSGLRTLVP
;
140 
2 UNP RBBP6_HUMAN Q7Z6E9 ? 2 PVFVPVPPPPLYPPP 554 
# 
loop_
_struct_ref_seq.align_id 
_struct_ref_seq.ref_id 
_struct_ref_seq.pdbx_PDB_id_code 
_struct_ref_seq.pdbx_strand_id 
_struct_ref_seq.seq_align_beg 
_struct_ref_seq.pdbx_seq_align_beg_ins_code 
_struct_ref_seq.seq_align_end 
_struct_ref_seq.pdbx_seq_align_end_ins_code 
_struct_ref_seq.pdbx_db_accession 
_struct_ref_seq.db_align_beg 
_struct_ref_seq.pdbx_db_align_beg_ins_code 
_struct_ref_seq.db_align_end 
_struct_ref_seq.pdbx_db_align_end_ins_code 
_struct_ref_seq.pdbx_auth_seq_align_beg 
_struct_ref_seq.pdbx_auth_seq_align_end 
1 1 6E5X A 1 ? 127 ? Q77DJ5 140 ? 266 ? 140 266 
2 2 6E5X B 1 ? 15  ? Q7Z6E9 554 ? 568 ? 554 568 
# 
loop_
_chem_comp.id 
_chem_comp.type 
_chem_comp.mon_nstd_flag 
_chem_comp.name 
_chem_comp.pdbx_synonyms 
_chem_comp.formula 
_chem_comp.formula_weight 
ALA 'L-peptide linking' y ALANINE         ? 'C3 H7 N O2'     89.093  
ARG 'L-peptide linking' y ARGININE        ? 'C6 H15 N4 O2 1' 175.209 
ASN 'L-peptide linking' y ASPARAGINE      ? 'C4 H8 N2 O3'    132.118 
ASP 'L-peptide linking' y 'ASPARTIC ACID' ? 'C4 H7 N O4'     133.103 
CA  non-polymer         . 'CALCIUM ION'   ? 'Ca 2'           40.078  
CYS 'L-peptide linking' y CYSTEINE        ? 'C3 H7 N O2 S'   121.158 
GLN 'L-peptide linking' y GLUTAMINE       ? 'C5 H10 N2 O3'   146.144 
GLU 'L-peptide linking' y 'GLUTAMIC ACID' ? 'C5 H9 N O4'     147.129 
GLY 'peptide linking'   y GLYCINE         ? 'C2 H5 N O2'     75.067  
HIS 'L-peptide linking' y HISTIDINE       ? 'C6 H10 N3 O2 1' 156.162 
HOH non-polymer         . WATER           ? 'H2 O'           18.015  
ILE 'L-peptide linking' y ISOLEUCINE      ? 'C6 H13 N O2'    131.173 
LEU 'L-peptide linking' y LEUCINE         ? 'C6 H13 N O2'    131.173 
LYS 'L-peptide linking' y LYSINE          ? 'C6 H15 N2 O2 1' 147.195 
MET 'L-peptide linking' y METHIONINE      ? 'C5 H11 N O2 S'  149.211 
PHE 'L-peptide linking' y PHENYLALANINE   ? 'C9 H11 N O2'    165.189 
PRO 'L-peptide linking' y PROLINE         ? 'C5 H9 N O2'     115.130 
SER 'L-peptide linking' y SERINE          ? 'C3 H7 N O3'     105.093 
THR 'L-peptide linking' y THREONINE       ? 'C4 H9 N O3'     119.119 
TRP 'L-peptide linking' y TRYPTOPHAN      ? 'C11 H12 N2 O2'  204.225 
TYR 'L-peptide linking' y TYROSINE        ? 'C9 H11 N O3'    181.189 
VAL 'L-peptide linking' y VALINE          ? 'C5 H11 N O2'    117.146 
# 
_exptl.absorpt_coefficient_mu     ? 
_exptl.absorpt_correction_T_max   ? 
_exptl.absorpt_correction_T_min   ? 
_exptl.absorpt_correction_type    ? 
_exptl.absorpt_process_details    ? 
_exptl.entry_id                   6E5X 
_exptl.crystals_number            1 
_exptl.details                    ? 
_exptl.method                     'X-RAY DIFFRACTION' 
_exptl.method_details             ? 
# 
_exptl_crystal.colour                      ? 
_exptl_crystal.density_diffrn              ? 
_exptl_crystal.density_Matthews            2.57 
_exptl_crystal.density_method              ? 
_exptl_crystal.density_percent_sol         52.23 
_exptl_crystal.description                 ? 
_exptl_crystal.F_000                       ? 
_exptl_crystal.id                          1 
_exptl_crystal.preparation                 ? 
_exptl_crystal.size_max                    ? 
_exptl_crystal.size_mid                    ? 
_exptl_crystal.size_min                    ? 
_exptl_crystal.size_rad                    ? 
_exptl_crystal.colour_lustre               ? 
_exptl_crystal.colour_modifier             ? 
_exptl_crystal.colour_primary              ? 
_exptl_crystal.density_meas                ? 
_exptl_crystal.density_meas_esd            ? 
_exptl_crystal.density_meas_gt             ? 
_exptl_crystal.density_meas_lt             ? 
_exptl_crystal.density_meas_temp           ? 
_exptl_crystal.density_meas_temp_esd       ? 
_exptl_crystal.density_meas_temp_gt        ? 
_exptl_crystal.density_meas_temp_lt        ? 
_exptl_crystal.pdbx_crystal_image_url      ? 
_exptl_crystal.pdbx_crystal_image_format   ? 
_exptl_crystal.pdbx_mosaicity              ? 
_exptl_crystal.pdbx_mosaicity_esd          ? 
# 
_exptl_crystal_grow.apparatus       ? 
_exptl_crystal_grow.atmosphere      ? 
_exptl_crystal_grow.crystal_id      1 
_exptl_crystal_grow.details         ? 
_exptl_crystal_grow.method          'VAPOR DIFFUSION, HANGING DROP' 
_exptl_crystal_grow.method_ref      ? 
_exptl_crystal_grow.pH              6.5 
_exptl_crystal_grow.pressure        ? 
_exptl_crystal_grow.pressure_esd    ? 
_exptl_crystal_grow.seeding         ? 
_exptl_crystal_grow.seeding_ref     ? 
_exptl_crystal_grow.temp            293 
_exptl_crystal_grow.temp_details    ? 
_exptl_crystal_grow.temp_esd        ? 
_exptl_crystal_grow.time            ? 
_exptl_crystal_grow.pdbx_details    '0.2 M calcium acetate hydrate, 0.1 M sodium cacodylate trihydrate, pH 6.5, 18% w/v PEG8000' 
_exptl_crystal_grow.pdbx_pH_range   ? 
# 
_diffrn.ambient_environment              ? 
_diffrn.ambient_temp                     100 
_diffrn.ambient_temp_details             ? 
_diffrn.ambient_temp_esd                 ? 
_diffrn.crystal_id                       1 
_diffrn.crystal_support                  ? 
_diffrn.crystal_treatment                ? 
_diffrn.details                          ? 
_diffrn.id                               1 
_diffrn.ambient_pressure                 ? 
_diffrn.ambient_pressure_esd             ? 
_diffrn.ambient_pressure_gt              ? 
_diffrn.ambient_pressure_lt              ? 
_diffrn.ambient_temp_gt                  ? 
_diffrn.ambient_temp_lt                  ? 
_diffrn.pdbx_serial_crystal_experiment   ? 
# 
_diffrn_detector.details                      ? 
_diffrn_detector.detector                     CCD 
_diffrn_detector.diffrn_id                    1 
_diffrn_detector.type                         NOIR-1 
_diffrn_detector.area_resol_mean              ? 
_diffrn_detector.dtime                        ? 
_diffrn_detector.pdbx_frames_total            ? 
_diffrn_detector.pdbx_collection_time_total   ? 
_diffrn_detector.pdbx_collection_date         2017-08-25 
_diffrn_detector.pdbx_frequency               ? 
# 
_diffrn_radiation.collimation                      ? 
_diffrn_radiation.diffrn_id                        1 
_diffrn_radiation.filter_edge                      ? 
_diffrn_radiation.inhomogeneity                    ? 
_diffrn_radiation.monochromator                    'double crystal Si(111)' 
_diffrn_radiation.polarisn_norm                    ? 
_diffrn_radiation.polarisn_ratio                   ? 
_diffrn_radiation.probe                            ? 
_diffrn_radiation.type                             ? 
_diffrn_radiation.xray_symbol                      ? 
_diffrn_radiation.wavelength_id                    1 
_diffrn_radiation.pdbx_monochromatic_or_laue_m_l   M 
_diffrn_radiation.pdbx_wavelength_list             ? 
_diffrn_radiation.pdbx_wavelength                  ? 
_diffrn_radiation.pdbx_diffrn_protocol             'SINGLE WAVELENGTH' 
_diffrn_radiation.pdbx_analyzer                    ? 
_diffrn_radiation.pdbx_scattering_type             x-ray 
# 
_diffrn_radiation_wavelength.id           1 
_diffrn_radiation_wavelength.wavelength   1.00003 
_diffrn_radiation_wavelength.wt           1.0 
# 
_diffrn_source.current                     ? 
_diffrn_source.details                     ? 
_diffrn_source.diffrn_id                   1 
_diffrn_source.power                       ? 
_diffrn_source.size                        ? 
_diffrn_source.source                      SYNCHROTRON 
_diffrn_source.target                      ? 
_diffrn_source.type                        'ALS BEAMLINE 4.2.2' 
_diffrn_source.voltage                     ? 
_diffrn_source.take-off_angle              ? 
_diffrn_source.pdbx_wavelength_list        1.00003 
_diffrn_source.pdbx_wavelength             ? 
_diffrn_source.pdbx_synchrotron_beamline   4.2.2 
_diffrn_source.pdbx_synchrotron_site       ALS 
# 
_reflns.B_iso_Wilson_estimate            26.75 
_reflns.entry_id                         6E5X 
_reflns.data_reduction_details           ? 
_reflns.data_reduction_method            ? 
_reflns.d_resolution_high                1.5 
_reflns.d_resolution_low                 43.83 
_reflns.details                          ? 
_reflns.limit_h_max                      ? 
_reflns.limit_h_min                      ? 
_reflns.limit_k_max                      ? 
_reflns.limit_k_min                      ? 
_reflns.limit_l_max                      ? 
_reflns.limit_l_min                      ? 
_reflns.number_all                       ? 
_reflns.number_obs                       27964 
_reflns.observed_criterion               ? 
_reflns.observed_criterion_F_max         ? 
_reflns.observed_criterion_F_min         ? 
_reflns.observed_criterion_I_max         ? 
_reflns.observed_criterion_I_min         ? 
_reflns.observed_criterion_sigma_F       0 
_reflns.observed_criterion_sigma_I       0 
_reflns.percent_possible_obs             100 
_reflns.R_free_details                   ? 
_reflns.Rmerge_F_all                     ? 
_reflns.Rmerge_F_obs                     ? 
_reflns.Friedel_coverage                 ? 
_reflns.number_gt                        ? 
_reflns.threshold_expression             ? 
_reflns.pdbx_redundancy                  16.7 
_reflns.pdbx_Rmerge_I_obs                0.05 
_reflns.pdbx_Rmerge_I_all                ? 
_reflns.pdbx_Rsym_value                  ? 
_reflns.pdbx_netI_over_av_sigmaI         ? 
_reflns.pdbx_netI_over_sigmaI            30.4 
_reflns.pdbx_res_netI_over_av_sigmaI_2   ? 
_reflns.pdbx_res_netI_over_sigmaI_2      ? 
_reflns.pdbx_chi_squared                 ? 
_reflns.pdbx_scaling_rejects             ? 
_reflns.pdbx_d_res_high_opt              ? 
_reflns.pdbx_d_res_low_opt               ? 
_reflns.pdbx_d_res_opt_method            ? 
_reflns.phase_calculation_details        ? 
_reflns.pdbx_Rrim_I_all                  0.05 
_reflns.pdbx_Rpim_I_all                  ? 
_reflns.pdbx_d_opt                       ? 
_reflns.pdbx_number_measured_all         ? 
_reflns.pdbx_diffrn_id                   1 
_reflns.pdbx_ordinal                     1 
_reflns.pdbx_CC_half                     0.3 
_reflns.pdbx_R_split                     ? 
# 
_reflns_shell.d_res_high                  1.5 
_reflns_shell.d_res_low                   1.53 
_reflns_shell.meanI_over_sigI_all         ? 
_reflns_shell.meanI_over_sigI_obs         0.7 
_reflns_shell.number_measured_all         ? 
_reflns_shell.number_measured_obs         ? 
_reflns_shell.number_possible             ? 
_reflns_shell.number_unique_all           ? 
_reflns_shell.number_unique_obs           1327 
_reflns_shell.percent_possible_all        99.3 
_reflns_shell.percent_possible_obs        ? 
_reflns_shell.Rmerge_F_all                ? 
_reflns_shell.Rmerge_F_obs                ? 
_reflns_shell.Rmerge_I_all                ? 
_reflns_shell.Rmerge_I_obs                0.02 
_reflns_shell.meanI_over_sigI_gt          ? 
_reflns_shell.meanI_over_uI_all           ? 
_reflns_shell.meanI_over_uI_gt            ? 
_reflns_shell.number_measured_gt          ? 
_reflns_shell.number_unique_gt            ? 
_reflns_shell.percent_possible_gt         ? 
_reflns_shell.Rmerge_F_gt                 ? 
_reflns_shell.Rmerge_I_gt                 ? 
_reflns_shell.pdbx_redundancy             10.5 
_reflns_shell.pdbx_Rsym_value             ? 
_reflns_shell.pdbx_chi_squared            ? 
_reflns_shell.pdbx_netI_over_sigmaI_all   ? 
_reflns_shell.pdbx_netI_over_sigmaI_obs   ? 
_reflns_shell.pdbx_Rrim_I_all             0.02 
_reflns_shell.pdbx_Rpim_I_all             ? 
_reflns_shell.pdbx_rejects                ? 
_reflns_shell.pdbx_ordinal                1 
_reflns_shell.pdbx_diffrn_id              1 
_reflns_shell.pdbx_CC_half                0.3 
_reflns_shell.pdbx_R_split                ? 
# 
_refine.aniso_B[1][1]                            -0.01 
_refine.aniso_B[1][2]                            0.00 
_refine.aniso_B[1][3]                            0.00 
_refine.aniso_B[2][2]                            -0.01 
_refine.aniso_B[2][3]                            0.00 
_refine.aniso_B[3][3]                            0.01 
_refine.B_iso_max                                ? 
_refine.B_iso_mean                               32.790 
_refine.B_iso_min                                ? 
_refine.correlation_coeff_Fo_to_Fc               0.969 
_refine.correlation_coeff_Fo_to_Fc_free          0.949 
_refine.details                                  'HYDROGENS HAVE BEEN ADDED IN THE RIDING POSITIONS' 
_refine.diff_density_max                         ? 
_refine.diff_density_max_esd                     ? 
_refine.diff_density_min                         ? 
_refine.diff_density_min_esd                     ? 
_refine.diff_density_rms                         ? 
_refine.diff_density_rms_esd                     ? 
_refine.entry_id                                 6E5X 
_refine.pdbx_refine_id                           'X-RAY DIFFRACTION' 
_refine.ls_abs_structure_details                 ? 
_refine.ls_abs_structure_Flack                   ? 
_refine.ls_abs_structure_Flack_esd               ? 
_refine.ls_abs_structure_Rogers                  ? 
_refine.ls_abs_structure_Rogers_esd              ? 
_refine.ls_d_res_high                            1.50 
_refine.ls_d_res_low                             43.83 
_refine.ls_extinction_coef                       ? 
_refine.ls_extinction_coef_esd                   ? 
_refine.ls_extinction_expression                 ? 
_refine.ls_extinction_method                     ? 
_refine.ls_goodness_of_fit_all                   ? 
_refine.ls_goodness_of_fit_all_esd               ? 
_refine.ls_goodness_of_fit_obs                   ? 
_refine.ls_goodness_of_fit_obs_esd               ? 
_refine.ls_hydrogen_treatment                    ? 
_refine.ls_matrix_type                           ? 
_refine.ls_number_constraints                    ? 
_refine.ls_number_parameters                     ? 
_refine.ls_number_reflns_all                     ? 
_refine.ls_number_reflns_obs                     26511 
_refine.ls_number_reflns_R_free                  1317 
_refine.ls_number_reflns_R_work                  ? 
_refine.ls_number_restraints                     ? 
_refine.ls_percent_reflns_obs                    99.82 
_refine.ls_percent_reflns_R_free                 4.7 
_refine.ls_R_factor_all                          ? 
_refine.ls_R_factor_obs                          0.19109 
_refine.ls_R_factor_R_free                       0.23021 
_refine.ls_R_factor_R_free_error                 ? 
_refine.ls_R_factor_R_free_error_details         ? 
_refine.ls_R_factor_R_work                       0.18913 
_refine.ls_R_Fsqd_factor_obs                     ? 
_refine.ls_R_I_factor_obs                        ? 
_refine.ls_redundancy_reflns_all                 ? 
_refine.ls_redundancy_reflns_obs                 ? 
_refine.ls_restrained_S_all                      ? 
_refine.ls_restrained_S_obs                      ? 
_refine.ls_shift_over_esd_max                    ? 
_refine.ls_shift_over_esd_mean                   ? 
_refine.ls_structure_factor_coef                 ? 
_refine.ls_weighting_details                     ? 
_refine.ls_weighting_scheme                      ? 
_refine.ls_wR_factor_all                         ? 
_refine.ls_wR_factor_obs                         ? 
_refine.ls_wR_factor_R_free                      ? 
_refine.ls_wR_factor_R_work                      ? 
_refine.occupancy_max                            ? 
_refine.occupancy_min                            ? 
_refine.solvent_model_details                    MASK 
_refine.solvent_model_param_bsol                 ? 
_refine.solvent_model_param_ksol                 ? 
_refine.ls_R_factor_gt                           ? 
_refine.ls_goodness_of_fit_gt                    ? 
_refine.ls_goodness_of_fit_ref                   ? 
_refine.ls_shift_over_su_max                     ? 
_refine.ls_shift_over_su_max_lt                  ? 
_refine.ls_shift_over_su_mean                    ? 
_refine.ls_shift_over_su_mean_lt                 ? 
_refine.pdbx_ls_sigma_I                          ? 
_refine.pdbx_ls_sigma_F                          ? 
_refine.pdbx_ls_sigma_Fsqd                       ? 
_refine.pdbx_data_cutoff_high_absF               ? 
_refine.pdbx_data_cutoff_high_rms_absF           ? 
_refine.pdbx_data_cutoff_low_absF                ? 
_refine.pdbx_isotropic_thermal_model             ? 
_refine.pdbx_ls_cross_valid_method               THROUGHOUT 
_refine.pdbx_method_to_determine_struct          'MOLECULAR REPLACEMENT' 
_refine.pdbx_starting_model                      'PDB entry 5VAP' 
_refine.pdbx_stereochemistry_target_values       'MAXIMUM LIKELIHOOD' 
_refine.pdbx_R_Free_selection_details            RANDOM 
_refine.pdbx_stereochem_target_val_spec_case     ? 
_refine.pdbx_overall_ESU_R                       0.070 
_refine.pdbx_overall_ESU_R_Free                  0.076 
_refine.pdbx_solvent_vdw_probe_radii             1.20 
_refine.pdbx_solvent_ion_probe_radii             0.80 
_refine.pdbx_solvent_shrinkage_radii             0.80 
_refine.pdbx_real_space_R                        ? 
_refine.pdbx_density_correlation                 ? 
_refine.pdbx_pd_number_of_powder_patterns        ? 
_refine.pdbx_pd_number_of_points                 ? 
_refine.pdbx_pd_meas_number_of_points            ? 
_refine.pdbx_pd_proc_ls_prof_R_factor            ? 
_refine.pdbx_pd_proc_ls_prof_wR_factor           ? 
_refine.pdbx_pd_Marquardt_correlation_coeff      ? 
_refine.pdbx_pd_Fsqrd_R_factor                   ? 
_refine.pdbx_pd_ls_matrix_band_width             ? 
_refine.pdbx_overall_phase_error                 ? 
_refine.pdbx_overall_SU_R_free_Cruickshank_DPI   ? 
_refine.pdbx_overall_SU_R_free_Blow_DPI          ? 
_refine.pdbx_overall_SU_R_Blow_DPI               ? 
_refine.pdbx_TLS_residual_ADP_flag               ? 
_refine.pdbx_diffrn_id                           1 
_refine.overall_SU_B                             1.729 
_refine.overall_SU_ML                            0.060 
_refine.overall_SU_R_Cruickshank_DPI             ? 
_refine.overall_SU_R_free                        ? 
_refine.overall_FOM_free_R_set                   ? 
_refine.overall_FOM_work_R_set                   ? 
_refine.pdbx_average_fsc_overall                 ? 
_refine.pdbx_average_fsc_work                    ? 
_refine.pdbx_average_fsc_free                    ? 
# 
_refine_hist.pdbx_refine_id                   'X-RAY DIFFRACTION' 
_refine_hist.cycle_id                         1 
_refine_hist.pdbx_number_atoms_protein        1105 
_refine_hist.pdbx_number_atoms_nucleic_acid   0 
_refine_hist.pdbx_number_atoms_ligand         1 
_refine_hist.number_atoms_solvent             149 
_refine_hist.number_atoms_total               1255 
_refine_hist.d_res_high                       1.50 
_refine_hist.d_res_low                        43.83 
# 
loop_
_refine_ls_restr.pdbx_refine_id 
_refine_ls_restr.criterion 
_refine_ls_restr.dev_ideal 
_refine_ls_restr.dev_ideal_target 
_refine_ls_restr.number 
_refine_ls_restr.rejects 
_refine_ls_restr.type 
_refine_ls_restr.weight 
_refine_ls_restr.pdbx_restraint_function 
'X-RAY DIFFRACTION' ? 0.002  0.014  1131 ? r_bond_refined_d             ? ? 
'X-RAY DIFFRACTION' ? 0.000  0.017  1070 ? r_bond_other_d               ? ? 
'X-RAY DIFFRACTION' ? 0.659  1.654  1541 ? r_angle_refined_deg          ? ? 
'X-RAY DIFFRACTION' ? 0.845  1.618  2508 ? r_angle_other_deg            ? ? 
'X-RAY DIFFRACTION' ? 4.932  5.000  138  ? r_dihedral_angle_1_deg       ? ? 
'X-RAY DIFFRACTION' ? 32.867 21.346 52   ? r_dihedral_angle_2_deg       ? ? 
'X-RAY DIFFRACTION' ? 10.907 15.000 195  ? r_dihedral_angle_3_deg       ? ? 
'X-RAY DIFFRACTION' ? 11.034 15.000 8    ? r_dihedral_angle_4_deg       ? ? 
'X-RAY DIFFRACTION' ? 0.038  0.200  152  ? r_chiral_restr               ? ? 
'X-RAY DIFFRACTION' ? 0.002  0.020  1224 ? r_gen_planes_refined         ? ? 
'X-RAY DIFFRACTION' ? 0.000  0.020  192  ? r_gen_planes_other           ? ? 
'X-RAY DIFFRACTION' ? ?      ?      ?    ? r_nbd_refined                ? ? 
'X-RAY DIFFRACTION' ? ?      ?      ?    ? r_nbd_other                  ? ? 
'X-RAY DIFFRACTION' ? ?      ?      ?    ? r_nbtor_refined              ? ? 
'X-RAY DIFFRACTION' ? ?      ?      ?    ? r_nbtor_other                ? ? 
'X-RAY DIFFRACTION' ? ?      ?      ?    ? r_xyhbond_nbd_refined        ? ? 
'X-RAY DIFFRACTION' ? ?      ?      ?    ? r_xyhbond_nbd_other          ? ? 
'X-RAY DIFFRACTION' ? ?      ?      ?    ? r_metal_ion_refined          ? ? 
'X-RAY DIFFRACTION' ? ?      ?      ?    ? r_metal_ion_other            ? ? 
'X-RAY DIFFRACTION' ? ?      ?      ?    ? r_symmetry_vdw_refined       ? ? 
'X-RAY DIFFRACTION' ? ?      ?      ?    ? r_symmetry_vdw_other         ? ? 
'X-RAY DIFFRACTION' ? ?      ?      ?    ? r_symmetry_hbond_refined     ? ? 
'X-RAY DIFFRACTION' ? ?      ?      ?    ? r_symmetry_hbond_other       ? ? 
'X-RAY DIFFRACTION' ? ?      ?      ?    ? r_symmetry_metal_ion_refined ? ? 
'X-RAY DIFFRACTION' ? ?      ?      ?    ? r_symmetry_metal_ion_other   ? ? 
'X-RAY DIFFRACTION' ? 3.551  3.011  558  ? r_mcbond_it                  ? ? 
'X-RAY DIFFRACTION' ? 3.525  2.999  557  ? r_mcbond_other               ? ? 
'X-RAY DIFFRACTION' ? 5.191  4.476  694  ? r_mcangle_it                 ? ? 
'X-RAY DIFFRACTION' ? 5.196  4.492  695  ? r_mcangle_other              ? ? 
'X-RAY DIFFRACTION' ? 4.974  3.403  573  ? r_scbond_it                  ? ? 
'X-RAY DIFFRACTION' ? 4.971  3.416  574  ? r_scbond_other               ? ? 
'X-RAY DIFFRACTION' ? ?      ?      ?    ? r_scangle_it                 ? ? 
'X-RAY DIFFRACTION' ? 7.507  4.954  848  ? r_scangle_other              ? ? 
'X-RAY DIFFRACTION' ? 8.699  56.024 4705 ? r_long_range_B_refined       ? ? 
'X-RAY DIFFRACTION' ? 8.633  55.633 4591 ? r_long_range_B_other         ? ? 
'X-RAY DIFFRACTION' ? ?      ?      ?    ? r_rigid_bond_restr           ? ? 
'X-RAY DIFFRACTION' ? ?      ?      ?    ? r_sphericity_free            ? ? 
'X-RAY DIFFRACTION' ? ?      ?      ?    ? r_sphericity_bonded          ? ? 
# 
_refine_ls_shell.pdbx_refine_id                   'X-RAY DIFFRACTION' 
_refine_ls_shell.d_res_high                       1.500 
_refine_ls_shell.d_res_low                        1.539 
_refine_ls_shell.number_reflns_all                ? 
_refine_ls_shell.number_reflns_obs                ? 
_refine_ls_shell.number_reflns_R_free             82 
_refine_ls_shell.number_reflns_R_work             1869 
_refine_ls_shell.percent_reflns_obs               97.84 
_refine_ls_shell.percent_reflns_R_free            ? 
_refine_ls_shell.R_factor_all                     ? 
_refine_ls_shell.R_factor_obs                     ? 
_refine_ls_shell.R_factor_R_free                  0.390 
_refine_ls_shell.R_factor_R_free_error            ? 
_refine_ls_shell.R_factor_R_work                  0.342 
_refine_ls_shell.redundancy_reflns_all            ? 
_refine_ls_shell.redundancy_reflns_obs            ? 
_refine_ls_shell.wR_factor_all                    ? 
_refine_ls_shell.wR_factor_obs                    ? 
_refine_ls_shell.wR_factor_R_free                 ? 
_refine_ls_shell.wR_factor_R_work                 ? 
_refine_ls_shell.pdbx_total_number_of_bins_used   20 
_refine_ls_shell.pdbx_phase_error                 ? 
_refine_ls_shell.pdbx_fsc_work                    ? 
_refine_ls_shell.pdbx_fsc_free                    ? 
# 
_struct.entry_id                     6E5X 
_struct.title                        'Crystal structure of Ebola virus VP30 C-terminus/RBBP6 peptide complex' 
_struct.pdbx_model_details           ? 
_struct.pdbx_formula_weight          ? 
_struct.pdbx_formula_weight_method   ? 
_struct.pdbx_model_type_details      ? 
_struct.pdbx_CASP_flag               N 
# 
_struct_keywords.entry_id        6E5X 
_struct_keywords.text            'viral protein' 
_struct_keywords.pdbx_keywords   'VIRAL PROTEIN' 
# 
loop_
_struct_asym.id 
_struct_asym.pdbx_blank_PDB_chainid_flag 
_struct_asym.pdbx_modified 
_struct_asym.entity_id 
_struct_asym.details 
A N N 1 ? 
B N N 2 ? 
C N N 3 ? 
D N N 4 ? 
E N N 4 ? 
# 
loop_
_struct_conf.conf_type_id 
_struct_conf.id 
_struct_conf.pdbx_PDB_helix_id 
_struct_conf.beg_label_comp_id 
_struct_conf.beg_label_asym_id 
_struct_conf.beg_label_seq_id 
_struct_conf.pdbx_beg_PDB_ins_code 
_struct_conf.end_label_comp_id 
_struct_conf.end_label_asym_id 
_struct_conf.end_label_seq_id 
_struct_conf.pdbx_end_PDB_ins_code 
_struct_conf.beg_auth_comp_id 
_struct_conf.beg_auth_asym_id 
_struct_conf.beg_auth_seq_id 
_struct_conf.end_auth_comp_id 
_struct_conf.end_auth_asym_id 
_struct_conf.end_auth_seq_id 
_struct_conf.pdbx_PDB_helix_class 
_struct_conf.details 
_struct_conf.pdbx_PDB_helix_length 
HELX_P HELX_P1  AA1 THR A 4   ? ARG A 17  ? THR A 143 ARG A 156 1 ? 14 
HELX_P HELX_P2  AA2 GLN A 18  ? ILE A 23  ? GLN A 157 ILE A 162 5 ? 6  
HELX_P HELX_P3  AA3 GLU A 24  ? ARG A 40  ? GLU A 163 ARG A 179 1 ? 17 
HELX_P HELX_P4  AA4 LYS A 41  ? PHE A 42  ? LYS A 180 PHE A 181 5 ? 2  
HELX_P HELX_P5  AA5 SER A 43  ? SER A 45  ? SER A 182 SER A 184 5 ? 3  
HELX_P HELX_P6  AA6 GLN A 46  ? GLU A 58  ? GLN A 185 GLU A 197 1 ? 13 
HELX_P HELX_P7  AA7 GLY A 61  ? ASP A 63  ? GLY A 200 ASP A 202 5 ? 3  
HELX_P HELX_P8  AA8 GLN A 64  ? SER A 77  ? GLN A 203 SER A 216 1 ? 14 
HELX_P HELX_P9  AA9 GLY A 81  ? TRP A 91  ? GLY A 220 TRP A 230 1 ? 11 
HELX_P HELX_P10 AB1 ASP A 92  ? ALA A 107 ? ASP A 231 ALA A 246 1 ? 16 
HELX_P HELX_P11 AB2 SER A 115 ? THR A 124 ? SER A 254 THR A 263 1 ? 10 
# 
_struct_conf_type.id          HELX_P 
_struct_conf_type.criteria    ? 
_struct_conf_type.reference   ? 
# 
loop_
_struct_conn.id 
_struct_conn.conn_type_id 
_struct_conn.pdbx_leaving_atom_flag 
_struct_conn.pdbx_PDB_id 
_struct_conn.ptnr1_label_asym_id 
_struct_conn.ptnr1_label_comp_id 
_struct_conn.ptnr1_label_seq_id 
_struct_conn.ptnr1_label_atom_id 
_struct_conn.pdbx_ptnr1_label_alt_id 
_struct_conn.pdbx_ptnr1_PDB_ins_code 
_struct_conn.pdbx_ptnr1_standard_comp_id 
_struct_conn.ptnr1_symmetry 
_struct_conn.ptnr2_label_asym_id 
_struct_conn.ptnr2_label_comp_id 
_struct_conn.ptnr2_label_seq_id 
_struct_conn.ptnr2_label_atom_id 
_struct_conn.pdbx_ptnr2_label_alt_id 
_struct_conn.pdbx_ptnr2_PDB_ins_code 
_struct_conn.ptnr1_auth_asym_id 
_struct_conn.ptnr1_auth_comp_id 
_struct_conn.ptnr1_auth_seq_id 
_struct_conn.ptnr2_auth_asym_id 
_struct_conn.ptnr2_auth_comp_id 
_struct_conn.ptnr2_auth_seq_id 
_struct_conn.ptnr2_symmetry 
_struct_conn.pdbx_ptnr3_label_atom_id 
_struct_conn.pdbx_ptnr3_label_seq_id 
_struct_conn.pdbx_ptnr3_label_comp_id 
_struct_conn.pdbx_ptnr3_label_asym_id 
_struct_conn.pdbx_ptnr3_label_alt_id 
_struct_conn.pdbx_ptnr3_PDB_ins_code 
_struct_conn.details 
_struct_conn.pdbx_dist_value 
_struct_conn.pdbx_value_order 
_struct_conn.pdbx_role 
metalc1 metalc ? ? A ALA 16  O   ? ? ? 1_555 C CA  . CA ? ? A ALA 155 A CA  301 1_555 ? ? ? ? ? ? ? 2.320 ? ? 
metalc2 metalc ? ? A GLN 90  O   ? ? ? 1_555 C CA  . CA ? ? A GLN 229 A CA  301 6_555 ? ? ? ? ? ? ? 2.349 ? ? 
metalc3 metalc ? ? A ASN 105 OD1 ? ? ? 1_555 C CA  . CA ? ? A ASN 244 A CA  301 1_555 ? ? ? ? ? ? ? 2.327 ? ? 
metalc4 metalc ? ? C CA  .   CA  ? ? ? 1_555 D HOH . O  ? ? A CA  301 A HOH 473 1_555 ? ? ? ? ? ? ? 2.458 ? ? 
metalc5 metalc ? ? C CA  .   CA  ? ? ? 1_555 D HOH . O  ? ? A CA  301 A HOH 474 1_555 ? ? ? ? ? ? ? 2.378 ? ? 
metalc6 metalc ? ? C CA  .   CA  ? ? ? 1_555 D HOH . O  ? ? A CA  301 A HOH 484 1_555 ? ? ? ? ? ? ? 2.482 ? ? 
metalc7 metalc ? ? C CA  .   CA  ? ? ? 1_555 D HOH . O  ? ? A CA  301 A HOH 511 6_455 ? ? ? ? ? ? ? 2.445 ? ? 
# 
_struct_conn_type.id          metalc 
_struct_conn_type.criteria    ? 
_struct_conn_type.reference   ? 
# 
_struct_site.id                   AC1 
_struct_site.pdbx_evidence_code   Software 
_struct_site.pdbx_auth_asym_id    A 
_struct_site.pdbx_auth_comp_id    CA 
_struct_site.pdbx_auth_seq_id     301 
_struct_site.pdbx_auth_ins_code   ? 
_struct_site.pdbx_num_residues    7 
_struct_site.details              'binding site for residue CA A 301' 
# 
loop_
_struct_site_gen.id 
_struct_site_gen.site_id 
_struct_site_gen.pdbx_num_res 
_struct_site_gen.label_comp_id 
_struct_site_gen.label_asym_id 
_struct_site_gen.label_seq_id 
_struct_site_gen.pdbx_auth_ins_code 
_struct_site_gen.auth_comp_id 
_struct_site_gen.auth_asym_id 
_struct_site_gen.auth_seq_id 
_struct_site_gen.label_atom_id 
_struct_site_gen.label_alt_id 
_struct_site_gen.symmetry 
_struct_site_gen.details 
1 AC1 7 ALA A 16  ? ALA A 155 . ? 1_555 ? 
2 AC1 7 GLN A 90  ? GLN A 229 . ? 6_455 ? 
3 AC1 7 ASN A 105 ? ASN A 244 . ? 1_555 ? 
4 AC1 7 HOH D .   ? HOH A 473 . ? 1_555 ? 
5 AC1 7 HOH D .   ? HOH A 474 . ? 1_555 ? 
6 AC1 7 HOH D .   ? HOH A 484 . ? 1_555 ? 
7 AC1 7 HOH D .   ? HOH A 511 . ? 6_455 ? 
# 
_atom_sites.entry_id                    6E5X 
_atom_sites.fract_transf_matrix[1][1]   0.01033270 
_atom_sites.fract_transf_matrix[1][2]   0.00887269 
_atom_sites.fract_transf_matrix[1][3]   -0.01718824 
_atom_sites.fract_transf_matrix[2][1]   -0.01447382 
_atom_sites.fract_transf_matrix[2][2]   -0.00938114 
_atom_sites.fract_transf_matrix[2][3]   -0.01354355 
_atom_sites.fract_transf_matrix[3][1]   -0.00368703 
_atom_sites.fract_transf_matrix[3][2]   0.00509296 
_atom_sites.fract_transf_matrix[3][3]   0.00041257 
_atom_sites.fract_transf_vector[1]      0.016332 
_atom_sites.fract_transf_vector[2]      0.111530 
_atom_sites.fract_transf_vector[3]      0.173259 
# 
loop_
_atom_type.symbol 
C  
CA 
N  
O  
S  
# 
loop_
_atom_site.group_PDB 
_atom_site.id 
_atom_site.type_symbol 
_atom_site.label_atom_id 
_atom_site.label_alt_id 
_atom_site.label_comp_id 
_atom_site.label_asym_id 
_atom_site.label_entity_id 
_atom_site.label_seq_id 
_atom_site.pdbx_PDB_ins_code 
_atom_site.Cartn_x 
_atom_site.Cartn_y 
_atom_site.Cartn_z 
_atom_site.occupancy 
_atom_site.B_iso_or_equiv 
_atom_site.pdbx_formal_charge 
_atom_site.auth_seq_id 
_atom_site.auth_comp_id 
_atom_site.auth_asym_id 
_atom_site.auth_atom_id 
_atom_site.pdbx_PDB_model_num 
ATOM   1    N  N   . PRO A 1 1   ? -20.682 8.017   -8.185  1.00 93.65  ? 140 PRO A N   1 
ATOM   2    C  CA  . PRO A 1 1   ? -19.855 7.551   -7.076  1.00 86.64  ? 140 PRO A CA  1 
ATOM   3    C  C   . PRO A 1 1   ? -18.679 8.497   -6.791  1.00 73.90  ? 140 PRO A C   1 
ATOM   4    O  O   . PRO A 1 1   ? -17.653 8.431   -7.467  1.00 72.08  ? 140 PRO A O   1 
ATOM   5    C  CB  . PRO A 1 1   ? -19.344 6.186   -7.554  1.00 94.65  ? 140 PRO A CB  1 
ATOM   6    C  CG  . PRO A 1 1   ? -19.178 6.379   -9.040  1.00 96.93  ? 140 PRO A CG  1 
ATOM   7    C  CD  . PRO A 1 1   ? -20.276 7.349   -9.430  1.00 94.51  ? 140 PRO A CD  1 
ATOM   8    N  N   . LYS A 1 2   ? -18.851 9.369   -5.792  1.00 62.09  ? 141 LYS A N   1 
ATOM   9    C  CA  . LYS A 1 2   ? -17.821 10.320  -5.387  1.00 58.83  ? 141 LYS A CA  1 
ATOM   10   C  C   . LYS A 1 2   ? -16.812 9.604   -4.480  1.00 42.21  ? 141 LYS A C   1 
ATOM   11   O  O   . LYS A 1 2   ? -17.186 8.752   -3.675  1.00 41.09  ? 141 LYS A O   1 
ATOM   12   C  CB  . LYS A 1 2   ? -18.454 11.528  -4.691  1.00 61.32  ? 141 LYS A CB  1 
ATOM   13   C  CG  . LYS A 1 2   ? -19.375 11.196  -3.526  1.00 64.18  ? 141 LYS A CG  1 
ATOM   14   C  CD  . LYS A 1 2   ? -20.109 12.399  -2.972  1.00 66.61  ? 141 LYS A CD  1 
ATOM   15   C  CE  . LYS A 1 2   ? -20.994 12.058  -1.792  1.00 59.33  ? 141 LYS A CE  1 
ATOM   16   N  NZ  . LYS A 1 2   ? -21.794 13.226  -1.352  1.00 73.77  ? 141 LYS A NZ  1 
ATOM   17   N  N   . ILE A 1 3   ? -15.534 9.967   -4.629  1.00 35.25  ? 142 ILE A N   1 
ATOM   18   C  CA  . ILE A 1 3   ? -14.435 9.313   -3.930  1.00 35.33  ? 142 ILE A CA  1 
ATOM   19   C  C   . ILE A 1 3   ? -14.294 9.916   -2.528  1.00 26.93  ? 142 ILE A C   1 
ATOM   20   O  O   . ILE A 1 3   ? -13.332 10.629  -2.237  1.00 31.37  ? 142 ILE A O   1 
ATOM   21   C  CB  . ILE A 1 3   ? -13.127 9.427   -4.739  1.00 42.56  ? 142 ILE A CB  1 
ATOM   22   C  CG1 . ILE A 1 3   ? -13.315 8.968   -6.186  1.00 47.96  ? 142 ILE A CG1 1 
ATOM   23   C  CG2 . ILE A 1 3   ? -12.002 8.672   -4.048  1.00 44.38  ? 142 ILE A CG2 1 
ATOM   24   C  CD1 . ILE A 1 3   ? -13.874 7.570   -6.320  1.00 51.01  ? 142 ILE A CD1 1 
ATOM   25   N  N   . THR A 1 4   ? -15.277 9.619   -1.676  1.00 26.40  ? 143 THR A N   1 
ATOM   26   C  CA  . THR A 1 4   ? -15.217 9.925   -0.258  1.00 27.39  ? 143 THR A CA  1 
ATOM   27   C  C   . THR A 1 4   ? -14.303 8.905   0.425   1.00 29.05  ? 143 THR A C   1 
ATOM   28   O  O   . THR A 1 4   ? -13.932 7.896   -0.174  1.00 25.60  ? 143 THR A O   1 
ATOM   29   C  CB  . THR A 1 4   ? -16.614 9.900   0.371   1.00 29.00  ? 143 THR A CB  1 
ATOM   30   O  OG1 . THR A 1 4   ? -17.103 8.561   0.274   1.00 31.53  ? 143 THR A OG1 1 
ATOM   31   C  CG2 . THR A 1 4   ? -17.582 10.855  -0.292  1.00 31.65  ? 143 THR A CG2 1 
ATOM   32   N  N   . LEU A 1 5   ? -13.955 9.178   1.685   1.00 29.65  ? 144 LEU A N   1 
ATOM   33   C  CA  . LEU A 1 5   ? -13.172 8.253   2.495   1.00 29.09  ? 144 LEU A CA  1 
ATOM   34   C  C   . LEU A 1 5   ? -13.879 6.891   2.544   1.00 28.04  ? 144 LEU A C   1 
ATOM   35   O  O   . LEU A 1 5   ? -13.249 5.848   2.361   1.00 28.04  ? 144 LEU A O   1 
ATOM   36   C  CB  . LEU A 1 5   ? -13.008 8.837   3.900   1.00 30.24  ? 144 LEU A CB  1 
ATOM   37   C  CG  . LEU A 1 5   ? -12.222 10.142  3.981   1.00 34.46  ? 144 LEU A CG  1 
ATOM   38   C  CD1 . LEU A 1 5   ? -12.339 10.764  5.365   1.00 40.35  ? 144 LEU A CD1 1 
ATOM   39   C  CD2 . LEU A 1 5   ? -10.763 9.917   3.616   1.00 39.38  ? 144 LEU A CD2 1 
ATOM   40   N  N   . LEU A 1 6   ? -15.191 6.910   2.798   1.00 28.55  ? 145 LEU A N   1 
ATOM   41   C  CA  . LEU A 1 6   ? -15.957 5.682   2.986   1.00 30.74  ? 145 LEU A CA  1 
ATOM   42   C  C   . LEU A 1 6   ? -16.012 4.891   1.672   1.00 29.63  ? 145 LEU A C   1 
ATOM   43   O  O   . LEU A 1 6   ? -15.920 3.664   1.682   1.00 30.32  ? 145 LEU A O   1 
ATOM   44   C  CB  . LEU A 1 6   ? -17.365 6.015   3.489   1.00 35.71  ? 145 LEU A CB  1 
ATOM   45   C  CG  . LEU A 1 6   ? -18.239 4.803   3.809   1.00 37.76  ? 145 LEU A CG  1 
ATOM   46   C  CD1 . LEU A 1 6   ? -17.474 3.774   4.630   1.00 42.93  ? 145 LEU A CD1 1 
ATOM   47   C  CD2 . LEU A 1 6   ? -19.509 5.222   4.531   1.00 46.22  ? 145 LEU A CD2 1 
ATOM   48   N  N   . THR A 1 7   ? -16.168 5.597   0.546   1.00 27.94  ? 146 THR A N   1 
ATOM   49   C  CA  . THR A 1 7   ? -16.217 4.943   -0.760  1.00 29.37  ? 146 THR A CA  1 
ATOM   50   C  C   . THR A 1 7   ? -14.863 4.278   -1.035  1.00 26.15  ? 146 THR A C   1 
ATOM   51   O  O   . THR A 1 7   ? -14.807 3.166   -1.556  1.00 25.60  ? 146 THR A O   1 
ATOM   52   C  CB  . THR A 1 7   ? -16.608 5.923   -1.872  1.00 29.93  ? 146 THR A CB  1 
ATOM   53   O  OG1 . THR A 1 7   ? -18.007 6.185   -1.744  1.00 33.43  ? 146 THR A OG1 1 
ATOM   54   C  CG2 . THR A 1 7   ? -16.317 5.389   -3.257  1.00 29.99  ? 146 THR A CG2 1 
ATOM   55   N  N   . LEU A 1 8   ? -13.783 4.970   -0.664  1.00 25.31  ? 147 LEU A N   1 
ATOM   56   C  CA  . LEU A 1 8   ? -12.429 4.451   -0.807  1.00 24.37  ? 147 LEU A CA  1 
ATOM   57   C  C   . LEU A 1 8   ? -12.299 3.144   -0.015  1.00 23.76  ? 147 LEU A C   1 
ATOM   58   O  O   . LEU A 1 8   ? -11.770 2.154   -0.517  1.00 24.21  ? 147 LEU A O   1 
ATOM   59   C  CB  . LEU A 1 8   ? -11.433 5.502   -0.306  1.00 27.32  ? 147 LEU A CB  1 
ATOM   60   C  CG  . LEU A 1 8   ? -9.980  5.281   -0.722  1.00 40.13  ? 147 LEU A CG  1 
ATOM   61   C  CD1 . LEU A 1 8   ? -9.815  5.468   -2.224  1.00 38.41  ? 147 LEU A CD1 1 
ATOM   62   C  CD2 . LEU A 1 8   ? -9.053  6.216   0.038   1.00 45.26  ? 147 LEU A CD2 1 
ATOM   63   N  N   . ILE A 1 9   ? -12.794 3.153   1.225   1.00 23.30  ? 148 ILE A N   1 
ATOM   64   C  CA  . ILE A 1 9   ? -12.689 1.999   2.112   1.00 24.59  ? 148 ILE A CA  1 
ATOM   65   C  C   . ILE A 1 9   ? -13.510 0.836   1.542   1.00 25.39  ? 148 ILE A C   1 
ATOM   66   O  O   . ILE A 1 9   ? -13.052 -0.304  1.531   1.00 26.39  ? 148 ILE A O   1 
ATOM   67   C  CB  . ILE A 1 9   ? -13.130 2.359   3.545   1.00 28.27  ? 148 ILE A CB  1 
ATOM   68   C  CG1 . ILE A 1 9   ? -12.133 3.309   4.211   1.00 30.69  ? 148 ILE A CG1 1 
ATOM   69   C  CG2 . ILE A 1 9   ? -13.353 1.101   4.371   1.00 31.18  ? 148 ILE A CG2 1 
ATOM   70   C  CD1 . ILE A 1 9   ? -12.628 3.907   5.506   1.00 42.54  ? 148 ILE A CD1 1 
ATOM   71   N  N   . LYS A 1 10  ? -14.724 1.135   1.069   1.00 25.36  ? 149 LYS A N   1 
ATOM   72   C  CA  . LYS A 1 10  ? -15.619 0.113   0.545   1.00 27.80  ? 149 LYS A CA  1 
ATOM   73   C  C   . LYS A 1 10  ? -15.002 -0.504  -0.716  1.00 25.72  ? 149 LYS A C   1 
ATOM   74   O  O   . LYS A 1 10  ? -15.098 -1.711  -0.930  1.00 27.22  ? 149 LYS A O   1 
ATOM   75   C  CB  . LYS A 1 10  ? -17.007 0.700   0.279   1.00 30.66  ? 149 LYS A CB  1 
ATOM   76   C  CG  . LYS A 1 10  ? -17.849 0.935   1.526   1.00 35.65  ? 149 LYS A CG  1 
ATOM   77   C  CD  . LYS A 1 10  ? -19.255 1.417   1.230   1.00 44.17  ? 149 LYS A CD  1 
ATOM   78   C  CE  . LYS A 1 10  ? -20.088 1.615   2.479   1.00 59.15  ? 149 LYS A CE  1 
ATOM   79   N  NZ  . LYS A 1 10  ? -20.219 0.358   3.255   1.00 63.32  ? 149 LYS A NZ  1 
ATOM   80   N  N   . THR A 1 11  ? -14.361 0.334   -1.535  1.00 23.66  ? 150 THR A N   1 
ATOM   81   C  CA  . THR A 1 11  ? -13.703 -0.113  -2.755  1.00 23.98  ? 150 THR A CA  1 
ATOM   82   C  C   . THR A 1 11  ? -12.543 -1.044  -2.389  1.00 23.02  ? 150 THR A C   1 
ATOM   83   O  O   . THR A 1 11  ? -12.409 -2.131  -2.951  1.00 23.41  ? 150 THR A O   1 
ATOM   84   C  CB  . THR A 1 11  ? -13.244 1.080   -3.601  1.00 24.69  ? 150 THR A CB  1 
ATOM   85   O  OG1 . THR A 1 11  ? -14.399 1.871   -3.887  1.00 26.40  ? 150 THR A OG1 1 
ATOM   86   C  CG2 . THR A 1 11  ? -12.571 0.668   -4.892  1.00 23.76  ? 150 THR A CG2 1 
ATOM   87   N  N   . ALA A 1 12  ? -11.722 -0.606  -1.428  1.00 23.89  ? 151 ALA A N   1 
ATOM   88   C  CA  . ALA A 1 12  ? -10.585 -1.385  -0.934  1.00 22.02  ? 151 ALA A CA  1 
ATOM   89   C  C   . ALA A 1 12  ? -11.063 -2.735  -0.385  1.00 23.61  ? 151 ALA A C   1 
ATOM   90   O  O   . ALA A 1 12  ? -10.452 -3.767  -0.653  1.00 24.79  ? 151 ALA A O   1 
ATOM   91   C  CB  . ALA A 1 12  ? -9.842  -0.600  0.117   1.00 22.20  ? 151 ALA A CB  1 
ATOM   92   N  N   . GLU A 1 13  ? -12.153 -2.713  0.389   1.00 25.33  ? 152 GLU A N   1 
ATOM   93   C  CA  . GLU A 1 13  ? -12.698 -3.917  1.012   1.00 24.95  ? 152 GLU A CA  1 
ATOM   94   C  C   . GLU A 1 13  ? -13.133 -4.904  -0.075  1.00 25.96  ? 152 GLU A C   1 
ATOM   95   O  O   . GLU A 1 13  ? -12.904 -6.103  0.046   1.00 27.26  ? 152 GLU A O   1 
ATOM   96   C  CB  . GLU A 1 13  ? -13.888 -3.580  1.915   1.00 29.99  ? 152 GLU A CB  1 
ATOM   97   C  CG  . GLU A 1 13  ? -13.493 -2.973  3.247   1.00 33.93  ? 152 GLU A CG  1 
ATOM   98   C  CD  . GLU A 1 13  ? -14.671 -2.614  4.138   1.00 41.94  ? 152 GLU A CD  1 
ATOM   99   O  OE1 . GLU A 1 13  ? -15.776 -2.405  3.599   1.00 45.06  ? 152 GLU A OE1 1 
ATOM   100  O  OE2 . GLU A 1 13  ? -14.480 -2.543  5.365   1.00 40.22  ? 152 GLU A OE2 1 
ATOM   101  N  N   . HIS A 1 14  ? -13.775 -4.385  -1.125  1.00 23.83  ? 153 HIS A N   1 
ATOM   102  C  CA  . HIS A 1 14  ? -14.265 -5.216  -2.214  1.00 25.59  ? 153 HIS A CA  1 
ATOM   103  C  C   . HIS A 1 14  ? -13.087 -5.927  -2.893  1.00 25.66  ? 153 HIS A C   1 
ATOM   104  O  O   . HIS A 1 14  ? -13.112 -7.140  -3.098  1.00 26.99  ? 153 HIS A O   1 
ATOM   105  C  CB  . HIS A 1 14  ? -15.070 -4.391  -3.223  1.00 25.52  ? 153 HIS A CB  1 
ATOM   106  C  CG  . HIS A 1 14  ? -15.414 -5.166  -4.451  1.00 30.59  ? 153 HIS A CG  1 
ATOM   107  N  ND1 . HIS A 1 14  ? -16.497 -6.022  -4.502  1.00 33.88  ? 153 HIS A ND1 1 
ATOM   108  C  CD2 . HIS A 1 14  ? -14.805 -5.251  -5.654  1.00 31.88  ? 153 HIS A CD2 1 
ATOM   109  C  CE1 . HIS A 1 14  ? -16.552 -6.588  -5.692  1.00 33.63  ? 153 HIS A CE1 1 
ATOM   110  N  NE2 . HIS A 1 14  ? -15.525 -6.132  -6.419  1.00 32.35  ? 153 HIS A NE2 1 
ATOM   111  N  N   . TRP A 1 15  ? -12.051 -5.154  -3.230  1.00 23.15  ? 154 TRP A N   1 
ATOM   112  C  CA  . TRP A 1 15  ? -10.944 -5.666  -4.017  1.00 24.06  ? 154 TRP A CA  1 
ATOM   113  C  C   . TRP A 1 15  ? -10.008 -6.516  -3.152  1.00 22.99  ? 154 TRP A C   1 
ATOM   114  O  O   . TRP A 1 15  ? -9.364  -7.432  -3.662  1.00 21.93  ? 154 TRP A O   1 
ATOM   115  C  CB  . TRP A 1 15  ? -10.221 -4.523  -4.735  1.00 24.33  ? 154 TRP A CB  1 
ATOM   116  C  CG  . TRP A 1 15  ? -11.000 -4.091  -5.935  1.00 24.46  ? 154 TRP A CG  1 
ATOM   117  C  CD1 . TRP A 1 15  ? -11.800 -2.991  -6.051  1.00 24.50  ? 154 TRP A CD1 1 
ATOM   118  C  CD2 . TRP A 1 15  ? -11.140 -4.822  -7.164  1.00 25.76  ? 154 TRP A CD2 1 
ATOM   119  N  NE1 . TRP A 1 15  ? -12.394 -2.967  -7.285  1.00 28.98  ? 154 TRP A NE1 1 
ATOM   120  C  CE2 . TRP A 1 15  ? -12.008 -4.078  -7.988  1.00 27.62  ? 154 TRP A CE2 1 
ATOM   121  C  CE3 . TRP A 1 15  ? -10.603 -6.018  -7.652  1.00 28.82  ? 154 TRP A CE3 1 
ATOM   122  C  CZ2 . TRP A 1 15  ? -12.343 -4.491  -9.277  1.00 28.99  ? 154 TRP A CZ2 1 
ATOM   123  C  CZ3 . TRP A 1 15  ? -10.936 -6.428  -8.923  1.00 30.66  ? 154 TRP A CZ3 1 
ATOM   124  C  CH2 . TRP A 1 15  ? -11.796 -5.672  -9.722  1.00 30.95  ? 154 TRP A CH2 1 
ATOM   125  N  N   . ALA A 1 16  ? -9.969  -6.235  -1.845  1.00 22.99  ? 155 ALA A N   1 
ATOM   126  C  CA  . ALA A 1 16  ? -9.203  -7.054  -0.913  1.00 22.44  ? 155 ALA A CA  1 
ATOM   127  C  C   . ALA A 1 16  ? -9.738  -8.491  -0.938  1.00 21.56  ? 155 ALA A C   1 
ATOM   128  O  O   . ALA A 1 16  ? -8.996  -9.438  -0.720  1.00 22.73  ? 155 ALA A O   1 
ATOM   129  C  CB  . ALA A 1 16  ? -9.263  -6.471  0.479   1.00 23.08  ? 155 ALA A CB  1 
ATOM   130  N  N   . ARG A 1 17  ? -11.036 -8.636  -1.218  1.00 24.23  ? 156 ARG A N   1 
ATOM   131  C  CA  . ARG A 1 17  ? -11.705 -9.930  -1.155  1.00 24.53  ? 156 ARG A CA  1 
ATOM   132  C  C   . ARG A 1 17  ? -11.610 -10.642 -2.509  1.00 25.49  ? 156 ARG A C   1 
ATOM   133  O  O   . ARG A 1 17  ? -11.976 -11.807 -2.618  1.00 27.49  ? 156 ARG A O   1 
ATOM   134  C  CB  . ARG A 1 17  ? -13.163 -9.756  -0.719  1.00 25.92  ? 156 ARG A CB  1 
ATOM   135  C  CG  . ARG A 1 17  ? -13.333 -9.501  0.773   1.00 28.59  ? 156 ARG A CG  1 
ATOM   136  C  CD  . ARG A 1 17  ? -14.771 -9.202  1.150   1.00 31.69  ? 156 ARG A CD  1 
ATOM   137  N  NE  . ARG A 1 17  ? -15.688 -10.221 0.661   1.00 30.07  ? 156 ARG A NE  1 
ATOM   138  C  CZ  . ARG A 1 17  ? -15.828 -11.428 1.198   1.00 29.82  ? 156 ARG A CZ  1 
ATOM   139  N  NH1 . ARG A 1 17  ? -15.098 -11.777 2.243   1.00 29.20  ? 156 ARG A NH1 1 
ATOM   140  N  NH2 . ARG A 1 17  ? -16.689 -12.284 0.678   1.00 30.13  ? 156 ARG A NH2 1 
ATOM   141  N  N   . GLN A 1 18  ? -11.119 -9.936  -3.533  1.00 25.61  ? 157 GLN A N   1 
ATOM   142  C  CA  . GLN A 1 18  ? -10.946 -10.521 -4.860  1.00 26.50  ? 157 GLN A CA  1 
ATOM   143  C  C   . GLN A 1 18  ? -9.571  -11.193 -4.944  1.00 24.79  ? 157 GLN A C   1 
ATOM   144  O  O   . GLN A 1 18  ? -8.624  -10.761 -4.295  1.00 24.56  ? 157 GLN A O   1 
ATOM   145  C  CB  . GLN A 1 18  ? -11.053 -9.462  -5.960  1.00 26.15  ? 157 GLN A CB  1 
ATOM   146  C  CG  . GLN A 1 18  ? -12.366 -8.695  -5.957  1.00 29.14  ? 157 GLN A CG  1 
ATOM   147  C  CD  . GLN A 1 18  ? -13.564 -9.612  -5.972  1.00 41.88  ? 157 GLN A CD  1 
ATOM   148  O  OE1 . GLN A 1 18  ? -13.684 -10.490 -6.824  1.00 42.54  ? 157 GLN A OE1 1 
ATOM   149  N  NE2 . GLN A 1 18  ? -14.465 -9.407  -5.024  1.00 50.71  ? 157 GLN A NE2 1 
ATOM   150  N  N   . ASP A 1 19  ? -9.488  -12.248 -5.759  1.00 23.37  ? 158 ASP A N   1 
ATOM   151  C  CA  . ASP A 1 19  ? -8.230  -12.845 -6.177  1.00 23.58  ? 158 ASP A CA  1 
ATOM   152  C  C   . ASP A 1 19  ? -7.858  -12.207 -7.520  1.00 24.87  ? 158 ASP A C   1 
ATOM   153  O  O   . ASP A 1 19  ? -8.458  -12.532 -8.537  1.00 27.77  ? 158 ASP A O   1 
ATOM   154  C  CB  . ASP A 1 19  ? -8.354  -14.367 -6.283  1.00 24.76  ? 158 ASP A CB  1 
ATOM   155  C  CG  . ASP A 1 19  ? -7.055  -15.086 -6.606  1.00 24.13  ? 158 ASP A CG  1 
ATOM   156  O  OD1 . ASP A 1 19  ? -6.128  -14.429 -7.125  1.00 25.38  ? 158 ASP A OD1 1 
ATOM   157  O  OD2 . ASP A 1 19  ? -6.977  -16.301 -6.335  1.00 25.93  ? 158 ASP A OD2 1 
ATOM   158  N  N   . ILE A 1 20  ? -6.902  -11.273 -7.506  1.00 23.85  ? 159 ILE A N   1 
ATOM   159  C  CA  . ILE A 1 20  ? -6.673  -10.402 -8.668  1.00 23.18  ? 159 ILE A CA  1 
ATOM   160  C  C   . ILE A 1 20  ? -5.591  -10.987 -9.584  1.00 26.26  ? 159 ILE A C   1 
ATOM   161  O  O   . ILE A 1 20  ? -5.103  -10.299 -10.479 1.00 26.72  ? 159 ILE A O   1 
ATOM   162  C  CB  . ILE A 1 20  ? -6.313  -8.969  -8.225  1.00 22.48  ? 159 ILE A CB  1 
ATOM   163  C  CG1 . ILE A 1 20  ? -4.928  -8.899  -7.580  1.00 23.91  ? 159 ILE A CG1 1 
ATOM   164  C  CG2 . ILE A 1 20  ? -7.395  -8.398  -7.320  1.00 23.71  ? 159 ILE A CG2 1 
ATOM   165  C  CD1 . ILE A 1 20  ? -4.450  -7.493  -7.301  1.00 23.95  ? 159 ILE A CD1 1 
ATOM   166  N  N   . ARG A 1 21  ? -5.232  -12.255 -9.383  1.00 24.52  ? 160 ARG A N   1 
ATOM   167  C  CA  . ARG A 1 21  ? -4.098  -12.837 -10.098 1.00 26.71  ? 160 ARG A CA  1 
ATOM   168  C  C   . ARG A 1 21  ? -4.374  -12.905 -11.608 1.00 26.79  ? 160 ARG A C   1 
ATOM   169  O  O   . ARG A 1 21  ? -3.427  -12.973 -12.393 1.00 29.37  ? 160 ARG A O   1 
ATOM   170  C  CB  . ARG A 1 21  ? -3.738  -14.204 -9.511  1.00 26.41  ? 160 ARG A CB  1 
ATOM   171  C  CG  . ARG A 1 21  ? -2.965  -14.112 -8.204  1.00 26.36  ? 160 ARG A CG  1 
ATOM   172  C  CD  . ARG A 1 21  ? -2.600  -15.466 -7.635  1.00 28.46  ? 160 ARG A CD  1 
ATOM   173  N  NE  . ARG A 1 21  ? -3.781  -16.209 -7.225  1.00 28.95  ? 160 ARG A NE  1 
ATOM   174  C  CZ  . ARG A 1 21  ? -3.811  -17.522 -7.034  1.00 28.92  ? 160 ARG A CZ  1 
ATOM   175  N  NH1 . ARG A 1 21  ? -2.717  -18.241 -7.228  1.00 28.75  ? 160 ARG A NH1 1 
ATOM   176  N  NH2 . ARG A 1 21  ? -4.933  -18.107 -6.657  1.00 27.81  ? 160 ARG A NH2 1 
ATOM   177  N  N   . THR A 1 22  ? -5.647  -12.875 -12.021 1.00 28.99  ? 161 THR A N   1 
ATOM   178  C  CA  . THR A 1 22  ? -5.985  -12.959 -13.452 1.00 31.58  ? 161 THR A CA  1 
ATOM   179  C  C   . THR A 1 22  ? -6.678  -11.675 -13.928 1.00 34.34  ? 161 THR A C   1 
ATOM   180  O  O   . THR A 1 22  ? -7.305  -11.663 -14.984 1.00 36.78  ? 161 THR A O   1 
ATOM   181  C  CB  . THR A 1 22  ? -6.848  -14.192 -13.756 1.00 36.80  ? 161 THR A CB  1 
ATOM   182  O  OG1 . THR A 1 22  ? -8.111  -14.051 -13.106 1.00 37.97  ? 161 THR A OG1 1 
ATOM   183  C  CG2 . THR A 1 22  ? -6.196  -15.486 -13.323 1.00 40.48  ? 161 THR A CG2 1 
ATOM   184  N  N   . ILE A 1 23  ? -6.529  -10.591 -13.159 1.00 30.48  ? 162 ILE A N   1 
ATOM   185  C  CA  . ILE A 1 23  ? -7.207  -9.322  -13.430 1.00 28.47  ? 162 ILE A CA  1 
ATOM   186  C  C   . ILE A 1 23  ? -6.660  -8.707  -14.726 1.00 25.57  ? 162 ILE A C   1 
ATOM   187  O  O   . ILE A 1 23  ? -5.497  -8.889  -15.066 1.00 30.35  ? 162 ILE A O   1 
ATOM   188  C  CB  . ILE A 1 23  ? -7.026  -8.357  -12.242 1.00 30.79  ? 162 ILE A CB  1 
ATOM   189  C  CG1 . ILE A 1 23  ? -7.993  -7.173  -12.315 1.00 37.90  ? 162 ILE A CG1 1 
ATOM   190  C  CG2 . ILE A 1 23  ? -5.580  -7.899  -12.139 1.00 33.48  ? 162 ILE A CG2 1 
ATOM   191  C  CD1 . ILE A 1 23  ? -7.823  -6.180  -11.186 1.00 41.54  ? 162 ILE A CD1 1 
ATOM   192  N  N   . GLU A 1 24  ? -7.515  -7.947  -15.417 1.00 28.00  ? 163 GLU A N   1 
ATOM   193  C  CA  . GLU A 1 24  ? -7.120  -7.168  -16.594 1.00 32.23  ? 163 GLU A CA  1 
ATOM   194  C  C   . GLU A 1 24  ? -6.136  -6.073  -16.164 1.00 31.49  ? 163 GLU A C   1 
ATOM   195  O  O   . GLU A 1 24  ? -6.299  -5.472  -15.103 1.00 28.22  ? 163 GLU A O   1 
ATOM   196  C  CB  . GLU A 1 24  ? -8.348  -6.541  -17.256 1.00 42.48  ? 163 GLU A CB  1 
ATOM   197  C  CG  . GLU A 1 24  ? -9.474  -7.526  -17.509 1.00 61.35  ? 163 GLU A CG  1 
ATOM   198  C  CD  . GLU A 1 24  ? -10.830 -6.880  -17.733 1.00 74.35  ? 163 GLU A CD  1 
ATOM   199  O  OE1 . GLU A 1 24  ? -10.889 -5.635  -17.776 1.00 83.08  ? 163 GLU A OE1 1 
ATOM   200  O  OE2 . GLU A 1 24  ? -11.824 -7.623  -17.859 1.00 93.09  ? 163 GLU A OE2 1 
ATOM   201  N  N   . ASP A 1 25  ? -5.128  -5.814  -17.003 1.00 27.99  ? 164 ASP A N   1 
ATOM   202  C  CA  . ASP A 1 25  ? -4.059  -4.868  -16.680 1.00 28.45  ? 164 ASP A CA  1 
ATOM   203  C  C   . ASP A 1 25  ? -4.647  -3.484  -16.381 1.00 28.86  ? 164 ASP A C   1 
ATOM   204  O  O   . ASP A 1 25  ? -4.131  -2.763  -15.532 1.00 28.30  ? 164 ASP A O   1 
ATOM   205  C  CB  . ASP A 1 25  ? -3.019  -4.799  -17.799 1.00 32.60  ? 164 ASP A CB  1 
ATOM   206  C  CG  . ASP A 1 25  ? -2.095  -6.004  -17.827 1.00 38.61  ? 164 ASP A CG  1 
ATOM   207  O  OD1 . ASP A 1 25  ? -1.382  -6.221  -16.823 1.00 35.18  ? 164 ASP A OD1 1 
ATOM   208  O  OD2 . ASP A 1 25  ? -2.116  -6.727  -18.840 1.00 41.17  ? 164 ASP A OD2 1 
ATOM   209  N  N   . SER A 1 26  ? -5.716  -3.116  -17.093 1.00 31.61  ? 165 SER A N   1 
ATOM   210  C  CA  . SER A 1 26  ? -6.340  -1.803  -16.932 1.00 32.17  ? 165 SER A CA  1 
ATOM   211  C  C   . SER A 1 26  ? -6.892  -1.652  -15.508 1.00 32.51  ? 165 SER A C   1 
ATOM   212  O  O   . SER A 1 26  ? -6.805  -0.579  -14.912 1.00 30.92  ? 165 SER A O   1 
ATOM   213  C  CB  . SER A 1 26  ? -7.413  -1.580  -17.965 1.00 36.99  ? 165 SER A CB  1 
ATOM   214  O  OG  . SER A 1 26  ? -8.432  -2.560  -17.852 1.00 43.42  ? 165 SER A OG  1 
ATOM   215  N  N   . LYS A 1 27  ? -7.469  -2.735  -14.976 1.00 31.53  ? 166 LYS A N   1 
ATOM   216  C  CA  . LYS A 1 27  ? -8.031  -2.736  -13.626 1.00 30.66  ? 166 LYS A CA  1 
ATOM   217  C  C   . LYS A 1 27  ? -6.896  -2.757  -12.597 1.00 28.07  ? 166 LYS A C   1 
ATOM   218  O  O   . LYS A 1 27  ? -6.977  -2.100  -11.555 1.00 26.21  ? 166 LYS A O   1 
ATOM   219  C  CB  . LYS A 1 27  ? -8.976  -3.925  -13.428 1.00 31.97  ? 166 LYS A CB  1 
ATOM   220  C  CG  . LYS A 1 27  ? -10.437 -3.647  -13.756 1.00 43.80  ? 166 LYS A CG  1 
ATOM   221  C  CD  . LYS A 1 27  ? -11.371 -4.769  -13.359 1.00 52.63  ? 166 LYS A CD  1 
ATOM   222  C  CE  . LYS A 1 27  ? -12.804 -4.316  -13.184 1.00 57.77  ? 166 LYS A CE  1 
ATOM   223  N  NZ  . LYS A 1 27  ? -13.310 -3.618  -14.390 1.00 62.21  ? 166 LYS A NZ  1 
ATOM   224  N  N   . LEU A 1 28  ? -5.830  -3.506  -12.901 1.00 23.19  ? 167 LEU A N   1 
ATOM   225  C  CA  . LEU A 1 28  ? -4.663  -3.562  -12.029 1.00 24.62  ? 167 LEU A CA  1 
ATOM   226  C  C   . LEU A 1 28  ? -4.045  -2.165  -11.907 1.00 24.96  ? 167 LEU A C   1 
ATOM   227  O  O   . LEU A 1 28  ? -3.591  -1.772  -10.835 1.00 22.07  ? 167 LEU A O   1 
ATOM   228  C  CB  . LEU A 1 28  ? -3.643  -4.562  -12.578 1.00 23.72  ? 167 LEU A CB  1 
ATOM   229  C  CG  . LEU A 1 28  ? -2.461  -4.853  -11.657 1.00 23.48  ? 167 LEU A CG  1 
ATOM   230  C  CD1 . LEU A 1 28  ? -2.936  -5.456  -10.343 1.00 22.49  ? 167 LEU A CD1 1 
ATOM   231  C  CD2 . LEU A 1 28  ? -1.457  -5.778  -12.331 1.00 25.59  ? 167 LEU A CD2 1 
ATOM   232  N  N   . ARG A 1 29  ? -4.020  -1.424  -13.019 1.00 24.64  ? 168 ARG A N   1 
ATOM   233  C  CA  . ARG A 1 29  ? -3.465  -0.075  -13.029 1.00 24.16  ? 168 ARG A CA  1 
ATOM   234  C  C   . ARG A 1 29  ? -4.257  0.811   -12.059 1.00 22.88  ? 168 ARG A C   1 
ATOM   235  O  O   . ARG A 1 29  ? -3.679  1.584   -11.302 1.00 21.89  ? 168 ARG A O   1 
ATOM   236  C  CB  . ARG A 1 29  ? -3.486  0.512   -14.445 1.00 25.37  ? 168 ARG A CB  1 
ATOM   237  C  CG  . ARG A 1 29  ? -2.948  1.934   -14.531 1.00 25.01  ? 168 ARG A CG  1 
ATOM   238  C  CD  . ARG A 1 29  ? -1.465  2.007   -14.228 1.00 26.05  ? 168 ARG A CD  1 
ATOM   239  N  NE  . ARG A 1 29  ? -0.956  3.371   -14.194 1.00 26.07  ? 168 ARG A NE  1 
ATOM   240  C  CZ  . ARG A 1 29  ? -0.945  4.144   -13.112 1.00 25.80  ? 168 ARG A CZ  1 
ATOM   241  N  NH1 . ARG A 1 29  ? -1.528  3.732   -11.997 1.00 24.77  ? 168 ARG A NH1 1 
ATOM   242  N  NH2 . ARG A 1 29  ? -0.338  5.316   -13.147 1.00 27.26  ? 168 ARG A NH2 1 
ATOM   243  N  N   . ALA A 1 30  ? -5.587  0.680   -12.092 1.00 22.36  ? 169 ALA A N   1 
ATOM   244  C  CA  . ALA A 1 30  ? -6.477  1.449   -11.233 1.00 25.66  ? 169 ALA A CA  1 
ATOM   245  C  C   . ALA A 1 30  ? -6.267  1.041   -9.768  1.00 22.98  ? 169 ALA A C   1 
ATOM   246  O  O   . ALA A 1 30  ? -6.333  1.878   -8.868  1.00 23.45  ? 169 ALA A O   1 
ATOM   247  C  CB  . ALA A 1 30  ? -7.909  1.251   -11.666 1.00 26.21  ? 169 ALA A CB  1 
ATOM   248  N  N   . LEU A 1 31  ? -6.009  -0.249  -9.531  1.00 22.10  ? 170 LEU A N   1 
ATOM   249  C  CA  . LEU A 1 31  ? -5.786  -0.736  -8.173  1.00 22.22  ? 170 LEU A CA  1 
ATOM   250  C  C   . LEU A 1 31  ? -4.494  -0.130  -7.613  1.00 22.25  ? 170 LEU A C   1 
ATOM   251  O  O   . LEU A 1 31  ? -4.404  0.141   -6.418  1.00 21.75  ? 170 LEU A O   1 
ATOM   252  C  CB  . LEU A 1 31  ? -5.731  -2.267  -8.160  1.00 22.11  ? 170 LEU A CB  1 
ATOM   253  C  CG  . LEU A 1 31  ? -7.087  -2.966  -8.165  1.00 24.88  ? 170 LEU A CG  1 
ATOM   254  C  CD1 . LEU A 1 31  ? -6.918  -4.475  -8.257  1.00 25.22  ? 170 LEU A CD1 1 
ATOM   255  C  CD2 . LEU A 1 31  ? -7.899  -2.591  -6.934  1.00 27.67  ? 170 LEU A CD2 1 
ATOM   256  N  N   . LEU A 1 32  ? -3.488  0.080   -8.469  1.00 21.41  ? 171 LEU A N   1 
ATOM   257  C  CA  . LEU A 1 32  ? -2.266  0.729   -8.007  1.00 18.57  ? 171 LEU A CA  1 
ATOM   258  C  C   . LEU A 1 32  ? -2.598  2.158   -7.553  1.00 20.65  ? 171 LEU A C   1 
ATOM   259  O  O   . LEU A 1 32  ? -2.075  2.626   -6.548  1.00 20.58  ? 171 LEU A O   1 
ATOM   260  C  CB  . LEU A 1 32  ? -1.197  0.736   -9.104  1.00 21.16  ? 171 LEU A CB  1 
ATOM   261  C  CG  . LEU A 1 32  ? 0.114   1.408   -8.698  1.00 23.15  ? 171 LEU A CG  1 
ATOM   262  C  CD1 . LEU A 1 32  ? 0.746   0.696   -7.512  1.00 23.91  ? 171 LEU A CD1 1 
ATOM   263  C  CD2 . LEU A 1 32  ? 1.088   1.477   -9.863  1.00 22.25  ? 171 LEU A CD2 1 
ATOM   264  N  N   . THR A 1 33  ? -3.449  2.847   -8.321  1.00 20.28  ? 172 THR A N   1 
ATOM   265  C  CA  . THR A 1 33  ? -3.927  4.183   -7.955  1.00 20.92  ? 172 THR A CA  1 
ATOM   266  C  C   . THR A 1 33  ? -4.630  4.123   -6.592  1.00 21.18  ? 172 THR A C   1 
ATOM   267  O  O   . THR A 1 33  ? -4.384  4.966   -5.730  1.00 23.71  ? 172 THR A O   1 
ATOM   268  C  CB  . THR A 1 33  ? -4.829  4.770   -9.046  1.00 24.16  ? 172 THR A CB  1 
ATOM   269  O  OG1 . THR A 1 33  ? -4.050  4.855   -10.240 1.00 24.47  ? 172 THR A OG1 1 
ATOM   270  C  CG2 . THR A 1 33  ? -5.372  6.137   -8.687  1.00 23.50  ? 172 THR A CG2 1 
ATOM   271  N  N   . LEU A 1 34  ? -5.491  3.118   -6.405  1.00 20.79  ? 173 LEU A N   1 
ATOM   272  C  CA  . LEU A 1 34  ? -6.216  2.929   -5.144  1.00 22.30  ? 173 LEU A CA  1 
ATOM   273  C  C   . LEU A 1 34  ? -5.218  2.777   -3.987  1.00 24.24  ? 173 LEU A C   1 
ATOM   274  O  O   . LEU A 1 34  ? -5.366  3.404   -2.940  1.00 21.54  ? 173 LEU A O   1 
ATOM   275  C  CB  . LEU A 1 34  ? -7.124  1.702   -5.258  1.00 21.29  ? 173 LEU A CB  1 
ATOM   276  C  CG  . LEU A 1 34  ? -7.914  1.351   -3.998  1.00 25.51  ? 173 LEU A CG  1 
ATOM   277  C  CD1 . LEU A 1 34  ? -8.891  2.458   -3.649  1.00 26.36  ? 173 LEU A CD1 1 
ATOM   278  C  CD2 . LEU A 1 34  ? -8.645  0.027   -4.164  1.00 28.61  ? 173 LEU A CD2 1 
ATOM   279  N  N   . CYS A 1 35  ? -4.195  1.941   -4.182  1.00 22.91  ? 174 CYS A N   1 
ATOM   280  C  CA  . CYS A 1 35  ? -3.216  1.688   -3.137  1.00 21.45  ? 174 CYS A CA  1 
ATOM   281  C  C   . CYS A 1 35  ? -2.450  2.976   -2.804  1.00 19.79  ? 174 CYS A C   1 
ATOM   282  O  O   . CYS A 1 35  ? -2.163  3.246   -1.644  1.00 21.68  ? 174 CYS A O   1 
ATOM   283  C  CB  . CYS A 1 35  ? -2.268  0.569   -3.539  1.00 21.97  ? 174 CYS A CB  1 
ATOM   284  S  SG  . CYS A 1 35  ? -3.097  -1.039  -3.636  1.00 27.33  ? 174 CYS A SG  1 
ATOM   285  N  N   . ALA A 1 36  ? -2.129  3.768   -3.831  1.00 19.08  ? 175 ALA A N   1 
ATOM   286  C  CA  . ALA A 1 36  ? -1.403  5.015   -3.649  1.00 21.11  ? 175 ALA A CA  1 
ATOM   287  C  C   . ALA A 1 36  ? -2.259  6.005   -2.849  1.00 19.10  ? 175 ALA A C   1 
ATOM   288  O  O   . ALA A 1 36  ? -1.778  6.635   -1.911  1.00 20.29  ? 175 ALA A O   1 
ATOM   289  C  CB  . ALA A 1 36  ? -1.007  5.579   -4.989  1.00 20.44  ? 175 ALA A CB  1 
ATOM   290  N  N   . VAL A 1 37  ? -3.532  6.131   -3.227  1.00 19.67  ? 176 VAL A N   1 
ATOM   291  C  CA  . VAL A 1 37  ? -4.449  7.046   -2.554  1.00 20.94  ? 176 VAL A CA  1 
ATOM   292  C  C   . VAL A 1 37  ? -4.608  6.607   -1.091  1.00 23.57  ? 176 VAL A C   1 
ATOM   293  O  O   . VAL A 1 37  ? -4.580  7.435   -0.177  1.00 22.78  ? 176 VAL A O   1 
ATOM   294  C  CB  . VAL A 1 37  ? -5.805  7.116   -3.279  1.00 23.43  ? 176 VAL A CB  1 
ATOM   295  C  CG1 . VAL A 1 37  ? -6.852  7.836   -2.443  1.00 25.17  ? 176 VAL A CG1 1 
ATOM   296  C  CG2 . VAL A 1 37  ? -5.675  7.768   -4.646  1.00 22.83  ? 176 VAL A CG2 1 
ATOM   297  N  N   . MET A 1 38  ? -4.765  5.297   -0.877  1.00 21.35  ? 177 MET A N   1 
ATOM   298  C  CA  . MET A 1 38  ? -4.976  4.752   0.463   1.00 19.37  ? 177 MET A CA  1 
ATOM   299  C  C   . MET A 1 38  ? -3.719  4.961   1.320   1.00 21.67  ? 177 MET A C   1 
ATOM   300  O  O   . MET A 1 38  ? -3.819  5.239   2.516   1.00 22.70  ? 177 MET A O   1 
ATOM   301  C  CB  . MET A 1 38  ? -5.321  3.261   0.411   1.00 22.16  ? 177 MET A CB  1 
ATOM   302  C  CG  . MET A 1 38  ? -6.700  2.990   -0.157  1.00 30.59  ? 177 MET A CG  1 
ATOM   303  S  SD  . MET A 1 38  ? -7.148  1.243   -0.085  1.00 64.54  ? 177 MET A SD  1 
ATOM   304  C  CE  . MET A 1 38  ? -7.066  0.957   1.684   1.00 59.69  ? 177 MET A CE  1 
ATOM   305  N  N   . THR A 1 39  ? -2.540  4.814   0.704   1.00 19.71  ? 178 THR A N   1 
ATOM   306  C  CA  . THR A 1 39  ? -1.271  4.989   1.413   1.00 19.55  ? 178 THR A CA  1 
ATOM   307  C  C   . THR A 1 39  ? -1.210  6.404   2.001   1.00 21.83  ? 178 THR A C   1 
ATOM   308  O  O   . THR A 1 39  ? -0.719  6.606   3.111   1.00 22.49  ? 178 THR A O   1 
ATOM   309  C  CB  . THR A 1 39  ? -0.067  4.719   0.502   1.00 21.77  ? 178 THR A CB  1 
ATOM   310  O  OG1 . THR A 1 39  ? -0.042  3.327   0.184   1.00 20.96  ? 178 THR A OG1 1 
ATOM   311  C  CG2 . THR A 1 39  ? 1.250   5.095   1.145   1.00 21.30  ? 178 THR A CG2 1 
ATOM   312  N  N   . ARG A 1 40  ? -1.735  7.375   1.248   1.00 20.25  ? 179 ARG A N   1 
ATOM   313  C  CA  . ARG A 1 40  ? -1.649  8.784   1.619   1.00 21.59  ? 179 ARG A CA  1 
ATOM   314  C  C   . ARG A 1 40  ? -2.665  9.107   2.723   1.00 24.29  ? 179 ARG A C   1 
ATOM   315  O  O   . ARG A 1 40  ? -2.696  10.230  3.214   1.00 26.59  ? 179 ARG A O   1 
ATOM   316  C  CB  . ARG A 1 40  ? -1.839  9.668   0.384   1.00 21.01  ? 179 ARG A CB  1 
ATOM   317  C  CG  . ARG A 1 40  ? -0.633  9.687   -0.545  1.00 22.96  ? 179 ARG A CG  1 
ATOM   318  C  CD  . ARG A 1 40  ? -0.740  10.723  -1.649  1.00 22.54  ? 179 ARG A CD  1 
ATOM   319  N  NE  . ARG A 1 40  ? -1.749  10.375  -2.638  1.00 23.27  ? 179 ARG A NE  1 
ATOM   320  C  CZ  . ARG A 1 40  ? -1.508  9.694   -3.753  1.00 25.39  ? 179 ARG A CZ  1 
ATOM   321  N  NH1 . ARG A 1 40  ? -0.305  9.195   -3.976  1.00 22.63  ? 179 ARG A NH1 1 
ATOM   322  N  NH2 . ARG A 1 40  ? -2.469  9.514   -4.642  1.00 24.85  ? 179 ARG A NH2 1 
ATOM   323  N  N   . LYS A 1 41  ? -3.477  8.119   3.117   1.00 21.71  ? 180 LYS A N   1 
ATOM   324  C  CA  . LYS A 1 41  ? -4.414  8.274   4.242   1.00 22.06  ? 180 LYS A CA  1 
ATOM   325  C  C   . LYS A 1 41  ? -3.713  7.913   5.556   1.00 25.62  ? 180 LYS A C   1 
ATOM   326  O  O   . LYS A 1 41  ? -4.294  8.057   6.631   1.00 26.92  ? 180 LYS A O   1 
ATOM   327  C  CB  . LYS A 1 41  ? -5.658  7.398   4.073   1.00 23.41  ? 180 LYS A CB  1 
ATOM   328  C  CG  . LYS A 1 41  ? -6.479  7.667   2.821   1.00 22.22  ? 180 LYS A CG  1 
ATOM   329  C  CD  . LYS A 1 41  ? -6.733  9.138   2.553   1.00 23.01  ? 180 LYS A CD  1 
ATOM   330  C  CE  . LYS A 1 41  ? -7.590  9.352   1.321   1.00 25.10  ? 180 LYS A CE  1 
ATOM   331  N  NZ  . LYS A 1 41  ? -7.495  10.742  0.818   1.00 27.30  ? 180 LYS A NZ  1 
ATOM   332  N  N   . PHE A 1 42  ? -2.476  7.421   5.456   1.00 23.20  ? 181 PHE A N   1 
ATOM   333  C  CA  . PHE A 1 42  ? -1.647  7.131   6.622   1.00 24.05  ? 181 PHE A CA  1 
ATOM   334  C  C   . PHE A 1 42  ? -0.753  8.335   6.931   1.00 23.55  ? 181 PHE A C   1 
ATOM   335  O  O   . PHE A 1 42  ? -0.238  8.988   6.026   1.00 24.38  ? 181 PHE A O   1 
ATOM   336  C  CB  . PHE A 1 42  ? -0.796  5.882   6.378   1.00 23.75  ? 181 PHE A CB  1 
ATOM   337  C  CG  . PHE A 1 42  ? -1.573  4.592   6.415   1.00 24.16  ? 181 PHE A CG  1 
ATOM   338  C  CD1 . PHE A 1 42  ? -2.237  4.130   5.289   1.00 24.50  ? 181 PHE A CD1 1 
ATOM   339  C  CD2 . PHE A 1 42  ? -1.656  3.846   7.580   1.00 27.20  ? 181 PHE A CD2 1 
ATOM   340  C  CE1 . PHE A 1 42  ? -2.960  2.948   5.326   1.00 28.71  ? 181 PHE A CE1 1 
ATOM   341  C  CE2 . PHE A 1 42  ? -2.380  2.666   7.616   1.00 26.64  ? 181 PHE A CE2 1 
ATOM   342  C  CZ  . PHE A 1 42  ? -3.033  2.220   6.490   1.00 29.93  ? 181 PHE A CZ  1 
ATOM   343  N  N   . SER A 1 43  ? -0.570  8.621   8.224   1.00 24.46  ? 182 SER A N   1 
ATOM   344  C  CA  . SER A 1 43  ? 0.457   9.551   8.647   1.00 27.31  ? 182 SER A CA  1 
ATOM   345  C  C   . SER A 1 43  ? 1.818   9.017   8.191   1.00 28.40  ? 182 SER A C   1 
ATOM   346  O  O   . SER A 1 43  ? 2.026   7.806   8.114   1.00 27.80  ? 182 SER A O   1 
ATOM   347  C  CB  . SER A 1 43  ? 0.426   9.773   10.138  1.00 31.93  ? 182 SER A CB  1 
ATOM   348  O  OG  . SER A 1 43  ? 0.823   8.602   10.832  1.00 41.28  ? 182 SER A OG  1 
ATOM   349  N  N   . LYS A 1 44  ? 2.731   9.935   7.871   1.00 29.69  ? 183 LYS A N   1 
ATOM   350  C  CA  . LYS A 1 44  ? 4.070   9.581   7.431   1.00 35.03  ? 183 LYS A CA  1 
ATOM   351  C  C   . LYS A 1 44  ? 4.711   8.657   8.475   1.00 32.44  ? 183 LYS A C   1 
ATOM   352  O  O   . LYS A 1 44  ? 5.488   7.768   8.138   1.00 30.30  ? 183 LYS A O   1 
ATOM   353  C  CB  . LYS A 1 44  ? 4.902   10.847  7.210   1.00 38.44  ? 183 LYS A CB  1 
ATOM   354  C  CG  . LYS A 1 44  ? 6.215   10.639  6.469   1.00 51.49  ? 183 LYS A CG  1 
ATOM   355  C  CD  . LYS A 1 44  ? 6.895   11.932  6.072   1.00 60.54  ? 183 LYS A CD  1 
ATOM   356  C  CE  . LYS A 1 44  ? 8.176   11.711  5.296   1.00 70.80  ? 183 LYS A CE  1 
ATOM   357  N  NZ  . LYS A 1 44  ? 8.823   12.992  4.927   1.00 76.90  ? 183 LYS A NZ  1 
ATOM   358  N  N   . SER A 1 45  ? 4.352   8.874   9.746   1.00 32.51  ? 184 SER A N   1 
ATOM   359  C  CA  . SER A 1 45  ? 4.954   8.172   10.877  1.00 37.85  ? 184 SER A CA  1 
ATOM   360  C  C   . SER A 1 45  ? 4.593   6.681   10.850  1.00 34.10  ? 184 SER A C   1 
ATOM   361  O  O   . SER A 1 45  ? 5.223   5.878   11.534  1.00 33.34  ? 184 SER A O   1 
ATOM   362  C  CB  . SER A 1 45  ? 4.541   8.808   12.184  1.00 39.94  ? 184 SER A CB  1 
ATOM   363  O  OG  . SER A 1 45  ? 3.156   8.614   12.434  1.00 41.02  ? 184 SER A OG  1 
ATOM   364  N  N   . GLN A 1 46  ? 3.579   6.321   10.053  1.00 26.12  ? 185 GLN A N   1 
ATOM   365  C  CA  . GLN A 1 46  ? 3.033   4.964   10.039  1.00 25.40  ? 185 GLN A CA  1 
ATOM   366  C  C   . GLN A 1 46  ? 3.631   4.135   8.893   1.00 26.11  ? 185 GLN A C   1 
ATOM   367  O  O   . GLN A 1 46  ? 3.358   2.945   8.789   1.00 27.34  ? 185 GLN A O   1 
ATOM   368  C  CB  . GLN A 1 46  ? 1.510   5.004   9.896   1.00 27.26  ? 185 GLN A CB  1 
ATOM   369  C  CG  . GLN A 1 46  ? 0.769   5.264   11.198  1.00 35.97  ? 185 GLN A CG  1 
ATOM   370  C  CD  . GLN A 1 46  ? 1.052   4.211   12.242  1.00 33.80  ? 185 GLN A CD  1 
ATOM   371  O  OE1 . GLN A 1 46  ? 2.097   4.219   12.886  1.00 36.74  ? 185 GLN A OE1 1 
ATOM   372  N  NE2 . GLN A 1 46  ? 0.115   3.294   12.423  1.00 31.17  ? 185 GLN A NE2 1 
ATOM   373  N  N   . LEU A 1 47  ? 4.435   4.762   8.029   1.00 25.05  ? 186 LEU A N   1 
ATOM   374  C  CA  . LEU A 1 47  ? 4.916   4.089   6.825   1.00 25.53  ? 186 LEU A CA  1 
ATOM   375  C  C   . LEU A 1 47  ? 5.869   2.946   7.202   1.00 25.24  ? 186 LEU A C   1 
ATOM   376  O  O   . LEU A 1 47  ? 5.888   1.911   6.540   1.00 24.26  ? 186 LEU A O   1 
ATOM   377  C  CB  . LEU A 1 47  ? 5.588   5.109   5.901   1.00 26.33  ? 186 LEU A CB  1 
ATOM   378  C  CG  . LEU A 1 47  ? 4.647   6.155   5.302   1.00 28.55  ? 186 LEU A CG  1 
ATOM   379  C  CD1 . LEU A 1 47  ? 5.396   7.085   4.362   1.00 31.32  ? 186 LEU A CD1 1 
ATOM   380  C  CD2 . LEU A 1 47  ? 3.480   5.493   4.585   1.00 29.09  ? 186 LEU A CD2 1 
ATOM   381  N  N   . SER A 1 48  ? 6.650   3.135   8.272   1.00 27.52  ? 187 SER A N   1 
ATOM   382  C  CA  . SER A 1 48  ? 7.573   2.106   8.756   1.00 29.48  ? 187 SER A CA  1 
ATOM   383  C  C   . SER A 1 48  ? 6.793   0.853   9.170   1.00 25.49  ? 187 SER A C   1 
ATOM   384  O  O   . SER A 1 48  ? 7.188   -0.271  8.857   1.00 26.21  ? 187 SER A O   1 
ATOM   385  C  CB  . SER A 1 48  ? 8.421   2.620   9.894   1.00 34.57  ? 187 SER A CB  1 
ATOM   386  O  OG  . SER A 1 48  ? 9.394   3.537   9.421   1.00 52.03  ? 187 SER A OG  1 
ATOM   387  N  N   . LEU A 1 49  ? 5.683   1.057   9.882   1.00 26.50  ? 188 LEU A N   1 
ATOM   388  C  CA  . LEU A 1 49  ? 4.850   -0.041  10.350  1.00 27.54  ? 188 LEU A CA  1 
ATOM   389  C  C   . LEU A 1 49  ? 4.163   -0.709  9.152   1.00 25.35  ? 188 LEU A C   1 
ATOM   390  O  O   . LEU A 1 49  ? 4.032   -1.930  9.107   1.00 27.44  ? 188 LEU A O   1 
ATOM   391  C  CB  . LEU A 1 49  ? 3.824   0.490   11.355  1.00 30.02  ? 188 LEU A CB  1 
ATOM   392  C  CG  . LEU A 1 49  ? 2.836   -0.546  11.892  1.00 34.65  ? 188 LEU A CG  1 
ATOM   393  C  CD1 . LEU A 1 49  ? 3.562   -1.686  12.588  1.00 35.82  ? 188 LEU A CD1 1 
ATOM   394  C  CD2 . LEU A 1 49  ? 1.832   0.100   12.836  1.00 39.66  ? 188 LEU A CD2 1 
ATOM   395  N  N   . LEU A 1 50  ? 3.731   0.102   8.182   1.00 24.94  ? 189 LEU A N   1 
ATOM   396  C  CA  . LEU A 1 50  ? 3.116   -0.418  6.971   1.00 25.53  ? 189 LEU A CA  1 
ATOM   397  C  C   . LEU A 1 50  ? 4.102   -1.367  6.279   1.00 24.12  ? 189 LEU A C   1 
ATOM   398  O  O   . LEU A 1 50  ? 3.750   -2.485  5.905   1.00 23.48  ? 189 LEU A O   1 
ATOM   399  C  CB  . LEU A 1 50  ? 2.726   0.753   6.063   1.00 24.23  ? 189 LEU A CB  1 
ATOM   400  C  CG  . LEU A 1 50  ? 1.954   0.383   4.798   1.00 27.51  ? 189 LEU A CG  1 
ATOM   401  C  CD1 . LEU A 1 50  ? 0.739   -0.472  5.125   1.00 30.14  ? 189 LEU A CD1 1 
ATOM   402  C  CD2 . LEU A 1 50  ? 1.536   1.639   4.049   1.00 30.37  ? 189 LEU A CD2 1 
ATOM   403  N  N   . CYS A 1 51  ? 5.350   -0.910  6.138   1.00 22.33  ? 190 CYS A N   1 
ATOM   404  C  CA  . CYS A 1 51  ? 6.418   -1.698  5.540   1.00 22.85  ? 190 CYS A CA  1 
ATOM   405  C  C   . CYS A 1 51  ? 6.619   -3.004  6.322   1.00 24.30  ? 190 CYS A C   1 
ATOM   406  O  O   . CYS A 1 51  ? 6.662   -4.083  5.739   1.00 25.40  ? 190 CYS A O   1 
ATOM   407  C  CB  . CYS A 1 51  ? 7.719   -0.906  5.497   1.00 24.41  ? 190 CYS A CB  1 
ATOM   408  S  SG  . CYS A 1 51  ? 9.137   -1.896  4.960   1.00 27.35  ? 190 CYS A SG  1 
ATOM   409  N  N   . GLU A 1 52  ? 6.737   -2.887  7.648   1.00 25.22  ? 191 GLU A N   1 
ATOM   410  C  CA  . GLU A 1 52  ? 7.019   -4.024  8.518   1.00 28.44  ? 191 GLU A CA  1 
ATOM   411  C  C   . GLU A 1 52  ? 5.894   -5.062  8.403   1.00 26.15  ? 191 GLU A C   1 
ATOM   412  O  O   . GLU A 1 52  ? 6.151   -6.265  8.369   1.00 27.34  ? 191 GLU A O   1 
ATOM   413  C  CB  . GLU A 1 52  ? 7.183   -3.560  9.967   1.00 32.14  ? 191 GLU A CB  1 
ATOM   414  C  CG  . GLU A 1 52  ? 7.453   -4.696  10.936  1.00 44.96  ? 191 GLU A CG  1 
ATOM   415  C  CD  . GLU A 1 52  ? 8.693   -5.517  10.620  1.00 62.89  ? 191 GLU A CD  1 
ATOM   416  O  OE1 . GLU A 1 52  ? 9.659   -4.941  10.076  1.00 66.28  ? 191 GLU A OE1 1 
ATOM   417  O  OE2 . GLU A 1 52  ? 8.688   -6.729  10.914  1.00 78.69  ? 191 GLU A OE2 1 
ATOM   418  N  N   . THR A 1 53  ? 4.649   -4.579  8.352   1.00 23.76  ? 192 THR A N   1 
ATOM   419  C  CA  . THR A 1 53  ? 3.480   -5.446  8.299   1.00 24.82  ? 192 THR A CA  1 
ATOM   420  C  C   . THR A 1 53  ? 3.475   -6.192  6.958   1.00 26.68  ? 192 THR A C   1 
ATOM   421  O  O   . THR A 1 53  ? 3.150   -7.376  6.894   1.00 25.56  ? 192 THR A O   1 
ATOM   422  C  CB  . THR A 1 53  ? 2.192   -4.646  8.533   1.00 26.87  ? 192 THR A CB  1 
ATOM   423  O  OG1 . THR A 1 53  ? 2.334   -3.903  9.746   1.00 26.90  ? 192 THR A OG1 1 
ATOM   424  C  CG2 . THR A 1 53  ? 0.964   -5.526  8.612   1.00 27.87  ? 192 THR A CG2 1 
ATOM   425  N  N   . HIS A 1 54  ? 3.853   -5.477  5.895   1.00 23.11  ? 193 HIS A N   1 
ATOM   426  C  CA  . HIS A 1 54  ? 3.941   -6.021  4.543   1.00 24.84  ? 193 HIS A CA  1 
ATOM   427  C  C   . HIS A 1 54  ? 4.956   -7.173  4.513   1.00 24.04  ? 193 HIS A C   1 
ATOM   428  O  O   . HIS A 1 54  ? 4.674   -8.254  3.984   1.00 25.98  ? 193 HIS A O   1 
ATOM   429  C  CB  . HIS A 1 54  ? 4.302   -4.898  3.561   1.00 23.46  ? 193 HIS A CB  1 
ATOM   430  C  CG  . HIS A 1 54  ? 4.191   -5.265  2.119   1.00 22.82  ? 193 HIS A CG  1 
ATOM   431  N  ND1 . HIS A 1 54  ? 3.457   -4.505  1.226   1.00 22.85  ? 193 HIS A ND1 1 
ATOM   432  C  CD2 . HIS A 1 54  ? 4.730   -6.276  1.401   1.00 21.40  ? 193 HIS A CD2 1 
ATOM   433  C  CE1 . HIS A 1 54  ? 3.542   -5.039  0.023   1.00 22.29  ? 193 HIS A CE1 1 
ATOM   434  N  NE2 . HIS A 1 54  ? 4.319   -6.125  0.102   1.00 20.66  ? 193 HIS A NE2 1 
ATOM   435  N  N   . LEU A 1 55  ? 6.140   -6.926  5.080   1.00 23.50  ? 194 LEU A N   1 
ATOM   436  C  CA  . LEU A 1 55  ? 7.210   -7.918  5.118   1.00 24.76  ? 194 LEU A CA  1 
ATOM   437  C  C   . LEU A 1 55  ? 6.705   -9.185  5.820   1.00 25.15  ? 194 LEU A C   1 
ATOM   438  O  O   . LEU A 1 55  ? 6.924   -10.289 5.342   1.00 25.58  ? 194 LEU A O   1 
ATOM   439  C  CB  . LEU A 1 55  ? 8.425   -7.343  5.851   1.00 26.13  ? 194 LEU A CB  1 
ATOM   440  C  CG  . LEU A 1 55  ? 9.093   -6.131  5.201   1.00 31.48  ? 194 LEU A CG  1 
ATOM   441  C  CD1 . LEU A 1 55  ? 10.326  -5.714  5.986   1.00 32.12  ? 194 LEU A CD1 1 
ATOM   442  C  CD2 . LEU A 1 55  ? 9.457   -6.413  3.752   1.00 31.47  ? 194 LEU A CD2 1 
ATOM   443  N  N   . ARG A 1 56  ? 6.038   -9.000  6.964   1.00 25.78  ? 195 ARG A N   1 
ATOM   444  C  CA  . ARG A 1 56  ? 5.559   -10.113 7.786   1.00 29.50  ? 195 ARG A CA  1 
ATOM   445  C  C   . ARG A 1 56  ? 4.481   -10.889 7.022   1.00 32.61  ? 195 ARG A C   1 
ATOM   446  O  O   . ARG A 1 56  ? 4.522   -12.116 6.956   1.00 33.02  ? 195 ARG A O   1 
ATOM   447  C  CB  . ARG A 1 56  ? 5.027   -9.594  9.124   1.00 31.00  ? 195 ARG A CB  1 
ATOM   448  C  CG  . ARG A 1 56  ? 6.119   -9.177  10.099  1.00 34.57  ? 195 ARG A CG  1 
ATOM   449  C  CD  . ARG A 1 56  ? 5.667   -8.102  11.069  1.00 45.61  ? 195 ARG A CD  1 
ATOM   450  N  NE  . ARG A 1 56  ? 4.365   -8.381  11.658  1.00 53.74  ? 195 ARG A NE  1 
ATOM   451  C  CZ  . ARG A 1 56  ? 3.590   -7.465  12.229  1.00 68.14  ? 195 ARG A CZ  1 
ATOM   452  N  NH1 . ARG A 1 56  ? 3.983   -6.204  12.277  1.00 67.50  ? 195 ARG A NH1 1 
ATOM   453  N  NH2 . ARG A 1 56  ? 2.425   -7.811  12.746  1.00 64.10  ? 195 ARG A NH2 1 
ATOM   454  N  N   . ARG A 1 57  ? 3.521   -10.149 6.456   1.00 27.78  ? 196 ARG A N   1 
ATOM   455  C  CA  . ARG A 1 57  ? 2.426   -10.706 5.666   1.00 29.68  ? 196 ARG A CA  1 
ATOM   456  C  C   . ARG A 1 57  ? 2.994   -11.634 4.583   1.00 30.98  ? 196 ARG A C   1 
ATOM   457  O  O   . ARG A 1 57  ? 2.475   -12.725 4.350   1.00 31.28  ? 196 ARG A O   1 
ATOM   458  C  CB  . ARG A 1 57  ? 1.612   -9.563  5.045   1.00 27.20  ? 196 ARG A CB  1 
ATOM   459  C  CG  . ARG A 1 57  ? 0.547   -9.996  4.046   1.00 29.92  ? 196 ARG A CG  1 
ATOM   460  C  CD  . ARG A 1 57  ? -0.783  -10.330 4.694   1.00 31.19  ? 196 ARG A CD  1 
ATOM   461  N  NE  . ARG A 1 57  ? -0.793  -11.649 5.316   1.00 34.63  ? 196 ARG A NE  1 
ATOM   462  C  CZ  . ARG A 1 57  ? -1.120  -12.778 4.696   1.00 37.56  ? 196 ARG A CZ  1 
ATOM   463  N  NH1 . ARG A 1 57  ? -1.197  -13.905 5.383   1.00 33.98  ? 196 ARG A NH1 1 
ATOM   464  N  NH2 . ARG A 1 57  ? -1.373  -12.779 3.398   1.00 27.55  ? 196 ARG A NH2 1 
ATOM   465  N  N   . GLU A 1 58  ? 4.073   -11.187 3.938   1.00 26.36  ? 197 GLU A N   1 
ATOM   466  C  CA  . GLU A 1 58  ? 4.579   -11.807 2.723   1.00 26.04  ? 197 GLU A CA  1 
ATOM   467  C  C   . GLU A 1 58  ? 5.765   -12.728 3.028   1.00 28.19  ? 197 GLU A C   1 
ATOM   468  O  O   . GLU A 1 58  ? 6.346   -13.304 2.114   1.00 30.15  ? 197 GLU A O   1 
ATOM   469  C  CB  . GLU A 1 58  ? 4.984   -10.724 1.721   1.00 28.17  ? 197 GLU A CB  1 
ATOM   470  C  CG  . GLU A 1 58  ? 3.790   -10.040 1.085   1.00 27.87  ? 197 GLU A CG  1 
ATOM   471  C  CD  . GLU A 1 58  ? 2.838   -11.007 0.405   1.00 28.20  ? 197 GLU A CD  1 
ATOM   472  O  OE1 . GLU A 1 58  ? 3.198   -11.529 -0.671  1.00 29.29  ? 197 GLU A OE1 1 
ATOM   473  O  OE2 . GLU A 1 58  ? 1.756   -11.259 0.968   1.00 33.74  ? 197 GLU A OE2 1 
ATOM   474  N  N   . GLY A 1 59  ? 6.111   -12.855 4.313   1.00 30.37  ? 198 GLY A N   1 
ATOM   475  C  CA  . GLY A 1 59  ? 7.228   -13.689 4.747   1.00 32.65  ? 198 GLY A CA  1 
ATOM   476  C  C   . GLY A 1 59  ? 8.537   -13.263 4.103   1.00 35.37  ? 198 GLY A C   1 
ATOM   477  O  O   . GLY A 1 59  ? 9.368   -14.099 3.751   1.00 34.32  ? 198 GLY A O   1 
ATOM   478  N  N   . LEU A 1 60  ? 8.719   -11.947 3.955   1.00 30.41  ? 199 LEU A N   1 
ATOM   479  C  CA  . LEU A 1 60  ? 9.906   -11.382 3.327   1.00 26.05  ? 199 LEU A CA  1 
ATOM   480  C  C   . LEU A 1 60  ? 10.979  -11.119 4.389   1.00 28.30  ? 199 LEU A C   1 
ATOM   481  O  O   . LEU A 1 60  ? 10.666  -10.824 5.543   1.00 35.57  ? 199 LEU A O   1 
ATOM   482  C  CB  . LEU A 1 60  ? 9.527   -10.082 2.611   1.00 25.97  ? 199 LEU A CB  1 
ATOM   483  C  CG  . LEU A 1 60  ? 8.570   -10.236 1.432   1.00 27.65  ? 199 LEU A CG  1 
ATOM   484  C  CD1 . LEU A 1 60  ? 8.127   -8.876  0.915   1.00 28.61  ? 199 LEU A CD1 1 
ATOM   485  C  CD2 . LEU A 1 60  ? 9.211   -11.044 0.314   1.00 33.12  ? 199 LEU A CD2 1 
ATOM   486  N  N   . GLY A 1 61  ? 12.244  -11.217 3.966   1.00 32.20  ? 200 GLY A N   1 
ATOM   487  C  CA  . GLY A 1 61  ? 13.392  -10.923 4.811   1.00 34.89  ? 200 GLY A CA  1 
ATOM   488  C  C   . GLY A 1 61  ? 13.520  -9.433  5.084   1.00 40.58  ? 200 GLY A C   1 
ATOM   489  O  O   . GLY A 1 61  ? 12.975  -8.610  4.351   1.00 35.03  ? 200 GLY A O   1 
ATOM   490  N  N   . GLN A 1 62  ? 14.254  -9.096  6.150   1.00 42.40  ? 201 GLN A N   1 
ATOM   491  C  CA  . GLN A 1 62  ? 14.455  -7.715  6.573   1.00 44.75  ? 201 GLN A CA  1 
ATOM   492  C  C   . GLN A 1 62  ? 15.270  -6.959  5.516   1.00 37.65  ? 201 GLN A C   1 
ATOM   493  O  O   . GLN A 1 62  ? 15.227  -5.729  5.455   1.00 40.17  ? 201 GLN A O   1 
ATOM   494  C  CB  . GLN A 1 62  ? 15.152  -7.670  7.935   1.00 48.62  ? 201 GLN A CB  1 
ATOM   495  C  CG  . GLN A 1 62  ? 14.190  -7.823  9.104   1.00 55.44  ? 201 GLN A CG  1 
ATOM   496  C  CD  . GLN A 1 62  ? 13.116  -6.764  9.083   1.00 54.00  ? 201 GLN A CD  1 
ATOM   497  O  OE1 . GLN A 1 62  ? 13.387  -5.581  8.888   1.00 62.76  ? 201 GLN A OE1 1 
ATOM   498  N  NE2 . GLN A 1 62  ? 11.878  -7.186  9.282   1.00 44.95  ? 201 GLN A NE2 1 
ATOM   499  N  N   . ASP A 1 63  ? 15.998  -7.708  4.685   1.00 38.19  ? 202 ASP A N   1 
ATOM   500  C  CA  . ASP A 1 63  ? 16.834  -7.128  3.639   1.00 44.73  ? 202 ASP A CA  1 
ATOM   501  C  C   . ASP A 1 63  ? 15.941  -6.517  2.551   1.00 37.43  ? 202 ASP A C   1 
ATOM   502  O  O   . ASP A 1 63  ? 16.428  -5.803  1.675   1.00 41.80  ? 202 ASP A O   1 
ATOM   503  C  CB  . ASP A 1 63  ? 17.800  -8.164  3.059   1.00 50.30  ? 202 ASP A CB  1 
ATOM   504  C  CG  . ASP A 1 63  ? 17.118  -9.301  2.316   1.00 57.14  ? 202 ASP A CG  1 
ATOM   505  O  OD1 . ASP A 1 63  ? 15.926  -9.546  2.583   1.00 57.82  ? 202 ASP A OD1 1 
ATOM   506  O  OD2 . ASP A 1 63  ? 17.790  -9.934  1.477   1.00 72.60  ? 202 ASP A OD2 1 
ATOM   507  N  N   . GLN A 1 64  ? 14.635  -6.799  2.619   1.00 32.77  ? 203 GLN A N   1 
ATOM   508  C  CA  . GLN A 1 64  ? 13.676  -6.303  1.632   1.00 28.67  ? 203 GLN A CA  1 
ATOM   509  C  C   . GLN A 1 64  ? 12.963  -5.059  2.176   1.00 29.45  ? 203 GLN A C   1 
ATOM   510  O  O   . GLN A 1 64  ? 12.137  -4.461  1.487   1.00 28.97  ? 203 GLN A O   1 
ATOM   511  C  CB  . GLN A 1 64  ? 12.653  -7.383  1.270   1.00 28.44  ? 203 GLN A CB  1 
ATOM   512  C  CG  . GLN A 1 64  ? 13.266  -8.606  0.605   1.00 29.82  ? 203 GLN A CG  1 
ATOM   513  C  CD  . GLN A 1 64  ? 14.152  -8.245  -0.561  1.00 35.02  ? 203 GLN A CD  1 
ATOM   514  O  OE1 . GLN A 1 64  ? 13.700  -7.706  -1.570  1.00 32.41  ? 203 GLN A OE1 1 
ATOM   515  N  NE2 . GLN A 1 64  ? 15.432  -8.552  -0.434  1.00 37.34  ? 203 GLN A NE2 1 
ATOM   516  N  N   . ALA A 1 65  ? 13.291  -4.675  3.412   1.00 27.99  ? 204 ALA A N   1 
ATOM   517  C  CA  . ALA A 1 65  ? 12.638  -3.551  4.075   1.00 31.11  ? 204 ALA A CA  1 
ATOM   518  C  C   . ALA A 1 65  ? 12.875  -2.255  3.288   1.00 32.76  ? 204 ALA A C   1 
ATOM   519  O  O   . ALA A 1 65  ? 11.956  -1.457  3.107   1.00 28.94  ? 204 ALA A O   1 
ATOM   520  C  CB  . ALA A 1 65  ? 13.136  -3.432  5.494   1.00 35.53  ? 204 ALA A CB  1 
ATOM   521  N  N   . GLU A 1 66  ? 14.115  -2.048  2.827   1.00 30.01  ? 205 GLU A N   1 
ATOM   522  C  CA  . GLU A 1 66  ? 14.518  -0.783  2.210   1.00 33.21  ? 205 GLU A CA  1 
ATOM   523  C  C   . GLU A 1 66  ? 13.680  -0.508  0.962   1.00 27.54  ? 205 GLU A C   1 
ATOM   524  O  O   . GLU A 1 66  ? 13.070  0.556   0.848   1.00 28.69  ? 205 GLU A O   1 
ATOM   525  C  CB  . GLU A 1 66  ? 16.012  -0.794  1.879   1.00 43.06  ? 205 GLU A CB  1 
ATOM   526  C  CG  . GLU A 1 66  ? 16.510  0.535   1.338   1.00 54.42  ? 205 GLU A CG  1 
ATOM   527  C  CD  . GLU A 1 66  ? 18.021  0.680   1.277   1.00 69.15  ? 205 GLU A CD  1 
ATOM   528  O  OE1 . GLU A 1 66  ? 18.494  1.820   1.098   1.00 75.84  ? 205 GLU A OE1 1 
ATOM   529  O  OE2 . GLU A 1 66  ? 18.721  -0.345  1.408   1.00 78.64  ? 205 GLU A OE2 1 
ATOM   530  N  N   . PRO A 1 67  ? 13.643  -1.429  -0.026  1.00 25.32  ? 206 PRO A N   1 
ATOM   531  C  CA  . PRO A 1 67  ? 12.870  -1.209  -1.250  1.00 28.52  ? 206 PRO A CA  1 
ATOM   532  C  C   . PRO A 1 67  ? 11.358  -1.083  -1.001  1.00 24.29  ? 206 PRO A C   1 
ATOM   533  O  O   . PRO A 1 67  ? 10.701  -0.267  -1.641  1.00 24.21  ? 206 PRO A O   1 
ATOM   534  C  CB  . PRO A 1 67  ? 13.189  -2.436  -2.123  1.00 32.20  ? 206 PRO A CB  1 
ATOM   535  C  CG  . PRO A 1 67  ? 13.681  -3.484  -1.145  1.00 30.47  ? 206 PRO A CG  1 
ATOM   536  C  CD  . PRO A 1 67  ? 14.365  -2.709  -0.038  1.00 28.86  ? 206 PRO A CD  1 
ATOM   537  N  N   . VAL A 1 68  ? 10.822  -1.875  -0.066  1.00 25.80  ? 207 VAL A N   1 
ATOM   538  C  CA  . VAL A 1 68  ? 9.393   -1.846  0.230   1.00 22.62  ? 207 VAL A CA  1 
ATOM   539  C  C   . VAL A 1 68  ? 9.034   -0.497  0.867   1.00 23.13  ? 207 VAL A C   1 
ATOM   540  O  O   . VAL A 1 68  ? 8.075   0.145   0.458   1.00 23.64  ? 207 VAL A O   1 
ATOM   541  C  CB  . VAL A 1 68  ? 8.961   -3.027  1.118   1.00 25.57  ? 207 VAL A CB  1 
ATOM   542  C  CG1 . VAL A 1 68  ? 7.536   -2.855  1.624   1.00 24.39  ? 207 VAL A CG1 1 
ATOM   543  C  CG2 . VAL A 1 68  ? 9.117   -4.354  0.390   1.00 22.77  ? 207 VAL A CG2 1 
ATOM   544  N  N   . LEU A 1 69  ? 9.815   -0.072  1.866   1.00 23.10  ? 208 LEU A N   1 
ATOM   545  C  CA  . LEU A 1 69  ? 9.572   1.200   2.533   1.00 23.39  ? 208 LEU A CA  1 
ATOM   546  C  C   . LEU A 1 69  ? 9.674   2.337   1.511   1.00 21.95  ? 208 LEU A C   1 
ATOM   547  O  O   . LEU A 1 69  ? 8.859   3.253   1.516   1.00 23.29  ? 208 LEU A O   1 
ATOM   548  C  CB  . LEU A 1 69  ? 10.580  1.390   3.671   1.00 25.05  ? 208 LEU A CB  1 
ATOM   549  C  CG  . LEU A 1 69  ? 10.464  2.714   4.425   1.00 27.22  ? 208 LEU A CG  1 
ATOM   550  C  CD1 . LEU A 1 69  ? 9.076   2.884   5.023   1.00 34.04  ? 208 LEU A CD1 1 
ATOM   551  C  CD2 . LEU A 1 69  ? 11.526  2.821   5.506   1.00 32.85  ? 208 LEU A CD2 1 
ATOM   552  N  N   . GLU A 1 70  ? 10.671  2.255   0.624   1.00 23.69  ? 209 GLU A N   1 
ATOM   553  C  CA  . GLU A 1 70  ? 10.891  3.301   -0.368  1.00 24.27  ? 209 GLU A CA  1 
ATOM   554  C  C   . GLU A 1 70  ? 9.650   3.443   -1.259  1.00 22.58  ? 209 GLU A C   1 
ATOM   555  O  O   . GLU A 1 70  ? 9.246   4.554   -1.594  1.00 23.02  ? 209 GLU A O   1 
ATOM   556  C  CB  . GLU A 1 70  ? 12.124  3.010   -1.222  1.00 25.36  ? 209 GLU A CB  1 
ATOM   557  C  CG  . GLU A 1 70  ? 12.373  4.088   -2.261  1.00 27.29  ? 209 GLU A CG  1 
ATOM   558  C  CD  . GLU A 1 70  ? 13.697  3.984   -2.993  1.00 32.35  ? 209 GLU A CD  1 
ATOM   559  O  OE1 . GLU A 1 70  ? 14.550  3.182   -2.565  1.00 36.24  ? 209 GLU A OE1 1 
ATOM   560  O  OE2 . GLU A 1 70  ? 13.872  4.714   -3.986  1.00 31.87  ? 209 GLU A OE2 1 
ATOM   561  N  N   . VAL A 1 71  ? 9.048   2.315   -1.646  1.00 21.21  ? 210 VAL A N   1 
ATOM   562  C  CA  . VAL A 1 71  ? 7.844   2.358   -2.464  1.00 21.24  ? 210 VAL A CA  1 
ATOM   563  C  C   . VAL A 1 71  ? 6.747   3.112   -1.702  1.00 21.73  ? 210 VAL A C   1 
ATOM   564  O  O   . VAL A 1 71  ? 6.113   4.014   -2.246  1.00 21.85  ? 210 VAL A O   1 
ATOM   565  C  CB  . VAL A 1 71  ? 7.372   0.952   -2.881  1.00 22.16  ? 210 VAL A CB  1 
ATOM   566  C  CG1 . VAL A 1 71  ? 5.974   0.991   -3.476  1.00 21.82  ? 210 VAL A CG1 1 
ATOM   567  C  CG2 . VAL A 1 71  ? 8.350   0.300   -3.845  1.00 25.85  ? 210 VAL A CG2 1 
ATOM   568  N  N   . TYR A 1 72  ? 6.525   2.739   -0.439  1.00 20.01  ? 211 TYR A N   1 
ATOM   569  C  CA  . TYR A 1 72  ? 5.458   3.348   0.346   1.00 23.24  ? 211 TYR A CA  1 
ATOM   570  C  C   . TYR A 1 72  ? 5.741   4.843   0.534   1.00 22.45  ? 211 TYR A C   1 
ATOM   571  O  O   . TYR A 1 72  ? 4.835   5.656   0.426   1.00 22.22  ? 211 TYR A O   1 
ATOM   572  C  CB  . TYR A 1 72  ? 5.260   2.614   1.672   1.00 24.46  ? 211 TYR A CB  1 
ATOM   573  C  CG  . TYR A 1 72  ? 4.456   1.345   1.547   1.00 21.80  ? 211 TYR A CG  1 
ATOM   574  C  CD1 . TYR A 1 72  ? 3.191   1.363   0.985   1.00 22.92  ? 211 TYR A CD1 1 
ATOM   575  C  CD2 . TYR A 1 72  ? 4.955   0.128   1.982   1.00 21.33  ? 211 TYR A CD2 1 
ATOM   576  C  CE1 . TYR A 1 72  ? 2.439   0.209   0.857   1.00 23.19  ? 211 TYR A CE1 1 
ATOM   577  C  CE2 . TYR A 1 72  ? 4.215   -1.037  1.861   1.00 21.87  ? 211 TYR A CE2 1 
ATOM   578  C  CZ  . TYR A 1 72  ? 2.953   -0.996  1.297   1.00 23.70  ? 211 TYR A CZ  1 
ATOM   579  O  OH  . TYR A 1 72  ? 2.202   -2.131  1.175   1.00 23.21  ? 211 TYR A OH  1 
ATOM   580  N  N   . GLN A 1 73  ? 7.005   5.193   0.795   1.00 22.88  ? 212 GLN A N   1 
ATOM   581  C  CA  . GLN A 1 73  ? 7.369   6.591   1.040   1.00 23.24  ? 212 GLN A CA  1 
ATOM   582  C  C   . GLN A 1 73  ? 7.100   7.423   -0.219  1.00 24.84  ? 212 GLN A C   1 
ATOM   583  O  O   . GLN A 1 73  ? 6.600   8.544   -0.135  1.00 24.82  ? 212 GLN A O   1 
ATOM   584  C  CB  . GLN A 1 73  ? 8.832   6.709   1.476   1.00 24.80  ? 212 GLN A CB  1 
ATOM   585  C  CG  . GLN A 1 73  ? 9.069   6.328   2.932   1.00 28.66  ? 212 GLN A CG  1 
ATOM   586  C  CD  . GLN A 1 73  ? 10.532  6.366   3.304   1.00 32.32  ? 212 GLN A CD  1 
ATOM   587  O  OE1 . GLN A 1 73  ? 11.414  6.273   2.454   1.00 36.48  ? 212 GLN A OE1 1 
ATOM   588  N  NE2 . GLN A 1 73  ? 10.800  6.490   4.594   1.00 39.53  ? 212 GLN A NE2 1 
ATOM   589  N  N   . ARG A 1 74  ? 7.418   6.868   -1.393  1.00 23.33  ? 213 ARG A N   1 
ATOM   590  C  CA  . ARG A 1 74  ? 7.383   7.652   -2.618  1.00 23.98  ? 213 ARG A CA  1 
ATOM   591  C  C   . ARG A 1 74  ? 5.954   7.687   -3.178  1.00 26.27  ? 213 ARG A C   1 
ATOM   592  O  O   . ARG A 1 74  ? 5.599   8.619   -3.894  1.00 25.70  ? 213 ARG A O   1 
ATOM   593  C  CB  . ARG A 1 74  ? 8.441   7.133   -3.596  1.00 21.95  ? 213 ARG A CB  1 
ATOM   594  C  CG  . ARG A 1 74  ? 9.862   7.411   -3.125  1.00 24.57  ? 213 ARG A CG  1 
ATOM   595  C  CD  . ARG A 1 74  ? 10.940  6.805   -3.999  1.00 25.90  ? 213 ARG A CD  1 
ATOM   596  N  NE  . ARG A 1 74  ? 11.019  7.435   -5.308  1.00 25.89  ? 213 ARG A NE  1 
ATOM   597  C  CZ  . ARG A 1 74  ? 11.824  7.028   -6.280  1.00 26.33  ? 213 ARG A CZ  1 
ATOM   598  N  NH1 . ARG A 1 74  ? 12.651  6.019   -6.066  1.00 25.86  ? 213 ARG A NH1 1 
ATOM   599  N  NH2 . ARG A 1 74  ? 11.793  7.624   -7.460  1.00 27.36  ? 213 ARG A NH2 1 
ATOM   600  N  N   . LEU A 1 75  ? 5.127   6.697   -2.826  1.00 21.77  ? 214 LEU A N   1 
ATOM   601  C  CA  . LEU A 1 75  ? 3.700   6.799   -3.100  1.00 22.46  ? 214 LEU A CA  1 
ATOM   602  C  C   . LEU A 1 75  ? 3.112   7.896   -2.203  1.00 23.05  ? 214 LEU A C   1 
ATOM   603  O  O   . LEU A 1 75  ? 2.313   8.716   -2.648  1.00 24.23  ? 214 LEU A O   1 
ATOM   604  C  CB  . LEU A 1 75  ? 3.013   5.452   -2.854  1.00 23.66  ? 214 LEU A CB  1 
ATOM   605  C  CG  . LEU A 1 75  ? 3.265   4.374   -3.912  1.00 24.44  ? 214 LEU A CG  1 
ATOM   606  C  CD1 . LEU A 1 75  ? 2.555   3.083   -3.542  1.00 25.96  ? 214 LEU A CD1 1 
ATOM   607  C  CD2 . LEU A 1 75  ? 2.830   4.842   -5.292  1.00 26.25  ? 214 LEU A CD2 1 
ATOM   608  N  N   . HIS A 1 76  ? 3.544   7.912   -0.939  1.00 24.02  ? 215 HIS A N   1 
ATOM   609  C  CA  . HIS A 1 76  ? 3.002   8.835   0.053   1.00 24.14  ? 215 HIS A CA  1 
ATOM   610  C  C   . HIS A 1 76  ? 3.287   10.285  -0.362  1.00 26.28  ? 215 HIS A C   1 
ATOM   611  O  O   . HIS A 1 76  ? 2.427   11.156  -0.208  1.00 26.85  ? 215 HIS A O   1 
ATOM   612  C  CB  . HIS A 1 76  ? 3.555   8.508   1.446   1.00 25.01  ? 215 HIS A CB  1 
ATOM   613  C  CG  . HIS A 1 76  ? 2.830   9.201   2.549   1.00 23.74  ? 215 HIS A CG  1 
ATOM   614  N  ND1 . HIS A 1 76  ? 3.183   10.466  2.982   1.00 27.64  ? 215 HIS A ND1 1 
ATOM   615  C  CD2 . HIS A 1 76  ? 1.781   8.818   3.308   1.00 23.28  ? 215 HIS A CD2 1 
ATOM   616  C  CE1 . HIS A 1 76  ? 2.379   10.831  3.961   1.00 27.57  ? 215 HIS A CE1 1 
ATOM   617  N  NE2 . HIS A 1 76  ? 1.509   9.838   4.180   1.00 27.50  ? 215 HIS A NE2 1 
ATOM   618  N  N   . SER A 1 77  ? 4.486   10.527  -0.901  1.00 25.77  ? 216 SER A N   1 
ATOM   619  C  CA  . SER A 1 77  ? 4.945   11.882  -1.231  1.00 26.39  ? 216 SER A CA  1 
ATOM   620  C  C   . SER A 1 77  ? 4.710   12.195  -2.713  1.00 29.39  ? 216 SER A C   1 
ATOM   621  O  O   . SER A 1 77  ? 5.167   13.223  -3.214  1.00 31.63  ? 216 SER A O   1 
ATOM   622  C  CB  . SER A 1 77  ? 6.397   12.059  -0.869  1.00 28.71  ? 216 SER A CB  1 
ATOM   623  O  OG  . SER A 1 77  ? 7.229   11.237  -1.676  1.00 31.71  ? 216 SER A OG  1 
ATOM   624  N  N   . ASP A 1 78  ? 3.996   11.309  -3.412  1.00 26.22  ? 217 ASP A N   1 
ATOM   625  C  CA  . ASP A 1 78  ? 3.858   11.414  -4.857  1.00 26.85  ? 217 ASP A CA  1 
ATOM   626  C  C   . ASP A 1 78  ? 3.075   12.684  -5.206  1.00 30.84  ? 217 ASP A C   1 
ATOM   627  O  O   . ASP A 1 78  ? 2.152   13.079  -4.494  1.00 32.18  ? 217 ASP A O   1 
ATOM   628  C  CB  . ASP A 1 78  ? 3.182   10.177  -5.450  1.00 25.23  ? 217 ASP A CB  1 
ATOM   629  C  CG  . ASP A 1 78  ? 3.497   9.961   -6.920  1.00 27.93  ? 217 ASP A CG  1 
ATOM   630  O  OD1 . ASP A 1 78  ? 4.343   10.710  -7.456  1.00 25.29  ? 217 ASP A OD1 1 
ATOM   631  O  OD2 . ASP A 1 78  ? 2.898   9.043   -7.515  1.00 24.74  ? 217 ASP A OD2 1 
ATOM   632  N  N   . LYS A 1 79  ? 3.470   13.304  -6.322  1.00 31.29  ? 218 LYS A N   1 
ATOM   633  C  CA  . LYS A 1 79  ? 2.791   14.462  -6.886  1.00 40.87  ? 218 LYS A CA  1 
ATOM   634  C  C   . LYS A 1 79  ? 2.445   14.164  -8.349  1.00 33.75  ? 218 LYS A C   1 
ATOM   635  O  O   . LYS A 1 79  ? 3.315   13.772  -9.132  1.00 33.11  ? 218 LYS A O   1 
ATOM   636  C  CB  . LYS A 1 79  ? 3.678   15.706  -6.782  1.00 47.20  ? 218 LYS A CB  1 
ATOM   637  C  CG  . LYS A 1 79  ? 4.036   16.135  -5.365  1.00 59.04  ? 218 LYS A CG  1 
ATOM   638  C  CD  . LYS A 1 79  ? 4.995   17.308  -5.317  1.00 72.75  ? 218 LYS A CD  1 
ATOM   639  C  CE  . LYS A 1 79  ? 5.401   17.689  -3.909  1.00 79.46  ? 218 LYS A CE  1 
ATOM   640  N  NZ  . LYS A 1 79  ? 4.243   18.155  -3.110  1.00 79.96  ? 218 LYS A NZ  1 
ATOM   641  N  N   . GLY A 1 80  ? 1.165   14.334  -8.692  1.00 33.19  ? 219 GLY A N   1 
ATOM   642  C  CA  . GLY A 1 80  ? 0.678   14.194  -10.058 1.00 38.16  ? 219 GLY A CA  1 
ATOM   643  C  C   . GLY A 1 80  ? 0.802   12.768  -10.568 1.00 37.67  ? 219 GLY A C   1 
ATOM   644  O  O   . GLY A 1 80  ? 0.722   12.528  -11.770 1.00 35.04  ? 219 GLY A O   1 
ATOM   645  N  N   . GLY A 1 81  ? 1.000   11.823  -9.642  1.00 35.80  ? 220 GLY A N   1 
ATOM   646  C  CA  . GLY A 1 81  ? 1.070   10.398  -9.959  1.00 29.69  ? 220 GLY A CA  1 
ATOM   647  C  C   . GLY A 1 81  ? 2.342   10.030  -10.706 1.00 26.33  ? 220 GLY A C   1 
ATOM   648  O  O   . GLY A 1 81  ? 2.387   9.009   -11.391 1.00 25.66  ? 220 GLY A O   1 
ATOM   649  N  N   . SER A 1 82  ? 3.384   10.853  -10.553 1.00 25.37  ? 221 SER A N   1 
ATOM   650  C  CA  . SER A 1 82  ? 4.644   10.689  -11.274 1.00 27.26  ? 221 SER A CA  1 
ATOM   651  C  C   . SER A 1 82  ? 5.344   9.388   -10.864 1.00 28.28  ? 221 SER A C   1 
ATOM   652  O  O   . SER A 1 82  ? 5.748   8.596   -11.717 1.00 28.77  ? 221 SER A O   1 
ATOM   653  C  CB  . SER A 1 82  ? 5.546   11.877  -11.062 1.00 36.59  ? 221 SER A CB  1 
ATOM   654  O  OG  . SER A 1 82  ? 5.031   13.021  -11.725 1.00 53.19  ? 221 SER A OG  1 
ATOM   655  N  N   . PHE A 1 83  ? 5.516   9.180   -9.555  1.00 24.08  ? 222 PHE A N   1 
ATOM   656  C  CA  . PHE A 1 83  ? 6.215   7.997   -9.084  1.00 23.56  ? 222 PHE A CA  1 
ATOM   657  C  C   . PHE A 1 83  ? 5.369   6.752   -9.367  1.00 23.37  ? 222 PHE A C   1 
ATOM   658  O  O   . PHE A 1 83  ? 5.888   5.714   -9.768  1.00 23.63  ? 222 PHE A O   1 
ATOM   659  C  CB  . PHE A 1 83  ? 6.542   8.069   -7.593  1.00 24.76  ? 222 PHE A CB  1 
ATOM   660  C  CG  . PHE A 1 83  ? 7.091   6.771   -7.061  1.00 22.65  ? 222 PHE A CG  1 
ATOM   661  C  CD1 . PHE A 1 83  ? 8.375   6.363   -7.381  1.00 22.04  ? 222 PHE A CD1 1 
ATOM   662  C  CD2 . PHE A 1 83  ? 6.311   5.939   -6.272  1.00 23.24  ? 222 PHE A CD2 1 
ATOM   663  C  CE1 . PHE A 1 83  ? 8.875   5.159   -6.909  1.00 24.12  ? 222 PHE A CE1 1 
ATOM   664  C  CE2 . PHE A 1 83  ? 6.814   4.737   -5.802  1.00 24.07  ? 222 PHE A CE2 1 
ATOM   665  C  CZ  . PHE A 1 83  ? 8.094   4.351   -6.117  1.00 23.57  ? 222 PHE A CZ  1 
ATOM   666  N  N   . GLU A 1 84  ? 4.061   6.876   -9.135  1.00 23.02  ? 223 GLU A N   1 
ATOM   667  C  CA  . GLU A 1 84  ? 3.109   5.806   -9.368  1.00 23.06  ? 223 GLU A CA  1 
ATOM   668  C  C   . GLU A 1 84  ? 3.244   5.307   -10.814 1.00 24.48  ? 223 GLU A C   1 
ATOM   669  O  O   . GLU A 1 84  ? 3.283   4.100   -11.063 1.00 20.77  ? 223 GLU A O   1 
ATOM   670  C  CB  . GLU A 1 84  ? 1.703   6.316   -9.052  1.00 22.58  ? 223 GLU A CB  1 
ATOM   671  C  CG  . GLU A 1 84  ? 0.597   5.337   -9.372  1.00 23.00  ? 223 GLU A CG  1 
ATOM   672  C  CD  . GLU A 1 84  ? -0.793  5.923   -9.200  1.00 26.90  ? 223 GLU A CD  1 
ATOM   673  O  OE1 . GLU A 1 84  ? -0.984  6.721   -8.258  1.00 27.14  ? 223 GLU A OE1 1 
ATOM   674  O  OE2 . GLU A 1 84  ? -1.677  5.594   -10.009 1.00 28.45  ? 223 GLU A OE2 1 
ATOM   675  N  N   . ALA A 1 85  ? 3.337   6.244   -11.763 1.00 21.80  ? 224 ALA A N   1 
ATOM   676  C  CA  . ALA A 1 85  ? 3.415   5.900   -13.187 1.00 24.41  ? 224 ALA A CA  1 
ATOM   677  C  C   . ALA A 1 85  ? 4.757   5.221   -13.495 1.00 22.53  ? 224 ALA A C   1 
ATOM   678  O  O   . ALA A 1 85  ? 4.814   4.273   -14.280 1.00 23.62  ? 224 ALA A O   1 
ATOM   679  C  CB  . ALA A 1 85  ? 3.207   7.132   -14.033 1.00 23.00  ? 224 ALA A CB  1 
ATOM   680  N  N   . ALA A 1 86  ? 5.829   5.701   -12.861 1.00 21.88  ? 225 ALA A N   1 
ATOM   681  C  CA  . ALA A 1 86  ? 7.160   5.119   -13.031 1.00 23.89  ? 225 ALA A CA  1 
ATOM   682  C  C   . ALA A 1 86  ? 7.183   3.695   -12.463 1.00 24.81  ? 225 ALA A C   1 
ATOM   683  O  O   . ALA A 1 86  ? 7.788   2.798   -13.042 1.00 22.66  ? 225 ALA A O   1 
ATOM   684  C  CB  . ALA A 1 86  ? 8.196   5.987   -12.362 1.00 23.48  ? 225 ALA A CB  1 
ATOM   685  N  N   . LEU A 1 87  ? 6.534   3.508   -11.308 1.00 23.22  ? 226 LEU A N   1 
ATOM   686  C  CA  . LEU A 1 87  ? 6.465   2.213   -10.643 1.00 22.86  ? 226 LEU A CA  1 
ATOM   687  C  C   . LEU A 1 87  ? 5.739   1.214   -11.552 1.00 21.32  ? 226 LEU A C   1 
ATOM   688  O  O   . LEU A 1 87  ? 6.214   0.092   -11.765 1.00 21.87  ? 226 LEU A O   1 
ATOM   689  C  CB  . LEU A 1 87  ? 5.732   2.379   -9.309  1.00 23.07  ? 226 LEU A CB  1 
ATOM   690  C  CG  . LEU A 1 87  ? 5.559   1.105   -8.482  1.00 22.09  ? 226 LEU A CG  1 
ATOM   691  C  CD1 . LEU A 1 87  ? 6.904   0.563   -8.036  1.00 27.53  ? 226 LEU A CD1 1 
ATOM   692  C  CD2 . LEU A 1 87  ? 4.670   1.364   -7.276  1.00 25.35  ? 226 LEU A CD2 1 
ATOM   693  N  N   . TRP A 1 88  ? 4.583   1.632   -12.073 1.00 19.78  ? 227 TRP A N   1 
ATOM   694  C  CA  . TRP A 1 88  ? 3.781   0.795   -12.954 1.00 21.12  ? 227 TRP A CA  1 
ATOM   695  C  C   . TRP A 1 88  ? 4.612   0.364   -14.168 1.00 22.31  ? 227 TRP A C   1 
ATOM   696  O  O   . TRP A 1 88  ? 4.558   -0.790  -14.587 1.00 21.36  ? 227 TRP A O   1 
ATOM   697  C  CB  . TRP A 1 88  ? 2.511   1.520   -13.403 1.00 23.20  ? 227 TRP A CB  1 
ATOM   698  C  CG  . TRP A 1 88  ? 1.735   0.739   -14.417 1.00 24.69  ? 227 TRP A CG  1 
ATOM   699  C  CD1 . TRP A 1 88  ? 1.768   0.880   -15.775 1.00 31.64  ? 227 TRP A CD1 1 
ATOM   700  C  CD2 . TRP A 1 88  ? 0.834   -0.348  -14.148 1.00 25.69  ? 227 TRP A CD2 1 
ATOM   701  N  NE1 . TRP A 1 88  ? 0.933   -0.029  -16.367 1.00 30.92  ? 227 TRP A NE1 1 
ATOM   702  C  CE2 . TRP A 1 88  ? 0.346   -0.795  -15.395 1.00 30.79  ? 227 TRP A CE2 1 
ATOM   703  C  CE3 . TRP A 1 88  ? 0.381   -0.971  -12.982 1.00 25.41  ? 227 TRP A CE3 1 
ATOM   704  C  CZ2 . TRP A 1 88  ? -0.567  -1.844  -15.501 1.00 35.13  ? 227 TRP A CZ2 1 
ATOM   705  C  CZ3 . TRP A 1 88  ? -0.523  -2.004  -13.088 1.00 28.46  ? 227 TRP A CZ3 1 
ATOM   706  C  CH2 . TRP A 1 88  ? -0.986  -2.433  -14.332 1.00 29.91  ? 227 TRP A CH2 1 
ATOM   707  N  N   . GLN A 1 89  ? 5.348   1.321   -14.739 1.00 21.79  ? 228 GLN A N   1 
ATOM   708  C  CA  . GLN A 1 89  ? 6.102   1.099   -15.970 1.00 22.77  ? 228 GLN A CA  1 
ATOM   709  C  C   . GLN A 1 89  ? 7.270   0.138   -15.712 1.00 22.06  ? 228 GLN A C   1 
ATOM   710  O  O   . GLN A 1 89  ? 7.542   -0.752  -16.520 1.00 22.80  ? 228 GLN A O   1 
ATOM   711  C  CB  . GLN A 1 89  ? 6.602   2.439   -16.506 1.00 25.36  ? 228 GLN A CB  1 
ATOM   712  C  CG  . GLN A 1 89  ? 7.556   2.321   -17.681 1.00 31.96  ? 228 GLN A CG  1 
ATOM   713  C  CD  . GLN A 1 89  ? 8.268   3.632   -17.905 1.00 36.85  ? 228 GLN A CD  1 
ATOM   714  O  OE1 . GLN A 1 89  ? 9.077   4.066   -17.086 1.00 37.77  ? 228 GLN A OE1 1 
ATOM   715  N  NE2 . GLN A 1 89  ? 7.953   4.280   -19.013 1.00 36.91  ? 228 GLN A NE2 1 
ATOM   716  N  N   . GLN A 1 90  ? 7.964   0.333   -14.587 1.00 19.60  ? 229 GLN A N   1 
ATOM   717  C  CA  . GLN A 1 90  ? 9.187   -0.397  -14.296 1.00 19.68  ? 229 GLN A CA  1 
ATOM   718  C  C   . GLN A 1 90  ? 8.874   -1.833  -13.854 1.00 22.53  ? 229 GLN A C   1 
ATOM   719  O  O   . GLN A 1 90  ? 9.532   -2.767  -14.284 1.00 20.54  ? 229 GLN A O   1 
ATOM   720  C  CB  . GLN A 1 90  ? 10.005  0.344   -13.240 1.00 24.57  ? 229 GLN A CB  1 
ATOM   721  C  CG  . GLN A 1 90  ? 10.647  1.613   -13.777 1.00 23.27  ? 229 GLN A CG  1 
ATOM   722  C  CD  . GLN A 1 90  ? 11.483  1.326   -15.000 1.00 24.87  ? 229 GLN A CD  1 
ATOM   723  O  OE1 . GLN A 1 90  ? 12.230  0.350   -15.049 1.00 24.28  ? 229 GLN A OE1 1 
ATOM   724  N  NE2 . GLN A 1 90  ? 11.354  2.177   -16.004 1.00 24.82  ? 229 GLN A NE2 1 
ATOM   725  N  N   . TRP A 1 91  ? 7.880   -2.002  -12.980 1.00 21.81  ? 230 TRP A N   1 
ATOM   726  C  CA  . TRP A 1 91  ? 7.635   -3.304  -12.366 1.00 20.25  ? 230 TRP A CA  1 
ATOM   727  C  C   . TRP A 1 91  ? 6.902   -4.237  -13.333 1.00 18.14  ? 230 TRP A C   1 
ATOM   728  O  O   . TRP A 1 91  ? 6.101   -3.807  -14.158 1.00 21.87  ? 230 TRP A O   1 
ATOM   729  C  CB  . TRP A 1 91  ? 6.843   -3.152  -11.063 1.00 20.13  ? 230 TRP A CB  1 
ATOM   730  C  CG  . TRP A 1 91  ? 7.681   -2.770  -9.885  1.00 20.32  ? 230 TRP A CG  1 
ATOM   731  C  CD1 . TRP A 1 91  ? 8.915   -2.188  -9.894  1.00 22.75  ? 230 TRP A CD1 1 
ATOM   732  C  CD2 . TRP A 1 91  ? 7.320   -2.928  -8.504  1.00 19.51  ? 230 TRP A CD2 1 
ATOM   733  N  NE1 . TRP A 1 91  ? 9.349   -1.980  -8.613  1.00 23.42  ? 230 TRP A NE1 1 
ATOM   734  C  CE2 . TRP A 1 91  ? 8.391   -2.425  -7.738  1.00 19.90  ? 230 TRP A CE2 1 
ATOM   735  C  CE3 . TRP A 1 91  ? 6.199   -3.443  -7.846  1.00 21.31  ? 230 TRP A CE3 1 
ATOM   736  C  CZ2 . TRP A 1 91  ? 8.372   -2.427  -6.345  1.00 22.42  ? 230 TRP A CZ2 1 
ATOM   737  C  CZ3 . TRP A 1 91  ? 6.182   -3.446  -6.469  1.00 22.81  ? 230 TRP A CZ3 1 
ATOM   738  C  CH2 . TRP A 1 91  ? 7.255   -2.944  -5.733  1.00 22.28  ? 230 TRP A CH2 1 
ATOM   739  N  N   . ASP A 1 92  ? 7.167   -5.535  -13.166 1.00 21.16  ? 231 ASP A N   1 
ATOM   740  C  CA  . ASP A 1 92  ? 6.461   -6.589  -13.864 1.00 23.19  ? 231 ASP A CA  1 
ATOM   741  C  C   . ASP A 1 92  ? 5.090   -6.797  -13.209 1.00 21.51  ? 231 ASP A C   1 
ATOM   742  O  O   . ASP A 1 92  ? 4.896   -6.499  -12.031 1.00 22.00  ? 231 ASP A O   1 
ATOM   743  C  CB  . ASP A 1 92  ? 7.256   -7.893  -13.824 1.00 21.81  ? 231 ASP A CB  1 
ATOM   744  C  CG  . ASP A 1 92  ? 7.439   -8.419  -12.412 1.00 23.00  ? 231 ASP A CG  1 
ATOM   745  O  OD1 . ASP A 1 92  ? 8.216   -7.804  -11.655 1.00 25.80  ? 231 ASP A OD1 1 
ATOM   746  O  OD2 . ASP A 1 92  ? 6.786   -9.423  -12.074 1.00 27.84  ? 231 ASP A OD2 1 
ATOM   747  N  N   . ARG A 1 93  ? 4.162   -7.344  -13.996 1.00 22.71  ? 232 ARG A N   1 
ATOM   748  C  CA  . ARG A 1 93  ? 2.785   -7.562  -13.599 1.00 21.13  ? 232 ARG A CA  1 
ATOM   749  C  C   . ARG A 1 93  ? 2.713   -8.388  -12.308 1.00 20.98  ? 232 ARG A C   1 
ATOM   750  O  O   . ARG A 1 93  ? 1.956   -8.052  -11.402 1.00 21.96  ? 232 ARG A O   1 
ATOM   751  C  CB  . ARG A 1 93  ? 2.035   -8.263  -14.733 1.00 23.14  ? 232 ARG A CB  1 
ATOM   752  C  CG  . ARG A 1 93  ? 0.669   -8.802  -14.340 1.00 27.11  ? 232 ARG A CG  1 
ATOM   753  C  CD  . ARG A 1 93  ? -0.048  -9.439  -15.513 1.00 27.20  ? 232 ARG A CD  1 
ATOM   754  N  NE  . ARG A 1 93  ? -1.211  -10.188 -15.067 1.00 28.49  ? 232 ARG A NE  1 
ATOM   755  C  CZ  . ARG A 1 93  ? -2.436  -9.691  -14.965 1.00 28.70  ? 232 ARG A CZ  1 
ATOM   756  N  NH1 . ARG A 1 93  ? -2.689  -8.453  -15.356 1.00 27.32  ? 232 ARG A NH1 1 
ATOM   757  N  NH2 . ARG A 1 93  ? -3.406  -10.438 -14.469 1.00 29.43  ? 232 ARG A NH2 1 
ATOM   758  N  N   . GLN A 1 94  ? 3.495   -9.469  -12.235 1.00 20.96  ? 233 GLN A N   1 
ATOM   759  C  CA  . GLN A 1 94  ? 3.429   -10.388 -11.094 1.00 23.25  ? 233 GLN A CA  1 
ATOM   760  C  C   . GLN A 1 94  ? 3.805   -9.649  -9.803  1.00 21.14  ? 233 GLN A C   1 
ATOM   761  O  O   . GLN A 1 94  ? 3.126   -9.797  -8.777  1.00 22.65  ? 233 GLN A O   1 
ATOM   762  C  CB  . GLN A 1 94  ? 4.329   -11.602 -11.327 1.00 29.46  ? 233 GLN A CB  1 
ATOM   763  C  CG  . GLN A 1 94  ? 3.769   -12.570 -12.359 1.00 45.14  ? 233 GLN A CG  1 
ATOM   764  C  CD  . GLN A 1 94  ? 2.397   -13.071 -11.980 1.00 58.00  ? 233 GLN A CD  1 
ATOM   765  O  OE1 . GLN A 1 94  ? 2.140   -13.430 -10.832 1.00 66.76  ? 233 GLN A OE1 1 
ATOM   766  N  NE2 . GLN A 1 94  ? 1.499   -13.102 -12.952 1.00 52.29  ? 233 GLN A NE2 1 
ATOM   767  N  N   . SER A 1 95  ? 4.885   -8.861  -9.856  1.00 21.69  ? 234 SER A N   1 
ATOM   768  C  CA  . SER A 1 95  ? 5.355   -8.095  -8.699  1.00 20.95  ? 234 SER A CA  1 
ATOM   769  C  C   . SER A 1 95  ? 4.269   -7.116  -8.240  1.00 20.74  ? 234 SER A C   1 
ATOM   770  O  O   . SER A 1 95  ? 4.052   -6.933  -7.042  1.00 21.31  ? 234 SER A O   1 
ATOM   771  C  CB  . SER A 1 95  ? 6.639   -7.366  -9.000  1.00 22.08  ? 234 SER A CB  1 
ATOM   772  O  OG  . SER A 1 95  ? 7.697   -8.281  -9.235  1.00 25.01  ? 234 SER A OG  1 
ATOM   773  N  N   . LEU A 1 96  ? 3.614   -6.467  -9.204  1.00 18.07  ? 235 LEU A N   1 
ATOM   774  C  CA  . LEU A 1 96  ? 2.578   -5.491  -8.902  1.00 19.01  ? 235 LEU A CA  1 
ATOM   775  C  C   . LEU A 1 96  ? 1.384   -6.196  -8.247  1.00 21.54  ? 235 LEU A C   1 
ATOM   776  O  O   . LEU A 1 96  ? 0.845   -5.720  -7.253  1.00 21.35  ? 235 LEU A O   1 
ATOM   777  C  CB  . LEU A 1 96  ? 2.173   -4.771  -10.189 1.00 21.31  ? 235 LEU A CB  1 
ATOM   778  C  CG  . LEU A 1 96  ? 3.188   -3.751  -10.703 1.00 22.76  ? 235 LEU A CG  1 
ATOM   779  C  CD1 . LEU A 1 96  ? 3.002   -3.503  -12.193 1.00 26.97  ? 235 LEU A CD1 1 
ATOM   780  C  CD2 . LEU A 1 96  ? 3.084   -2.448  -9.920  1.00 24.19  ? 235 LEU A CD2 1 
ATOM   781  N  N   . ILE A 1 97  ? 0.982   -7.337  -8.811  1.00 19.94  ? 236 ILE A N   1 
ATOM   782  C  CA  . ILE A 1 97  ? -0.146  -8.095  -8.279  1.00 18.24  ? 236 ILE A CA  1 
ATOM   783  C  C   . ILE A 1 97  ? 0.145   -8.478  -6.824  1.00 20.43  ? 236 ILE A C   1 
ATOM   784  O  O   . ILE A 1 97  ? -0.715  -8.336  -5.949  1.00 21.57  ? 236 ILE A O   1 
ATOM   785  C  CB  . ILE A 1 97  ? -0.440  -9.335  -9.145  1.00 20.65  ? 236 ILE A CB  1 
ATOM   786  C  CG1 . ILE A 1 97  ? -1.163  -8.960  -10.439 1.00 24.24  ? 236 ILE A CG1 1 
ATOM   787  C  CG2 . ILE A 1 97  ? -1.218  -10.373 -8.349  1.00 21.28  ? 236 ILE A CG2 1 
ATOM   788  C  CD1 . ILE A 1 97  ? -1.306  -10.103 -11.411 1.00 25.10  ? 236 ILE A CD1 1 
ATOM   789  N  N   . MET A 1 98  ? 1.356   -8.973  -6.566  1.00 20.49  ? 237 MET A N   1 
ATOM   790  C  CA  . MET A 1 98  ? 1.699   -9.451  -5.229  1.00 21.11  ? 237 MET A CA  1 
ATOM   791  C  C   . MET A 1 98  ? 1.691   -8.276  -4.242  1.00 20.98  ? 237 MET A C   1 
ATOM   792  O  O   . MET A 1 98  ? 1.178   -8.395  -3.129  1.00 20.30  ? 237 MET A O   1 
ATOM   793  C  CB  . MET A 1 98  ? 3.065   -10.140 -5.220  1.00 23.56  ? 237 MET A CB  1 
ATOM   794  C  CG  . MET A 1 98  ? 3.073   -11.428 -6.016  1.00 30.00  ? 237 MET A CG  1 
ATOM   795  S  SD  . MET A 1 98  ? 4.546   -12.428 -5.708  1.00 39.35  ? 237 MET A SD  1 
ATOM   796  C  CE  . MET A 1 98  ? 4.187   -13.035 -4.062  1.00 44.90  ? 237 MET A CE  1 
ATOM   797  N  N   . PHE A 1 99  ? 2.245   -7.137  -4.665  1.00 19.67  ? 238 PHE A N   1 
ATOM   798  C  CA  . PHE A 1 99  ? 2.364   -5.968  -3.796  1.00 18.80  ? 238 PHE A CA  1 
ATOM   799  C  C   . PHE A 1 99  ? 0.969   -5.446  -3.428  1.00 18.70  ? 238 PHE A C   1 
ATOM   800  O  O   . PHE A 1 99  ? 0.683   -5.147  -2.262  1.00 20.40  ? 238 PHE A O   1 
ATOM   801  C  CB  . PHE A 1 99  ? 3.195   -4.877  -4.473  1.00 19.41  ? 238 PHE A CB  1 
ATOM   802  C  CG  . PHE A 1 99  ? 3.737   -3.846  -3.518  1.00 19.91  ? 238 PHE A CG  1 
ATOM   803  C  CD1 . PHE A 1 99  ? 2.954   -2.784  -3.100  1.00 21.12  ? 238 PHE A CD1 1 
ATOM   804  C  CD2 . PHE A 1 99  ? 5.027   -3.952  -3.024  1.00 21.34  ? 238 PHE A CD2 1 
ATOM   805  C  CE1 . PHE A 1 99  ? 3.455   -1.842  -2.216  1.00 22.18  ? 238 PHE A CE1 1 
ATOM   806  C  CE2 . PHE A 1 99  ? 5.527   -3.006  -2.142  1.00 21.85  ? 238 PHE A CE2 1 
ATOM   807  C  CZ  . PHE A 1 99  ? 4.738   -1.957  -1.738  1.00 24.02  ? 238 PHE A CZ  1 
ATOM   808  N  N   . ILE A 1 100 ? 0.100   -5.347  -4.435  1.00 19.14  ? 239 ILE A N   1 
ATOM   809  C  CA  . ILE A 1 100 ? -1.240  -4.808  -4.270  1.00 19.51  ? 239 ILE A CA  1 
ATOM   810  C  C   . ILE A 1 100 ? -2.072  -5.767  -3.407  1.00 19.47  ? 239 ILE A C   1 
ATOM   811  O  O   . ILE A 1 100 ? -2.806  -5.329  -2.530  1.00 21.24  ? 239 ILE A O   1 
ATOM   812  C  CB  . ILE A 1 100 ? -1.884  -4.540  -5.644  1.00 20.42  ? 239 ILE A CB  1 
ATOM   813  C  CG1 . ILE A 1 100 ? -1.204  -3.360  -6.345  1.00 20.76  ? 239 ILE A CG1 1 
ATOM   814  C  CG2 . ILE A 1 100 ? -3.385  -4.337  -5.512  1.00 19.96  ? 239 ILE A CG2 1 
ATOM   815  C  CD1 . ILE A 1 100 ? -1.620  -3.179  -7.785  1.00 22.42  ? 239 ILE A CD1 1 
ATOM   816  N  N   . THR A 1 101 ? -1.948  -7.072  -3.663  1.00 19.42  ? 240 THR A N   1 
ATOM   817  C  CA  . THR A 1 101 ? -2.651  -8.070  -2.864  1.00 20.73  ? 240 THR A CA  1 
ATOM   818  C  C   . THR A 1 101 ? -2.256  -7.904  -1.391  1.00 18.80  ? 240 THR A C   1 
ATOM   819  O  O   . THR A 1 101 ? -3.112  -7.877  -0.497  1.00 20.14  ? 240 THR A O   1 
ATOM   820  C  CB  . THR A 1 101 ? -2.358  -9.491  -3.356  1.00 21.04  ? 240 THR A CB  1 
ATOM   821  O  OG1 . THR A 1 101 ? -2.875  -9.609  -4.682  1.00 21.70  ? 240 THR A OG1 1 
ATOM   822  C  CG2 . THR A 1 101 ? -2.969  -10.553 -2.466  1.00 22.55  ? 240 THR A CG2 1 
ATOM   823  N  N   . ALA A 1 102 ? -0.948  -7.791  -1.146  1.00 19.35  ? 241 ALA A N   1 
ATOM   824  C  CA  . ALA A 1 102 ? -0.417  -7.668  0.207   1.00 19.11  ? 241 ALA A CA  1 
ATOM   825  C  C   . ALA A 1 102 ? -0.953  -6.387  0.858   1.00 22.43  ? 241 ALA A C   1 
ATOM   826  O  O   . ALA A 1 102 ? -1.426  -6.405  1.997   1.00 21.67  ? 241 ALA A O   1 
ATOM   827  C  CB  . ALA A 1 102 ? 1.090   -7.677  0.174   1.00 20.73  ? 241 ALA A CB  1 
ATOM   828  N  N   . PHE A 1 103 ? -0.879  -5.271  0.123   1.00 19.60  ? 242 PHE A N   1 
ATOM   829  C  CA  . PHE A 1 103 ? -1.309  -3.986  0.651   1.00 19.59  ? 242 PHE A CA  1 
ATOM   830  C  C   . PHE A 1 103 ? -2.781  -4.062  1.070   1.00 20.19  ? 242 PHE A C   1 
ATOM   831  O  O   . PHE A 1 103 ? -3.150  -3.624  2.155   1.00 19.89  ? 242 PHE A O   1 
ATOM   832  C  CB  . PHE A 1 103 ? -1.110  -2.860  -0.366  1.00 21.20  ? 242 PHE A CB  1 
ATOM   833  C  CG  . PHE A 1 103 ? -1.633  -1.530  0.116   1.00 19.15  ? 242 PHE A CG  1 
ATOM   834  C  CD1 . PHE A 1 103 ? -0.874  -0.740  0.964   1.00 20.02  ? 242 PHE A CD1 1 
ATOM   835  C  CD2 . PHE A 1 103 ? -2.896  -1.092  -0.242  1.00 20.69  ? 242 PHE A CD2 1 
ATOM   836  C  CE1 . PHE A 1 103 ? -1.359  0.478   1.419   1.00 22.19  ? 242 PHE A CE1 1 
ATOM   837  C  CE2 . PHE A 1 103 ? -3.378  0.124   0.214   1.00 20.37  ? 242 PHE A CE2 1 
ATOM   838  C  CZ  . PHE A 1 103 ? -2.610  0.905   1.044   1.00 21.12  ? 242 PHE A CZ  1 
ATOM   839  N  N   . LEU A 1 104 ? -3.627  -4.617  0.200   1.00 19.59  ? 243 LEU A N   1 
ATOM   840  C  CA  . LEU A 1 104 ? -5.058  -4.653  0.463   1.00 20.94  ? 243 LEU A CA  1 
ATOM   841  C  C   . LEU A 1 104 ? -5.339  -5.575  1.655   1.00 22.67  ? 243 LEU A C   1 
ATOM   842  O  O   . LEU A 1 104 ? -6.343  -5.408  2.342   1.00 22.27  ? 243 LEU A O   1 
ATOM   843  C  CB  . LEU A 1 104 ? -5.801  -5.105  -0.797  1.00 21.72  ? 243 LEU A CB  1 
ATOM   844  C  CG  . LEU A 1 104 ? -5.859  -4.069  -1.919  1.00 21.14  ? 243 LEU A CG  1 
ATOM   845  C  CD1 . LEU A 1 104 ? -6.496  -4.655  -3.168  1.00 23.18  ? 243 LEU A CD1 1 
ATOM   846  C  CD2 . LEU A 1 104 ? -6.609  -2.823  -1.472  1.00 22.85  ? 243 LEU A CD2 1 
ATOM   847  N  N   . ASN A 1 105 ? -4.427  -6.516  1.915   1.00 20.26  ? 244 ASN A N   1 
ATOM   848  C  CA  . ASN A 1 105 ? -4.578  -7.454  3.025   1.00 23.32  ? 244 ASN A CA  1 
ATOM   849  C  C   . ASN A 1 105 ? -4.224  -6.787  4.362   1.00 25.14  ? 244 ASN A C   1 
ATOM   850  O  O   . ASN A 1 105 ? -4.648  -7.261  5.412   1.00 28.32  ? 244 ASN A O   1 
ATOM   851  C  CB  . ASN A 1 105 ? -3.723  -8.708  2.835   1.00 20.24  ? 244 ASN A CB  1 
ATOM   852  C  CG  . ASN A 1 105 ? -4.389  -9.741  1.953   1.00 19.72  ? 244 ASN A CG  1 
ATOM   853  O  OD1 . ASN A 1 105 ? -5.611  -9.763  1.828   1.00 22.09  ? 244 ASN A OD1 1 
ATOM   854  N  ND2 . ASN A 1 105 ? -3.591  -10.602 1.343   1.00 21.46  ? 244 ASN A ND2 1 
ATOM   855  N  N   . ILE A 1 106 ? -3.445  -5.701  4.332   1.00 23.04  ? 245 ILE A N   1 
ATOM   856  C  CA  . ILE A 1 106 ? -2.907  -5.132  5.575   1.00 23.25  ? 245 ILE A CA  1 
ATOM   857  C  C   . ILE A 1 106 ? -3.480  -3.733  5.846   1.00 27.05  ? 245 ILE A C   1 
ATOM   858  O  O   . ILE A 1 106 ? -3.572  -3.326  7.003   1.00 27.27  ? 245 ILE A O   1 
ATOM   859  C  CB  . ILE A 1 106 ? -1.364  -5.109  5.555   1.00 23.42  ? 245 ILE A CB  1 
ATOM   860  C  CG1 . ILE A 1 106 ? -0.815  -4.110  4.535   1.00 22.75  ? 245 ILE A CG1 1 
ATOM   861  C  CG2 . ILE A 1 106 ? -0.804  -6.506  5.334   1.00 24.02  ? 245 ILE A CG2 1 
ATOM   862  C  CD1 . ILE A 1 106 ? 0.696   -4.076  4.457   1.00 23.62  ? 245 ILE A CD1 1 
ATOM   863  N  N   . ALA A 1 107 ? -3.855  -3.002  4.790   1.00 21.86  ? 246 ALA A N   1 
ATOM   864  C  CA  . ALA A 1 107 ? -4.090  -1.552  4.895   1.00 25.20  ? 246 ALA A CA  1 
ATOM   865  C  C   . ALA A 1 107 ? -5.342  -1.242  5.727   1.00 25.26  ? 246 ALA A C   1 
ATOM   866  O  O   . ALA A 1 107 ? -5.419  -0.188  6.355   1.00 31.52  ? 246 ALA A O   1 
ATOM   867  C  CB  . ALA A 1 107 ? -4.190  -0.945  3.518   1.00 28.84  ? 246 ALA A CB  1 
ATOM   868  N  N   . LEU A 1 108 ? -6.320  -2.150  5.712   1.00 26.38  ? 247 LEU A N   1 
ATOM   869  C  CA  . LEU A 1 108 ? -7.625  -1.894  6.319   1.00 29.41  ? 247 LEU A CA  1 
ATOM   870  C  C   . LEU A 1 108 ? -7.570  -2.150  7.830   1.00 34.27  ? 247 LEU A C   1 
ATOM   871  O  O   . LEU A 1 108 ? -8.439  -1.694  8.570   1.00 37.07  ? 247 LEU A O   1 
ATOM   872  C  CB  . LEU A 1 108 ? -8.666  -2.790  5.643   1.00 36.08  ? 247 LEU A CB  1 
ATOM   873  C  CG  . LEU A 1 108 ? -8.989  -2.421  4.195   1.00 41.42  ? 247 LEU A CG  1 
ATOM   874  C  CD1 . LEU A 1 108 ? -9.731  -3.548  3.495   1.00 42.64  ? 247 LEU A CD1 1 
ATOM   875  C  CD2 . LEU A 1 108 ? -9.791  -1.130  4.138   1.00 40.28  ? 247 LEU A CD2 1 
ATOM   876  N  N   . GLN A 1 109 ? -6.538  -2.869  8.281   1.00 27.66  ? 248 GLN A N   1 
ATOM   877  C  CA  . GLN A 1 109 ? -6.474  -3.329  9.666   1.00 28.38  ? 248 GLN A CA  1 
ATOM   878  C  C   . GLN A 1 109 ? -5.400  -2.554  10.439  1.00 26.38  ? 248 GLN A C   1 
ATOM   879  O  O   . GLN A 1 109 ? -5.317  -2.662  11.661  1.00 33.52  ? 248 GLN A O   1 
ATOM   880  C  CB  . GLN A 1 109 ? -6.235  -4.840  9.691   1.00 33.78  ? 248 GLN A CB  1 
ATOM   881  C  CG  . GLN A 1 109 ? -7.437  -5.640  9.206   1.00 47.14  ? 248 GLN A CG  1 
ATOM   882  C  CD  . GLN A 1 109 ? -7.053  -6.964  8.592   1.00 65.22  ? 248 GLN A CD  1 
ATOM   883  O  OE1 . GLN A 1 109 ? -5.879  -7.250  8.367   1.00 80.39  ? 248 GLN A OE1 1 
ATOM   884  N  NE2 . GLN A 1 109 ? -8.052  -7.784  8.307   1.00 44.56  ? 248 GLN A NE2 1 
ATOM   885  N  N   . LEU A 1 110 ? -4.591  -1.766  9.726   1.00 23.98  ? 249 LEU A N   1 
ATOM   886  C  CA  . LEU A 1 110 ? -3.511  -1.000  10.330  1.00 26.82  ? 249 LEU A CA  1 
ATOM   887  C  C   . LEU A 1 110 ? -4.029  0.376   10.744  1.00 25.50  ? 249 LEU A C   1 
ATOM   888  O  O   . LEU A 1 110 ? -4.758  1.026   9.995   1.00 26.45  ? 249 LEU A O   1 
ATOM   889  C  CB  . LEU A 1 110 ? -2.366  -0.873  9.321   1.00 31.00  ? 249 LEU A CB  1 
ATOM   890  C  CG  . LEU A 1 110 ? -0.993  -0.566  9.913   1.00 41.12  ? 249 LEU A CG  1 
ATOM   891  C  CD1 . LEU A 1 110 ? -0.470  -1.753  10.709  1.00 44.78  ? 249 LEU A CD1 1 
ATOM   892  C  CD2 . LEU A 1 110 ? -0.008  -0.181  8.820   1.00 42.28  ? 249 LEU A CD2 1 
ATOM   893  N  N   . PRO A 1 111 ? -3.693  0.860   11.960  1.00 26.92  ? 250 PRO A N   1 
ATOM   894  C  CA  . PRO A 1 111 ? -4.032  2.225   12.357  1.00 25.70  ? 250 PRO A CA  1 
ATOM   895  C  C   . PRO A 1 111 ? -3.413  3.240   11.382  1.00 26.25  ? 250 PRO A C   1 
ATOM   896  O  O   . PRO A 1 111 ? -2.285  3.051   10.935  1.00 27.44  ? 250 PRO A O   1 
ATOM   897  C  CB  . PRO A 1 111 ? -3.431  2.365   13.764  1.00 28.64  ? 250 PRO A CB  1 
ATOM   898  C  CG  . PRO A 1 111 ? -3.294  0.936   14.261  1.00 32.49  ? 250 PRO A CG  1 
ATOM   899  C  CD  . PRO A 1 111 ? -3.002  0.114   13.022  1.00 31.89  ? 250 PRO A CD  1 
ATOM   900  N  N   . CYS A 1 112 ? -4.151  4.309   11.063  1.00 28.95  ? 251 CYS A N   1 
ATOM   901  C  CA  . CYS A 1 112 ? -3.669  5.305   10.103  1.00 26.18  ? 251 CYS A CA  1 
ATOM   902  C  C   . CYS A 1 112 ? -2.859  6.390   10.823  1.00 25.40  ? 251 CYS A C   1 
ATOM   903  O  O   . CYS A 1 112 ? -2.165  7.182   10.187  1.00 28.33  ? 251 CYS A O   1 
ATOM   904  C  CB  . CYS A 1 112 ? -4.817  5.909   9.301   1.00 29.76  ? 251 CYS A CB  1 
ATOM   905  S  SG  . CYS A 1 112 ? -6.022  6.818   10.300  1.00 27.75  ? 251 CYS A SG  1 
ATOM   906  N  N   . GLU A 1 113 ? -2.942  6.402   12.159  1.00 27.13  ? 252 GLU A N   1 
ATOM   907  C  CA  . GLU A 1 113 ? -2.205  7.346   12.993  1.00 28.63  ? 252 GLU A CA  1 
ATOM   908  C  C   . GLU A 1 113 ? -1.617  6.591   14.193  1.00 32.13  ? 252 GLU A C   1 
ATOM   909  O  O   . GLU A 1 113 ? -2.232  5.656   14.703  1.00 36.57  ? 252 GLU A O   1 
ATOM   910  C  CB  . GLU A 1 113 ? -3.126  8.483   13.443  1.00 31.06  ? 252 GLU A CB  1 
ATOM   911  C  CG  . GLU A 1 113 ? -2.455  9.476   14.374  1.00 32.26  ? 252 GLU A CG  1 
ATOM   912  C  CD  . GLU A 1 113 ? -1.256  10.193  13.775  1.00 41.47  ? 252 GLU A CD  1 
ATOM   913  O  OE1 . GLU A 1 113 ? -1.455  10.999  12.847  1.00 36.28  ? 252 GLU A OE1 1 
ATOM   914  O  OE2 . GLU A 1 113 ? -0.125  9.935   14.233  1.00 40.68  ? 252 GLU A OE2 1 
ATOM   915  N  N   . SER A 1 114 ? -0.424  7.011   14.627  1.00 37.04  ? 253 SER A N   1 
ATOM   916  C  CA  . SER A 1 114 ? 0.322   6.319   15.681  1.00 50.09  ? 253 SER A CA  1 
ATOM   917  C  C   . SER A 1 114 ? 0.379   7.176   16.950  1.00 48.46  ? 253 SER A C   1 
ATOM   918  O  O   . SER A 1 114 ? 0.370   6.647   18.063  1.00 50.58  ? 253 SER A O   1 
ATOM   919  C  CB  . SER A 1 114 ? 1.707   5.962   15.210  1.00 49.42  ? 253 SER A CB  1 
ATOM   920  O  OG  . SER A 1 114 ? 2.460   7.130   14.921  1.00 63.22  ? 253 SER A OG  1 
ATOM   921  N  N   . SER A 1 115 ? 0.449   8.497   16.761  1.00 38.95  ? 254 SER A N   1 
ATOM   922  C  CA  . SER A 1 115 ? 0.579   9.452   17.857  1.00 48.89  ? 254 SER A CA  1 
ATOM   923  C  C   . SER A 1 115 ? -0.227  8.974   19.070  1.00 51.25  ? 254 SER A C   1 
ATOM   924  O  O   . SER A 1 115 ? -1.446  8.808   18.993  1.00 46.01  ? 254 SER A O   1 
ATOM   925  C  CB  . SER A 1 115 ? 0.154   10.831  17.428  1.00 52.96  ? 254 SER A CB  1 
ATOM   926  O  OG  . SER A 1 115 ? 0.250   11.748  18.507  1.00 54.10  ? 254 SER A OG  1 
ATOM   927  N  N   . ALA A 1 116 ? 0.475   8.760   20.187  1.00 58.80  ? 255 ALA A N   1 
ATOM   928  C  CA  . ALA A 1 116 ? -0.123  8.274   21.425  1.00 58.06  ? 255 ALA A CA  1 
ATOM   929  C  C   . ALA A 1 116 ? -1.204  9.251   21.898  1.00 54.90  ? 255 ALA A C   1 
ATOM   930  O  O   . ALA A 1 116 ? -2.315  8.844   22.240  1.00 56.66  ? 255 ALA A O   1 
ATOM   931  C  CB  . ALA A 1 116 ? 0.948   8.088   22.472  1.00 60.44  ? 255 ALA A CB  1 
ATOM   932  N  N   . VAL A 1 117 ? -0.857  10.542  21.916  1.00 49.94  ? 256 VAL A N   1 
ATOM   933  C  CA  . VAL A 1 117 ? -1.758  11.597  22.362  1.00 61.71  ? 256 VAL A CA  1 
ATOM   934  C  C   . VAL A 1 117 ? -3.072  11.490  21.579  1.00 58.09  ? 256 VAL A C   1 
ATOM   935  O  O   . VAL A 1 117 ? -4.153  11.472  22.168  1.00 58.87  ? 256 VAL A O   1 
ATOM   936  C  CB  . VAL A 1 117 ? -1.121  12.991  22.200  1.00 60.87  ? 256 VAL A CB  1 
ATOM   937  C  CG1 . VAL A 1 117 ? -0.360  13.121  20.889  1.00 61.45  ? 256 VAL A CG1 1 
ATOM   938  C  CG2 . VAL A 1 117 ? -2.153  14.101  22.333  1.00 65.91  ? 256 VAL A CG2 1 
ATOM   939  N  N   . VAL A 1 118 ? -2.956  11.415  20.249  1.00 53.94  ? 257 VAL A N   1 
ATOM   940  C  CA  . VAL A 1 118 ? -4.106  11.388  19.352  1.00 36.72  ? 257 VAL A CA  1 
ATOM   941  C  C   . VAL A 1 118 ? -4.941  10.134  19.638  1.00 37.05  ? 257 VAL A C   1 
ATOM   942  O  O   . VAL A 1 118 ? -6.160  10.210  19.759  1.00 38.21  ? 257 VAL A O   1 
ATOM   943  C  CB  . VAL A 1 118 ? -3.670  11.438  17.875  1.00 40.02  ? 257 VAL A CB  1 
ATOM   944  C  CG1 . VAL A 1 118 ? -4.788  10.990  16.945  1.00 35.72  ? 257 VAL A CG1 1 
ATOM   945  C  CG2 . VAL A 1 118 ? -3.160  12.815  17.482  1.00 46.36  ? 257 VAL A CG2 1 
ATOM   946  N  N   . VAL A 1 119 ? -4.267  8.982   19.736  1.00 43.48  ? 258 VAL A N   1 
ATOM   947  C  CA  . VAL A 1 119 ? -4.929  7.686   19.886  1.00 43.40  ? 258 VAL A CA  1 
ATOM   948  C  C   . VAL A 1 119 ? -5.752  7.685   21.180  1.00 43.04  ? 258 VAL A C   1 
ATOM   949  O  O   . VAL A 1 119 ? -6.873  7.176   21.212  1.00 47.49  ? 258 VAL A O   1 
ATOM   950  C  CB  . VAL A 1 119 ? -3.915  6.527   19.865  1.00 50.08  ? 258 VAL A CB  1 
ATOM   951  C  CG1 . VAL A 1 119 ? -4.572  5.195   20.195  1.00 45.78  ? 258 VAL A CG1 1 
ATOM   952  C  CG2 . VAL A 1 119 ? -3.181  6.446   18.535  1.00 52.33  ? 258 VAL A CG2 1 
ATOM   953  N  N   . SER A 1 120 ? -5.175  8.255   22.243  1.00 42.92  ? 259 SER A N   1 
ATOM   954  C  CA  . SER A 1 120 ? -5.818  8.323   23.550  1.00 58.15  ? 259 SER A CA  1 
ATOM   955  C  C   . SER A 1 120 ? -7.153  9.069   23.431  1.00 55.65  ? 259 SER A C   1 
ATOM   956  O  O   . SER A 1 120 ? -8.204  8.545   23.799  1.00 56.48  ? 259 SER A O   1 
ATOM   957  C  CB  . SER A 1 120 ? -4.897  8.995   24.541  1.00 57.07  ? 259 SER A CB  1 
ATOM   958  N  N   . GLY A 1 121 ? -7.090  10.294  22.898  1.00 58.07  ? 260 GLY A N   1 
ATOM   959  C  CA  . GLY A 1 121 ? -8.249  11.170  22.769  1.00 54.36  ? 260 GLY A CA  1 
ATOM   960  C  C   . GLY A 1 121 ? -9.364  10.463  21.989  1.00 52.55  ? 260 GLY A C   1 
ATOM   961  O  O   . GLY A 1 121 ? -10.521 10.469  22.407  1.00 55.86  ? 260 GLY A O   1 
ATOM   962  N  N   . LEU A 1 122 ? -9.001  9.854   20.857  1.00 48.47  ? 261 LEU A N   1 
ATOM   963  C  CA  . LEU A 1 122 ? -9.968  9.282   19.926  1.00 47.00  ? 261 LEU A CA  1 
ATOM   964  C  C   . LEU A 1 122 ? -10.642 8.051   20.544  1.00 52.11  ? 261 LEU A C   1 
ATOM   965  O  O   . LEU A 1 122 ? -11.768 7.711   20.182  1.00 46.57  ? 261 LEU A O   1 
ATOM   966  C  CB  . LEU A 1 122 ? -9.254  8.926   18.618  1.00 52.71  ? 261 LEU A CB  1 
ATOM   967  C  CG  . LEU A 1 122 ? -8.772  10.120  17.796  1.00 53.51  ? 261 LEU A CG  1 
ATOM   968  C  CD1 . LEU A 1 122 ? -8.212  9.668   16.456  1.00 55.92  ? 261 LEU A CD1 1 
ATOM   969  C  CD2 . LEU A 1 122 ? -9.895  11.128  17.593  1.00 48.76  ? 261 LEU A CD2 1 
ATOM   970  N  N   . ARG A 1 123 ? -9.944  7.392   21.475  1.00 61.55  ? 262 ARG A N   1 
ATOM   971  C  CA  . ARG A 1 123 ? -10.431 6.162   22.097  1.00 63.99  ? 262 ARG A CA  1 
ATOM   972  C  C   . ARG A 1 123 ? -11.714 6.446   22.887  1.00 61.22  ? 262 ARG A C   1 
ATOM   973  O  O   . ARG A 1 123 ? -12.604 5.596   22.971  1.00 54.90  ? 262 ARG A O   1 
ATOM   974  C  CB  . ARG A 1 123 ? -9.358  5.572   22.981  1.00 65.62  ? 262 ARG A CB  1 
ATOM   975  N  N   . THR A 1 124 ? -11.799 7.655   23.451  1.00 56.56  ? 263 THR A N   1 
ATOM   976  C  CA  . THR A 1 124 ? -12.886 8.043   24.343  1.00 49.64  ? 263 THR A CA  1 
ATOM   977  C  C   . THR A 1 124 ? -14.139 8.394   23.530  1.00 49.22  ? 263 THR A C   1 
ATOM   978  O  O   . THR A 1 124 ? -15.202 8.637   24.102  1.00 43.55  ? 263 THR A O   1 
ATOM   979  C  CB  . THR A 1 124 ? -12.466 9.220   25.235  1.00 53.77  ? 263 THR A CB  1 
ATOM   980  O  OG1 . THR A 1 124 ? -12.840 10.433  24.582  1.00 54.61  ? 263 THR A OG1 1 
ATOM   981  C  CG2 . THR A 1 124 ? -10.982 9.231   25.531  1.00 54.41  ? 263 THR A CG2 1 
ATOM   982  N  N   . LEU A 1 125 ? -14.001 8.417   22.199  1.00 41.88  ? 264 LEU A N   1 
ATOM   983  C  CA  . LEU A 1 125 ? -15.089 8.789   21.292  1.00 41.28  ? 264 LEU A CA  1 
ATOM   984  C  C   . LEU A 1 125 ? -15.676 7.545   20.617  1.00 47.59  ? 264 LEU A C   1 
ATOM   985  O  O   . LEU A 1 125 ? -16.862 7.513   20.285  1.00 34.67  ? 264 LEU A O   1 
ATOM   986  C  CB  . LEU A 1 125 ? -14.551 9.753   20.231  1.00 40.10  ? 264 LEU A CB  1 
ATOM   987  C  CG  . LEU A 1 125 ? -14.143 11.136  20.733  1.00 33.47  ? 264 LEU A CG  1 
ATOM   988  C  CD1 . LEU A 1 125 ? -13.611 11.979  19.587  1.00 36.31  ? 264 LEU A CD1 1 
ATOM   989  C  CD2 . LEU A 1 125 ? -15.310 11.832  21.419  1.00 32.98  ? 264 LEU A CD2 1 
ATOM   990  N  N   . VAL A 1 126 ? -14.826 6.538   20.386  1.00 46.21  ? 265 VAL A N   1 
ATOM   991  C  CA  . VAL A 1 126 ? -15.200 5.365   19.602  1.00 58.34  ? 265 VAL A CA  1 
ATOM   992  C  C   . VAL A 1 126 ? -16.457 4.747   20.208  1.00 52.23  ? 265 VAL A C   1 
ATOM   993  O  O   . VAL A 1 126 ? -16.498 4.454   21.401  1.00 52.02  ? 265 VAL A O   1 
ATOM   994  C  CB  . VAL A 1 126 ? -14.050 4.343   19.522  1.00 54.28  ? 265 VAL A CB  1 
ATOM   995  C  CG1 . VAL A 1 126 ? -14.471 3.081   18.784  1.00 56.80  ? 265 VAL A CG1 1 
ATOM   996  C  CG2 . VAL A 1 126 ? -12.806 4.944   18.885  1.00 54.68  ? 265 VAL A CG2 1 
ATOM   997  N  N   . PRO A 1 127 ? -17.523 4.545   19.401  1.00 58.19  ? 266 PRO A N   1 
ATOM   998  C  CA  . PRO A 1 127 ? -18.761 3.937   19.887  1.00 68.13  ? 266 PRO A CA  1 
ATOM   999  C  C   . PRO A 1 127 ? -18.680 2.403   19.946  1.00 68.16  ? 266 PRO A C   1 
ATOM   1000 O  O   . PRO A 1 127 ? -19.272 1.789   20.831  1.00 76.47  ? 266 PRO A O   1 
ATOM   1001 C  CB  . PRO A 1 127 ? -19.791 4.398   18.845  1.00 63.72  ? 266 PRO A CB  1 
ATOM   1002 C  CG  . PRO A 1 127 ? -18.995 4.502   17.556  1.00 55.10  ? 266 PRO A CG  1 
ATOM   1003 C  CD  . PRO A 1 127 ? -17.595 4.907   17.977  1.00 57.24  ? 266 PRO A CD  1 
ATOM   1004 N  N   . PHE B 2 3   ? 17.518  12.708  -10.095 1.00 55.47  ? 556 PHE B N   1 
ATOM   1005 C  CA  . PHE B 2 3   ? 16.744  11.511  -10.538 1.00 58.35  ? 556 PHE B CA  1 
ATOM   1006 C  C   . PHE B 2 3   ? 16.983  10.351  -9.566  1.00 48.45  ? 556 PHE B C   1 
ATOM   1007 O  O   . PHE B 2 3   ? 18.123  10.054  -9.206  1.00 46.13  ? 556 PHE B O   1 
ATOM   1008 C  CB  . PHE B 2 3   ? 17.139  11.111  -11.963 1.00 57.29  ? 556 PHE B CB  1 
ATOM   1009 C  CG  . PHE B 2 3   ? 16.562  9.799   -12.427 1.00 49.15  ? 556 PHE B CG  1 
ATOM   1010 C  CD1 . PHE B 2 3   ? 15.326  9.747   -13.051 1.00 44.09  ? 556 PHE B CD1 1 
ATOM   1011 C  CD2 . PHE B 2 3   ? 17.254  8.613   -12.239 1.00 42.68  ? 556 PHE B CD2 1 
ATOM   1012 C  CE1 . PHE B 2 3   ? 14.796  8.539   -13.476 1.00 44.42  ? 556 PHE B CE1 1 
ATOM   1013 C  CE2 . PHE B 2 3   ? 16.723  7.406   -12.665 1.00 40.75  ? 556 PHE B CE2 1 
ATOM   1014 C  CZ  . PHE B 2 3   ? 15.495  7.371   -13.283 1.00 36.57  ? 556 PHE B CZ  1 
ATOM   1015 N  N   . VAL B 2 4   ? 15.889  9.703   -9.152  1.00 43.41  ? 557 VAL B N   1 
ATOM   1016 C  CA  . VAL B 2 4   ? 15.949  8.526   -8.300  1.00 38.51  ? 557 VAL B CA  1 
ATOM   1017 C  C   . VAL B 2 4   ? 15.256  7.372   -9.019  1.00 30.13  ? 557 VAL B C   1 
ATOM   1018 O  O   . VAL B 2 4   ? 14.064  7.444   -9.312  1.00 31.63  ? 557 VAL B O   1 
ATOM   1019 C  CB  . VAL B 2 4   ? 15.309  8.785   -6.923  1.00 37.72  ? 557 VAL B CB  1 
ATOM   1020 C  CG1 . VAL B 2 4   ? 15.528  7.613   -5.979  1.00 38.98  ? 557 VAL B CG1 1 
ATOM   1021 C  CG2 . VAL B 2 4   ? 15.814  10.079  -6.301  1.00 45.65  ? 557 VAL B CG2 1 
ATOM   1022 N  N   . PRO B 2 5   ? 15.980  6.274   -9.326  1.00 31.39  ? 558 PRO B N   1 
ATOM   1023 C  CA  . PRO B 2 5   ? 15.379  5.129   -10.004 1.00 31.25  ? 558 PRO B CA  1 
ATOM   1024 C  C   . PRO B 2 5   ? 14.294  4.495   -9.125  1.00 27.72  ? 558 PRO B C   1 
ATOM   1025 O  O   . PRO B 2 5   ? 14.343  4.608   -7.900  1.00 25.42  ? 558 PRO B O   1 
ATOM   1026 C  CB  . PRO B 2 5   ? 16.550  4.160   -10.219 1.00 32.60  ? 558 PRO B CB  1 
ATOM   1027 C  CG  . PRO B 2 5   ? 17.571  4.564   -9.170  1.00 35.13  ? 558 PRO B CG  1 
ATOM   1028 C  CD  . PRO B 2 5   ? 17.400  6.060   -9.009  1.00 34.67  ? 558 PRO B CD  1 
ATOM   1029 N  N   . VAL B 2 6   ? 13.320  3.849   -9.767  1.00 26.14  ? 559 VAL B N   1 
ATOM   1030 C  CA  . VAL B 2 6   ? 12.323  3.069   -9.057  1.00 22.30  ? 559 VAL B CA  1 
ATOM   1031 C  C   . VAL B 2 6   ? 13.037  1.914   -8.367  1.00 22.87  ? 559 VAL B C   1 
ATOM   1032 O  O   . VAL B 2 6   ? 13.822  1.203   -8.991  1.00 25.91  ? 559 VAL B O   1 
ATOM   1033 C  CB  . VAL B 2 6   ? 11.228  2.559   -10.011 1.00 22.72  ? 559 VAL B CB  1 
ATOM   1034 C  CG1 . VAL B 2 6   ? 10.261  1.617   -9.309  1.00 26.83  ? 559 VAL B CG1 1 
ATOM   1035 C  CG2 . VAL B 2 6   ? 10.480  3.706   -10.670 1.00 23.94  ? 559 VAL B CG2 1 
ATOM   1036 N  N   . PRO B 2 7   ? 12.774  1.679   -7.064  1.00 24.02  ? 560 PRO B N   1 
ATOM   1037 C  CA  . PRO B 2 7   ? 13.360  0.540   -6.367  1.00 26.72  ? 560 PRO B CA  1 
ATOM   1038 C  C   . PRO B 2 7   ? 12.845  -0.750  -6.994  1.00 24.51  ? 560 PRO B C   1 
ATOM   1039 O  O   . PRO B 2 7   ? 11.744  -0.777  -7.539  1.00 25.39  ? 560 PRO B O   1 
ATOM   1040 C  CB  . PRO B 2 7   ? 12.887  0.699   -4.914  1.00 27.42  ? 560 PRO B CB  1 
ATOM   1041 C  CG  . PRO B 2 7   ? 11.648  1.568   -5.011  1.00 30.36  ? 560 PRO B CG  1 
ATOM   1042 C  CD  . PRO B 2 7   ? 11.865  2.462   -6.216  1.00 26.04  ? 560 PRO B CD  1 
ATOM   1043 N  N   . PRO B 2 8   ? 13.631  -1.843  -6.947  1.00 25.44  ? 561 PRO B N   1 
ATOM   1044 C  CA  . PRO B 2 8   ? 13.174  -3.137  -7.451  1.00 24.84  ? 561 PRO B CA  1 
ATOM   1045 C  C   . PRO B 2 8   ? 12.094  -3.705  -6.538  1.00 26.44  ? 561 PRO B C   1 
ATOM   1046 O  O   . PRO B 2 8   ? 12.026  -3.362  -5.360  1.00 26.61  ? 561 PRO B O   1 
ATOM   1047 C  CB  . PRO B 2 8   ? 14.444  -3.996  -7.430  1.00 28.65  ? 561 PRO B CB  1 
ATOM   1048 C  CG  . PRO B 2 8   ? 15.277  -3.390  -6.318  1.00 32.13  ? 561 PRO B CG  1 
ATOM   1049 C  CD  . PRO B 2 8   ? 14.983  -1.904  -6.374  1.00 29.05  ? 561 PRO B CD  1 
ATOM   1050 N  N   . PRO B 2 9   ? 11.206  -4.579  -7.053  1.00 25.85  ? 562 PRO B N   1 
ATOM   1051 C  CA  . PRO B 2 9   ? 10.207  -5.233  -6.212  1.00 25.92  ? 562 PRO B CA  1 
ATOM   1052 C  C   . PRO B 2 9   ? 10.897  -6.133  -5.196  1.00 25.55  ? 562 PRO B C   1 
ATOM   1053 O  O   . PRO B 2 9   ? 12.041  -6.538  -5.390  1.00 26.14  ? 562 PRO B O   1 
ATOM   1054 C  CB  . PRO B 2 9   ? 9.344   -6.030  -7.202  1.00 27.23  ? 562 PRO B CB  1 
ATOM   1055 C  CG  . PRO B 2 9   ? 10.219  -6.200  -8.427  1.00 28.03  ? 562 PRO B CG  1 
ATOM   1056 C  CD  . PRO B 2 9   ? 11.118  -4.981  -8.464  1.00 28.56  ? 562 PRO B CD  1 
ATOM   1057 N  N   . PRO B 2 10  ? 10.236  -6.467  -4.068  1.00 26.35  ? 563 PRO B N   1 
ATOM   1058 C  CA  . PRO B 2 10  ? 10.836  -7.361  -3.082  1.00 27.72  ? 563 PRO B CA  1 
ATOM   1059 C  C   . PRO B 2 10  ? 11.158  -8.730  -3.700  1.00 28.12  ? 563 PRO B C   1 
ATOM   1060 O  O   . PRO B 2 10  ? 10.413  -9.221  -4.551  1.00 28.28  ? 563 PRO B O   1 
ATOM   1061 C  CB  . PRO B 2 10  ? 9.779   -7.470  -1.972  1.00 30.33  ? 563 PRO B CB  1 
ATOM   1062 C  CG  . PRO B 2 10  ? 8.485   -7.009  -2.617  1.00 27.34  ? 563 PRO B CG  1 
ATOM   1063 C  CD  . PRO B 2 10  ? 8.893   -6.012  -3.683  1.00 26.44  ? 563 PRO B CD  1 
ATOM   1064 N  N   . LEU B 2 11  ? 12.287  -9.304  -3.275  1.00 33.62  ? 564 LEU B N   1 
ATOM   1065 C  CA  . LEU B 2 11  ? 12.673  -10.666 -3.612  1.00 35.59  ? 564 LEU B CA  1 
ATOM   1066 C  C   . LEU B 2 11  ? 12.072  -11.612 -2.570  1.00 28.34  ? 564 LEU B C   1 
ATOM   1067 O  O   . LEU B 2 11  ? 12.277  -11.429 -1.371  1.00 34.53  ? 564 LEU B O   1 
ATOM   1068 C  CB  . LEU B 2 11  ? 14.201  -10.775 -3.624  1.00 39.75  ? 564 LEU B CB  1 
ATOM   1069 C  CG  . LEU B 2 11  ? 14.891  -10.293 -4.899  1.00 45.66  ? 564 LEU B CG  1 
ATOM   1070 C  CD1 . LEU B 2 11  ? 16.403  -10.351 -4.748  1.00 53.19  ? 564 LEU B CD1 1 
ATOM   1071 C  CD2 . LEU B 2 11  ? 14.443  -11.109 -6.101  1.00 43.97  ? 564 LEU B CD2 1 
ATOM   1072 N  N   . TYR B 2 12  ? 11.324  -12.606 -3.053  1.00 33.49  ? 565 TYR B N   1 
ATOM   1073 C  CA  . TYR B 2 12  ? 10.716  -13.618 -2.210  1.00 35.67  ? 565 TYR B CA  1 
ATOM   1074 C  C   . TYR B 2 12  ? 11.707  -14.760 -2.016  1.00 38.73  ? 565 TYR B C   1 
ATOM   1075 O  O   . TYR B 2 12  ? 12.472  -15.083 -2.922  1.00 43.94  ? 565 TYR B O   1 
ATOM   1076 C  CB  . TYR B 2 12  ? 9.399   -14.090 -2.829  1.00 32.78  ? 565 TYR B CB  1 
ATOM   1077 C  CG  . TYR B 2 12  ? 8.247   -13.143 -2.617  1.00 32.19  ? 565 TYR B CG  1 
ATOM   1078 C  CD1 . TYR B 2 12  ? 8.113   -11.994 -3.381  1.00 33.60  ? 565 TYR B CD1 1 
ATOM   1079 C  CD2 . TYR B 2 12  ? 7.300   -13.381 -1.635  1.00 30.55  ? 565 TYR B CD2 1 
ATOM   1080 C  CE1 . TYR B 2 12  ? 7.061   -11.115 -3.183  1.00 29.66  ? 565 TYR B CE1 1 
ATOM   1081 C  CE2 . TYR B 2 12  ? 6.241   -12.514 -1.426  1.00 31.29  ? 565 TYR B CE2 1 
ATOM   1082 C  CZ  . TYR B 2 12  ? 6.121   -11.375 -2.201  1.00 29.95  ? 565 TYR B CZ  1 
ATOM   1083 O  OH  . TYR B 2 12  ? 5.075   -10.520 -1.996  1.00 28.65  ? 565 TYR B OH  1 
ATOM   1084 N  N   . PRO B 2 13  ? 11.739  -15.394 -0.822  1.00 44.89  ? 566 PRO B N   1 
ATOM   1085 C  CA  . PRO B 2 13  ? 12.620  -16.537 -0.587  1.00 53.12  ? 566 PRO B CA  1 
ATOM   1086 C  C   . PRO B 2 13  ? 12.263  -17.695 -1.514  1.00 52.89  ? 566 PRO B C   1 
ATOM   1087 O  O   . PRO B 2 13  ? 11.089  -17.954 -1.766  1.00 48.88  ? 566 PRO B O   1 
ATOM   1088 C  CB  . PRO B 2 13  ? 12.381  -16.897 0.889   1.00 51.97  ? 566 PRO B CB  1 
ATOM   1089 C  CG  . PRO B 2 13  ? 11.028  -16.292 1.219   1.00 50.40  ? 566 PRO B CG  1 
ATOM   1090 C  CD  . PRO B 2 13  ? 10.926  -15.052 0.354   1.00 45.91  ? 566 PRO B CD  1 
ATOM   1091 N  N   . PRO B 2 14  ? 13.266  -18.414 -2.066  1.00 66.76  ? 567 PRO B N   1 
ATOM   1092 C  CA  . PRO B 2 14  ? 12.999  -19.567 -2.925  1.00 77.52  ? 567 PRO B CA  1 
ATOM   1093 C  C   . PRO B 2 14  ? 12.494  -20.758 -2.117  1.00 85.36  ? 567 PRO B C   1 
ATOM   1094 O  O   . PRO B 2 14  ? 13.011  -21.045 -1.039  1.00 82.01  ? 567 PRO B O   1 
ATOM   1095 C  CB  . PRO B 2 14  ? 14.365  -19.857 -3.564  1.00 71.59  ? 567 PRO B CB  1 
ATOM   1096 C  CG  . PRO B 2 14  ? 15.366  -19.351 -2.542  1.00 74.85  ? 567 PRO B CG  1 
ATOM   1097 C  CD  . PRO B 2 14  ? 14.702  -18.153 -1.893  1.00 71.80  ? 567 PRO B CD  1 
ATOM   1098 N  N   . PRO B 2 15  ? 11.461  -21.480 -2.607  1.00 108.83 ? 568 PRO B N   1 
ATOM   1099 C  CA  . PRO B 2 15  ? 10.915  -22.633 -1.889  1.00 109.39 ? 568 PRO B CA  1 
ATOM   1100 C  C   . PRO B 2 15  ? 11.813  -23.875 -2.006  1.00 99.14  ? 568 PRO B C   1 
ATOM   1101 O  O   . PRO B 2 15  ? 12.002  -24.591 -1.022  1.00 103.04 ? 568 PRO B O   1 
ATOM   1102 C  CB  . PRO B 2 15  ? 9.565   -22.861 -2.582  1.00 108.32 ? 568 PRO B CB  1 
ATOM   1103 C  CG  . PRO B 2 15  ? 9.793   -22.378 -4.000  1.00 111.23 ? 568 PRO B CG  1 
ATOM   1104 C  CD  . PRO B 2 15  ? 10.761  -21.219 -3.874  1.00 104.19 ? 568 PRO B CD  1 
HETATM 1105 CA CA  . CA  C 3 .   ? -7.231  -10.513 0.336   1.00 21.00  ? 301 CA  A CA  1 
HETATM 1106 O  O   . HOH D 4 .   ? -6.027  -8.707  9.069   1.00 34.71  ? 401 HOH A O   1 
HETATM 1107 O  O   . HOH D 4 .   ? -8.659  10.842  -0.501  1.00 33.62  ? 402 HOH A O   1 
HETATM 1108 O  O   . HOH D 4 .   ? 1.064   -9.039  11.258  1.00 42.67  ? 403 HOH A O   1 
HETATM 1109 O  O   . HOH D 4 .   ? -17.553 -3.407  2.351   1.00 45.16  ? 404 HOH A O   1 
HETATM 1110 O  O   . HOH D 4 .   ? 3.467   3.227   14.594  1.00 44.97  ? 405 HOH A O   1 
HETATM 1111 O  O   . HOH D 4 .   ? -3.814  -8.993  6.916   1.00 35.10  ? 406 HOH A O   1 
HETATM 1112 O  O   . HOH D 4 .   ? -4.488  -6.711  -19.579 1.00 42.80  ? 407 HOH A O   1 
HETATM 1113 O  O   . HOH D 4 .   ? -8.495  -6.352  6.322   1.00 49.03  ? 408 HOH A O   1 
HETATM 1114 O  O   . HOH D 4 .   ? -15.508 -6.951  -8.800  1.00 51.61  ? 409 HOH A O   1 
HETATM 1115 O  O   . HOH D 4 .   ? 5.692   3.404   11.675  1.00 37.36  ? 410 HOH A O   1 
HETATM 1116 O  O   . HOH D 4 .   ? -1.269  12.230  3.800   1.00 42.84  ? 411 HOH A O   1 
HETATM 1117 O  O   . HOH D 4 .   ? 5.148   11.940  2.373   1.00 38.35  ? 412 HOH A O   1 
HETATM 1118 O  O   . HOH D 4 .   ? -6.682  1.794   -15.822 1.00 41.04  ? 413 HOH A O   1 
HETATM 1119 O  O   . HOH D 4 .   ? 12.055  2.491   -18.437 1.00 40.97  ? 414 HOH A O   1 
HETATM 1120 O  O   . HOH D 4 .   ? 18.175  4.269   0.455   1.00 62.14  ? 415 HOH A O   1 
HETATM 1121 O  O   . HOH D 4 .   ? -8.344  -12.350 -11.092 1.00 49.50  ? 416 HOH A O   1 
HETATM 1122 O  O   . HOH D 4 .   ? 1.949   11.176  13.342  1.00 50.93  ? 417 HOH A O   1 
HETATM 1123 O  O   . HOH D 4 .   ? 15.589  0.928   -1.868  1.00 50.19  ? 418 HOH A O   1 
HETATM 1124 O  O   . HOH D 4 .   ? -0.821  -11.058 1.022   1.00 28.94  ? 419 HOH A O   1 
HETATM 1125 O  O   . HOH D 4 .   ? 9.407   10.626  -0.398  1.00 57.75  ? 420 HOH A O   1 
HETATM 1126 O  O   . HOH D 4 .   ? 7.542   -1.194  -19.085 1.00 47.71  ? 421 HOH A O   1 
HETATM 1127 O  O   . HOH D 4 .   ? -6.143  2.588   8.433   1.00 32.84  ? 422 HOH A O   1 
HETATM 1128 O  O   . HOH D 4 .   ? -19.408 8.112   1.413   1.00 45.61  ? 423 HOH A O   1 
HETATM 1129 O  O   . HOH D 4 .   ? 3.354   4.430   -16.443 1.00 26.51  ? 424 HOH A O   1 
HETATM 1130 O  O   . HOH D 4 .   ? 15.713  3.848   -5.637  1.00 32.96  ? 425 HOH A O   1 
HETATM 1131 O  O   . HOH D 4 .   ? -5.227  10.267  -0.404  1.00 31.82  ? 426 HOH A O   1 
HETATM 1132 O  O   . HOH D 4 .   ? 2.546   -12.365 -15.239 1.00 44.78  ? 427 HOH A O   1 
HETATM 1133 O  O   . HOH D 4 .   ? 1.531   -13.778 1.694   1.00 28.35  ? 428 HOH A O   1 
HETATM 1134 O  O   . HOH D 4 .   ? 1.068   12.708  1.427   1.00 38.20  ? 429 HOH A O   1 
HETATM 1135 O  O   . HOH D 4 .   ? 13.943  -0.371  -16.919 1.00 22.69  ? 430 HOH A O   1 
HETATM 1136 O  O   . HOH D 4 .   ? 13.954  2.658   2.233   1.00 36.56  ? 431 HOH A O   1 
HETATM 1137 O  O   . HOH D 4 .   ? 0.414   8.501   -6.689  1.00 24.87  ? 432 HOH A O   1 
HETATM 1138 O  O   . HOH D 4 .   ? 6.673   12.002  -7.213  1.00 37.80  ? 433 HOH A O   1 
HETATM 1139 O  O   . HOH D 4 .   ? 1.113   -4.615  12.023  1.00 46.76  ? 434 HOH A O   1 
HETATM 1140 O  O   . HOH D 4 .   ? -13.616 -13.271 -4.161  1.00 38.11  ? 435 HOH A O   1 
HETATM 1141 O  O   . HOH D 4 .   ? -10.151 -8.005  -14.896 1.00 49.71  ? 436 HOH A O   1 
HETATM 1142 O  O   . HOH D 4 .   ? 7.271   10.579  -4.667  1.00 27.82  ? 437 HOH A O   1 
HETATM 1143 O  O   . HOH D 4 .   ? 8.512   6.653   -16.583 1.00 51.35  ? 438 HOH A O   1 
HETATM 1144 O  O   . HOH D 4 .   ? -2.904  8.167   -7.036  1.00 30.44  ? 439 HOH A O   1 
HETATM 1145 O  O   . HOH D 4 .   ? 6.585   9.143   -14.223 1.00 35.21  ? 440 HOH A O   1 
HETATM 1146 O  O   . HOH D 4 .   ? -3.356  -3.607  13.266  1.00 53.88  ? 441 HOH A O   1 
HETATM 1147 O  O   . HOH D 4 .   ? -0.984  -12.684 -14.047 1.00 49.22  ? 442 HOH A O   1 
HETATM 1148 O  O   . HOH D 4 .   ? 0.007   7.939   -12.109 1.00 32.45  ? 443 HOH A O   1 
HETATM 1149 O  O   . HOH D 4 .   ? -3.481  12.562  11.954  1.00 33.60  ? 444 HOH A O   1 
HETATM 1150 O  O   . HOH D 4 .   ? 9.022   -12.097 7.296   1.00 45.54  ? 445 HOH A O   1 
HETATM 1151 O  O   . HOH D 4 .   ? 10.895  -7.376  -11.413 1.00 26.42  ? 446 HOH A O   1 
HETATM 1152 O  O   . HOH D 4 .   ? 6.318   -13.610 8.360   1.00 38.93  ? 447 HOH A O   1 
HETATM 1153 O  O   . HOH D 4 .   ? -2.750  -4.885  9.083   1.00 38.14  ? 448 HOH A O   1 
HETATM 1154 O  O   . HOH D 4 .   ? -6.908  1.282   8.339   1.00 41.38  ? 449 HOH A O   1 
HETATM 1155 O  O   . HOH D 4 .   ? -12.599 -6.795  2.668   1.00 36.53  ? 450 HOH A O   1 
HETATM 1156 O  O   . HOH D 4 .   ? -11.152 -1.497  8.317   1.00 51.47  ? 451 HOH A O   1 
HETATM 1157 O  O   . HOH D 4 .   ? 10.751  -9.316  7.988   1.00 55.20  ? 452 HOH A O   1 
HETATM 1158 O  O   . HOH D 4 .   ? 9.485   -8.912  9.457   1.00 54.83  ? 453 HOH A O   1 
HETATM 1159 O  O   . HOH D 4 .   ? 5.679   3.316   -20.206 1.00 47.45  ? 454 HOH A O   1 
HETATM 1160 O  O   . HOH D 4 .   ? -0.848  -13.662 -11.636 1.00 46.14  ? 455 HOH A O   1 
HETATM 1161 O  O   . HOH D 4 .   ? -5.015  4.850   -12.826 1.00 38.49  ? 456 HOH A O   1 
HETATM 1162 O  O   . HOH D 4 .   ? -17.187 -3.355  -0.185  1.00 35.32  ? 457 HOH A O   1 
HETATM 1163 O  O   . HOH D 4 .   ? 1.913   12.561  7.584   1.00 44.13  ? 458 HOH A O   1 
HETATM 1164 O  O   . HOH D 4 .   ? -0.589  12.926  -4.834  1.00 39.50  ? 459 HOH A O   1 
HETATM 1165 O  O   . HOH D 4 .   ? 1.895   13.466  -1.761  1.00 37.16  ? 460 HOH A O   1 
HETATM 1166 O  O   . HOH D 4 .   ? 6.049   -15.640 0.636   1.00 54.63  ? 461 HOH A O   1 
HETATM 1167 O  O   . HOH D 4 .   ? -7.956  -7.127  3.820   1.00 24.23  ? 462 HOH A O   1 
HETATM 1168 O  O   . HOH D 4 .   ? 4.977   15.772  -1.875  1.00 57.15  ? 463 HOH A O   1 
HETATM 1169 O  O   . HOH D 4 .   ? 3.942   -15.004 4.999   1.00 43.39  ? 464 HOH A O   1 
HETATM 1170 O  O   . HOH D 4 .   ? -6.153  -5.171  6.497   1.00 39.93  ? 465 HOH A O   1 
HETATM 1171 O  O   . HOH D 4 .   ? -15.351 12.184  -6.328  1.00 44.79  ? 466 HOH A O   1 
HETATM 1172 O  O   . HOH D 4 .   ? 5.755   -7.403  -4.866  1.00 22.59  ? 467 HOH A O   1 
HETATM 1173 O  O   . HOH D 4 .   ? -16.672 -3.600  6.759   1.00 50.92  ? 468 HOH A O   1 
HETATM 1174 O  O   . HOH D 4 .   ? 7.048   10.124  2.143   1.00 38.97  ? 469 HOH A O   1 
HETATM 1175 O  O   . HOH D 4 .   ? -0.043  -11.026 7.955   1.00 42.70  ? 470 HOH A O   1 
HETATM 1176 O  O   . HOH D 4 .   ? 12.266  7.079   -0.106  1.00 52.19  ? 471 HOH A O   1 
HETATM 1177 O  O   . HOH D 4 .   ? -1.948  3.581   16.590  1.00 42.78  ? 472 HOH A O   1 
HETATM 1178 O  O   . HOH D 4 .   ? -7.366  -11.550 -1.889  1.00 20.10  ? 473 HOH A O   1 
HETATM 1179 O  O   . HOH D 4 .   ? -5.942  -8.918  -0.868  1.00 20.78  ? 474 HOH A O   1 
HETATM 1180 O  O   . HOH D 4 .   ? 16.448  -3.579  4.048   1.00 38.13  ? 475 HOH A O   1 
HETATM 1181 O  O   . HOH D 4 .   ? 9.679   9.868   -5.932  1.00 31.61  ? 476 HOH A O   1 
HETATM 1182 O  O   . HOH D 4 .   ? 8.842   -16.894 3.909   1.00 47.92  ? 477 HOH A O   1 
HETATM 1183 O  O   . HOH D 4 .   ? 7.781   -11.272 -10.146 1.00 42.50  ? 478 HOH A O   1 
HETATM 1184 O  O   . HOH D 4 .   ? 9.897   -1.054  8.428   1.00 44.16  ? 479 HOH A O   1 
HETATM 1185 O  O   . HOH D 4 .   ? -13.309 -10.291 3.916   1.00 40.89  ? 480 HOH A O   1 
HETATM 1186 O  O   . HOH D 4 .   ? 4.587   -7.237  -16.831 1.00 32.92  ? 481 HOH A O   1 
HETATM 1187 O  O   . HOH D 4 .   ? -1.247  -13.608 8.237   1.00 40.93  ? 482 HOH A O   1 
HETATM 1188 O  O   . HOH D 4 .   ? -11.829 -13.337 -7.022  1.00 31.62  ? 483 HOH A O   1 
HETATM 1189 O  O   . HOH D 4 .   ? -8.436  -9.357  2.172   1.00 22.61  ? 484 HOH A O   1 
HETATM 1190 O  O   . HOH D 4 .   ? 0.736   -11.129 -2.355  1.00 28.58  ? 485 HOH A O   1 
HETATM 1191 O  O   . HOH D 4 .   ? 0.700   5.249   -15.835 1.00 32.82  ? 486 HOH A O   1 
HETATM 1192 O  O   . HOH D 4 .   ? -6.689  -8.506  -3.484  1.00 20.90  ? 487 HOH A O   1 
HETATM 1193 O  O   . HOH D 4 .   ? -16.454 9.231   3.973   1.00 36.11  ? 488 HOH A O   1 
HETATM 1194 O  O   . HOH D 4 .   ? -0.351  13.227  11.365  1.00 53.26  ? 489 HOH A O   1 
HETATM 1195 O  O   . HOH D 4 .   ? -0.079  11.330  -6.997  1.00 28.49  ? 490 HOH A O   1 
HETATM 1196 O  O   . HOH D 4 .   ? 17.098  -10.505 5.067   1.00 52.30  ? 491 HOH A O   1 
HETATM 1197 O  O   . HOH D 4 .   ? 7.472   5.871   9.142   1.00 33.54  ? 492 HOH A O   1 
HETATM 1198 O  O   . HOH D 4 .   ? 14.657  7.239   -2.739  1.00 50.08  ? 493 HOH A O   1 
HETATM 1199 O  O   . HOH D 4 .   ? -4.525  12.499  2.941   1.00 49.54  ? 494 HOH A O   1 
HETATM 1200 O  O   . HOH D 4 .   ? -17.761 -0.809  5.087   1.00 59.17  ? 495 HOH A O   1 
HETATM 1201 O  O   . HOH D 4 .   ? 15.164  -11.368 7.831   1.00 53.64  ? 496 HOH A O   1 
HETATM 1202 O  O   . HOH D 4 .   ? -5.725  -4.285  -19.830 1.00 43.97  ? 497 HOH A O   1 
HETATM 1203 O  O   . HOH D 4 .   ? -1.091  14.961  -6.849  1.00 54.15  ? 498 HOH A O   1 
HETATM 1204 O  O   . HOH D 4 .   ? -17.681 -7.083  -1.980  1.00 59.75  ? 499 HOH A O   1 
HETATM 1205 O  O   . HOH D 4 .   ? -0.617  3.897   18.687  1.00 52.13  ? 500 HOH A O   1 
HETATM 1206 O  O   . HOH D 4 .   ? 7.743   -10.805 -7.614  1.00 49.39  ? 501 HOH A O   1 
HETATM 1207 O  O   . HOH D 4 .   ? 8.751   5.648   11.495  1.00 57.15  ? 502 HOH A O   1 
HETATM 1208 O  O   . HOH D 4 .   ? -10.368 -10.412 -9.559  1.00 51.65  ? 503 HOH A O   1 
HETATM 1209 O  O   . HOH D 4 .   ? -0.038  1.925   15.131  1.00 39.70  ? 504 HOH A O   1 
HETATM 1210 O  O   . HOH D 4 .   ? -2.387  8.492   -10.641 1.00 43.20  ? 505 HOH A O   1 
HETATM 1211 O  O   . HOH D 4 .   ? 3.475   11.613  10.830  1.00 47.02  ? 506 HOH A O   1 
HETATM 1212 O  O   . HOH D 4 .   ? -0.976  -12.085 -4.719  1.00 33.26  ? 507 HOH A O   1 
HETATM 1213 O  O   . HOH D 4 .   ? 4.737   11.838  -14.609 1.00 66.91  ? 508 HOH A O   1 
HETATM 1214 O  O   . HOH D 4 .   ? -0.326  12.131  5.987   1.00 49.48  ? 509 HOH A O   1 
HETATM 1215 O  O   . HOH D 4 .   ? 1.212   -8.972  8.789   1.00 37.42  ? 510 HOH A O   1 
HETATM 1216 O  O   . HOH D 4 .   ? 10.981  -4.573  -12.150 1.00 23.19  ? 511 HOH A O   1 
HETATM 1217 O  O   . HOH D 4 .   ? -0.882  3.530   -17.365 1.00 54.35  ? 512 HOH A O   1 
HETATM 1218 O  O   . HOH D 4 .   ? -12.197 -10.238 -9.666  1.00 63.12  ? 513 HOH A O   1 
HETATM 1219 O  O   . HOH D 4 .   ? -0.360  12.338  2.389   1.00 51.09  ? 514 HOH A O   1 
HETATM 1220 O  O   . HOH D 4 .   ? -9.737  -13.556 -0.983  1.00 36.19  ? 515 HOH A O   1 
HETATM 1221 O  O   . HOH D 4 .   ? 11.182  4.855   -19.914 1.00 35.25  ? 516 HOH A O   1 
HETATM 1222 O  O   . HOH D 4 .   ? 3.765   10.339  15.387  1.00 57.27  ? 517 HOH A O   1 
HETATM 1223 O  O   . HOH D 4 .   ? 4.732   -16.421 2.921   1.00 44.16  ? 518 HOH A O   1 
HETATM 1224 O  O   . HOH D 4 .   ? -16.765 -6.062  0.009   1.00 43.14  ? 519 HOH A O   1 
HETATM 1225 O  O   . HOH D 4 .   ? -4.369  12.514  0.458   1.00 43.34  ? 520 HOH A O   1 
HETATM 1226 O  O   . HOH D 4 .   ? 9.671   9.044   -10.021 1.00 52.32  ? 521 HOH A O   1 
HETATM 1227 O  O   . HOH D 4 .   ? 6.599   7.285   -16.032 1.00 44.31  ? 522 HOH A O   1 
HETATM 1228 O  O   . HOH D 4 .   ? -0.641  -9.348  8.167   1.00 49.75  ? 523 HOH A O   1 
HETATM 1229 O  O   . HOH D 4 .   ? 8.384   9.402   4.135   1.00 58.10  ? 524 HOH A O   1 
HETATM 1230 O  O   . HOH D 4 .   ? 4.799   5.721   -20.643 1.00 49.13  ? 525 HOH A O   1 
HETATM 1231 O  O   . HOH D 4 .   ? -11.203 -5.555  6.723   1.00 55.18  ? 526 HOH A O   1 
HETATM 1232 O  O   . HOH D 4 .   ? 3.168   2.658   -18.656 1.00 36.16  ? 527 HOH A O   1 
HETATM 1233 O  O   . HOH D 4 .   ? -1.695  -8.072  8.555   1.00 53.20  ? 528 HOH A O   1 
HETATM 1234 O  O   . HOH D 4 .   ? 18.050  5.172   -4.990  1.00 45.74  ? 529 HOH A O   1 
HETATM 1235 O  O   . HOH D 4 .   ? 15.017  6.720   -0.010  1.00 54.13  ? 530 HOH A O   1 
HETATM 1236 O  O   . HOH D 4 .   ? 2.966   10.521  -15.584 1.00 58.23  ? 531 HOH A O   1 
HETATM 1237 O  O   . HOH D 4 .   ? 15.229  2.372   4.378   1.00 47.77  ? 532 HOH A O   1 
HETATM 1238 O  O   . HOH D 4 .   ? -0.509  -0.982  15.273  1.00 44.43  ? 533 HOH A O   1 
HETATM 1239 O  O   . HOH D 4 .   ? 22.293  -0.907  5.725   1.00 63.54  ? 534 HOH A O   1 
HETATM 1240 O  O   . HOH E 4 .   ? 18.689  14.167  -8.336  1.00 64.03  ? 601 HOH B O   1 
HETATM 1241 O  O   . HOH E 4 .   ? 12.585  -12.231 1.052   1.00 39.11  ? 602 HOH B O   1 
HETATM 1242 O  O   . HOH E 4 .   ? 11.977  7.540   -10.832 1.00 44.19  ? 603 HOH B O   1 
HETATM 1243 O  O   . HOH E 4 .   ? 4.539   -7.965  -2.732  1.00 57.27  ? 604 HOH B O   1 
HETATM 1244 O  O   . HOH E 4 .   ? 16.458  0.482   -8.703  1.00 37.79  ? 605 HOH B O   1 
HETATM 1245 O  O   . HOH E 4 .   ? 5.139   -7.713  -2.135  1.00 23.80  ? 606 HOH B O   1 
HETATM 1246 O  O   . HOH E 4 .   ? 14.312  -6.059  -3.800  1.00 34.68  ? 607 HOH B O   1 
HETATM 1247 O  O   . HOH E 4 .   ? 19.457  9.231   -6.850  1.00 56.55  ? 608 HOH B O   1 
HETATM 1248 O  O   . HOH E 4 .   ? 7.885   -8.861  -5.858  1.00 28.77  ? 609 HOH B O   1 
HETATM 1249 O  O   . HOH E 4 .   ? 10.865  -12.977 -5.882  1.00 46.37  ? 610 HOH B O   1 
HETATM 1250 O  O   . HOH E 4 .   ? 9.957   -2.774  -3.338  1.00 28.14  ? 611 HOH B O   1 
HETATM 1251 O  O   . HOH E 4 .   ? 17.011  15.434  -8.996  1.00 60.39  ? 612 HOH B O   1 
HETATM 1252 O  O   . HOH E 4 .   ? 18.992  13.667  -12.535 1.00 64.47  ? 613 HOH B O   1 
HETATM 1253 O  O   . HOH E 4 .   ? 16.981  1.549   -6.014  1.00 42.52  ? 614 HOH B O   1 
HETATM 1254 O  O   . HOH E 4 .   ? 21.739  15.138  -11.318 1.00 60.97  ? 615 HOH B O   1 
# 
loop_
_pdbx_poly_seq_scheme.asym_id 
_pdbx_poly_seq_scheme.entity_id 
_pdbx_poly_seq_scheme.seq_id 
_pdbx_poly_seq_scheme.mon_id 
_pdbx_poly_seq_scheme.ndb_seq_num 
_pdbx_poly_seq_scheme.pdb_seq_num 
_pdbx_poly_seq_scheme.auth_seq_num 
_pdbx_poly_seq_scheme.pdb_mon_id 
_pdbx_poly_seq_scheme.auth_mon_id 
_pdbx_poly_seq_scheme.pdb_strand_id 
_pdbx_poly_seq_scheme.pdb_ins_code 
_pdbx_poly_seq_scheme.hetero 
A 1 1   PRO 1   140 140 PRO PRO A . n 
A 1 2   LYS 2   141 141 LYS LYS A . n 
A 1 3   ILE 3   142 142 ILE ILE A . n 
A 1 4   THR 4   143 143 THR THR A . n 
A 1 5   LEU 5   144 144 LEU LEU A . n 
A 1 6   LEU 6   145 145 LEU LEU A . n 
A 1 7   THR 7   146 146 THR THR A . n 
A 1 8   LEU 8   147 147 LEU LEU A . n 
A 1 9   ILE 9   148 148 ILE ILE A . n 
A 1 10  LYS 10  149 149 LYS LYS A . n 
A 1 11  THR 11  150 150 THR THR A . n 
A 1 12  ALA 12  151 151 ALA ALA A . n 
A 1 13  GLU 13  152 152 GLU GLU A . n 
A 1 14  HIS 14  153 153 HIS HIS A . n 
A 1 15  TRP 15  154 154 TRP TRP A . n 
A 1 16  ALA 16  155 155 ALA ALA A . n 
A 1 17  ARG 17  156 156 ARG ARG A . n 
A 1 18  GLN 18  157 157 GLN GLN A . n 
A 1 19  ASP 19  158 158 ASP ASP A . n 
A 1 20  ILE 20  159 159 ILE ILE A . n 
A 1 21  ARG 21  160 160 ARG ARG A . n 
A 1 22  THR 22  161 161 THR THR A . n 
A 1 23  ILE 23  162 162 ILE ILE A . n 
A 1 24  GLU 24  163 163 GLU GLU A . n 
A 1 25  ASP 25  164 164 ASP ASP A . n 
A 1 26  SER 26  165 165 SER SER A . n 
A 1 27  LYS 27  166 166 LYS LYS A . n 
A 1 28  LEU 28  167 167 LEU LEU A . n 
A 1 29  ARG 29  168 168 ARG ARG A . n 
A 1 30  ALA 30  169 169 ALA ALA A . n 
A 1 31  LEU 31  170 170 LEU LEU A . n 
A 1 32  LEU 32  171 171 LEU LEU A . n 
A 1 33  THR 33  172 172 THR THR A . n 
A 1 34  LEU 34  173 173 LEU LEU A . n 
A 1 35  CYS 35  174 174 CYS CYS A . n 
A 1 36  ALA 36  175 175 ALA ALA A . n 
A 1 37  VAL 37  176 176 VAL VAL A . n 
A 1 38  MET 38  177 177 MET MET A . n 
A 1 39  THR 39  178 178 THR THR A . n 
A 1 40  ARG 40  179 179 ARG ARG A . n 
A 1 41  LYS 41  180 180 LYS LYS A . n 
A 1 42  PHE 42  181 181 PHE PHE A . n 
A 1 43  SER 43  182 182 SER SER A . n 
A 1 44  LYS 44  183 183 LYS LYS A . n 
A 1 45  SER 45  184 184 SER SER A . n 
A 1 46  GLN 46  185 185 GLN GLN A . n 
A 1 47  LEU 47  186 186 LEU LEU A . n 
A 1 48  SER 48  187 187 SER SER A . n 
A 1 49  LEU 49  188 188 LEU LEU A . n 
A 1 50  LEU 50  189 189 LEU LEU A . n 
A 1 51  CYS 51  190 190 CYS CYS A . n 
A 1 52  GLU 52  191 191 GLU GLU A . n 
A 1 53  THR 53  192 192 THR THR A . n 
A 1 54  HIS 54  193 193 HIS HIS A . n 
A 1 55  LEU 55  194 194 LEU LEU A . n 
A 1 56  ARG 56  195 195 ARG ARG A . n 
A 1 57  ARG 57  196 196 ARG ARG A . n 
A 1 58  GLU 58  197 197 GLU GLU A . n 
A 1 59  GLY 59  198 198 GLY GLY A . n 
A 1 60  LEU 60  199 199 LEU LEU A . n 
A 1 61  GLY 61  200 200 GLY GLY A . n 
A 1 62  GLN 62  201 201 GLN GLN A . n 
A 1 63  ASP 63  202 202 ASP ASP A . n 
A 1 64  GLN 64  203 203 GLN GLN A . n 
A 1 65  ALA 65  204 204 ALA ALA A . n 
A 1 66  GLU 66  205 205 GLU GLU A . n 
A 1 67  PRO 67  206 206 PRO PRO A . n 
A 1 68  VAL 68  207 207 VAL VAL A . n 
A 1 69  LEU 69  208 208 LEU LEU A . n 
A 1 70  GLU 70  209 209 GLU GLU A . n 
A 1 71  VAL 71  210 210 VAL VAL A . n 
A 1 72  TYR 72  211 211 TYR TYR A . n 
A 1 73  GLN 73  212 212 GLN GLN A . n 
A 1 74  ARG 74  213 213 ARG ARG A . n 
A 1 75  LEU 75  214 214 LEU LEU A . n 
A 1 76  HIS 76  215 215 HIS HIS A . n 
A 1 77  SER 77  216 216 SER SER A . n 
A 1 78  ASP 78  217 217 ASP ASP A . n 
A 1 79  LYS 79  218 218 LYS LYS A . n 
A 1 80  GLY 80  219 219 GLY GLY A . n 
A 1 81  GLY 81  220 220 GLY GLY A . n 
A 1 82  SER 82  221 221 SER SER A . n 
A 1 83  PHE 83  222 222 PHE PHE A . n 
A 1 84  GLU 84  223 223 GLU GLU A . n 
A 1 85  ALA 85  224 224 ALA ALA A . n 
A 1 86  ALA 86  225 225 ALA ALA A . n 
A 1 87  LEU 87  226 226 LEU LEU A . n 
A 1 88  TRP 88  227 227 TRP TRP A . n 
A 1 89  GLN 89  228 228 GLN GLN A . n 
A 1 90  GLN 90  229 229 GLN GLN A . n 
A 1 91  TRP 91  230 230 TRP TRP A . n 
A 1 92  ASP 92  231 231 ASP ASP A . n 
A 1 93  ARG 93  232 232 ARG ARG A . n 
A 1 94  GLN 94  233 233 GLN GLN A . n 
A 1 95  SER 95  234 234 SER SER A . n 
A 1 96  LEU 96  235 235 LEU LEU A . n 
A 1 97  ILE 97  236 236 ILE ILE A . n 
A 1 98  MET 98  237 237 MET MET A . n 
A 1 99  PHE 99  238 238 PHE PHE A . n 
A 1 100 ILE 100 239 239 ILE ILE A . n 
A 1 101 THR 101 240 240 THR THR A . n 
A 1 102 ALA 102 241 241 ALA ALA A . n 
A 1 103 PHE 103 242 242 PHE PHE A . n 
A 1 104 LEU 104 243 243 LEU LEU A . n 
A 1 105 ASN 105 244 244 ASN ASN A . n 
A 1 106 ILE 106 245 245 ILE ILE A . n 
A 1 107 ALA 107 246 246 ALA ALA A . n 
A 1 108 LEU 108 247 247 LEU LEU A . n 
A 1 109 GLN 109 248 248 GLN GLN A . n 
A 1 110 LEU 110 249 249 LEU LEU A . n 
A 1 111 PRO 111 250 250 PRO PRO A . n 
A 1 112 CYS 112 251 251 CYS CYS A . n 
A 1 113 GLU 113 252 252 GLU GLU A . n 
A 1 114 SER 114 253 253 SER SER A . n 
A 1 115 SER 115 254 254 SER SER A . n 
A 1 116 ALA 116 255 255 ALA ALA A . n 
A 1 117 VAL 117 256 256 VAL VAL A . n 
A 1 118 VAL 118 257 257 VAL VAL A . n 
A 1 119 VAL 119 258 258 VAL VAL A . n 
A 1 120 SER 120 259 259 SER ALA A . n 
A 1 121 GLY 121 260 260 GLY ALA A . n 
A 1 122 LEU 122 261 261 LEU LEU A . n 
A 1 123 ARG 123 262 262 ARG ALA A . n 
A 1 124 THR 124 263 263 THR THR A . n 
A 1 125 LEU 125 264 264 LEU LEU A . n 
A 1 126 VAL 126 265 265 VAL VAL A . n 
A 1 127 PRO 127 266 266 PRO PRO A . n 
B 2 1   PRO 1   554 ?   ?   ?   B . n 
B 2 2   VAL 2   555 ?   ?   ?   B . n 
B 2 3   PHE 3   556 556 PHE PHE B . n 
B 2 4   VAL 4   557 557 VAL VAL B . n 
B 2 5   PRO 5   558 558 PRO PRO B . n 
B 2 6   VAL 6   559 559 VAL VAL B . n 
B 2 7   PRO 7   560 560 PRO PRO B . n 
B 2 8   PRO 8   561 561 PRO PRO B . n 
B 2 9   PRO 9   562 562 PRO PRO B . n 
B 2 10  PRO 10  563 563 PRO PRO B . n 
B 2 11  LEU 11  564 564 LEU LEU B . n 
B 2 12  TYR 12  565 565 TYR TYR B . n 
B 2 13  PRO 13  566 566 PRO PRO B . n 
B 2 14  PRO 14  567 567 PRO PRO B . n 
B 2 15  PRO 15  568 568 PRO PRO B . n 
# 
loop_
_pdbx_nonpoly_scheme.asym_id 
_pdbx_nonpoly_scheme.entity_id 
_pdbx_nonpoly_scheme.mon_id 
_pdbx_nonpoly_scheme.ndb_seq_num 
_pdbx_nonpoly_scheme.pdb_seq_num 
_pdbx_nonpoly_scheme.auth_seq_num 
_pdbx_nonpoly_scheme.pdb_mon_id 
_pdbx_nonpoly_scheme.auth_mon_id 
_pdbx_nonpoly_scheme.pdb_strand_id 
_pdbx_nonpoly_scheme.pdb_ins_code 
C 3 CA  1   301 1   CA  CA  A . 
D 4 HOH 1   401 91  HOH HOH A . 
D 4 HOH 2   402 90  HOH HOH A . 
D 4 HOH 3   403 100 HOH HOH A . 
D 4 HOH 4   404 69  HOH HOH A . 
D 4 HOH 5   405 7   HOH HOH A . 
D 4 HOH 6   406 79  HOH HOH A . 
D 4 HOH 7   407 93  HOH HOH A . 
D 4 HOH 8   408 107 HOH HOH A . 
D 4 HOH 9   409 113 HOH HOH A . 
D 4 HOH 10  410 68  HOH HOH A . 
D 4 HOH 11  411 97  HOH HOH A . 
D 4 HOH 12  412 43  HOH HOH A . 
D 4 HOH 13  413 67  HOH HOH A . 
D 4 HOH 14  414 96  HOH HOH A . 
D 4 HOH 15  415 15  HOH HOH A . 
D 4 HOH 16  416 70  HOH HOH A . 
D 4 HOH 17  417 65  HOH HOH A . 
D 4 HOH 18  418 110 HOH HOH A . 
D 4 HOH 19  419 8   HOH HOH A . 
D 4 HOH 20  420 135 HOH HOH A . 
D 4 HOH 21  421 124 HOH HOH A . 
D 4 HOH 22  422 27  HOH HOH A . 
D 4 HOH 23  423 128 HOH HOH A . 
D 4 HOH 24  424 9   HOH HOH A . 
D 4 HOH 25  425 16  HOH HOH A . 
D 4 HOH 26  426 24  HOH HOH A . 
D 4 HOH 27  427 78  HOH HOH A . 
D 4 HOH 28  428 26  HOH HOH A . 
D 4 HOH 29  429 104 HOH HOH A . 
D 4 HOH 30  430 3   HOH HOH A . 
D 4 HOH 31  431 41  HOH HOH A . 
D 4 HOH 32  432 10  HOH HOH A . 
D 4 HOH 33  433 52  HOH HOH A . 
D 4 HOH 34  434 64  HOH HOH A . 
D 4 HOH 35  435 40  HOH HOH A . 
D 4 HOH 36  436 3   HOH HOH A . 
D 4 HOH 37  437 11  HOH HOH A . 
D 4 HOH 38  438 20  HOH HOH A . 
D 4 HOH 39  439 32  HOH HOH A . 
D 4 HOH 40  440 48  HOH HOH A . 
D 4 HOH 41  441 34  HOH HOH A . 
D 4 HOH 42  442 116 HOH HOH A . 
D 4 HOH 43  443 76  HOH HOH A . 
D 4 HOH 44  444 42  HOH HOH A . 
D 4 HOH 45  445 29  HOH HOH A . 
D 4 HOH 46  446 15  HOH HOH A . 
D 4 HOH 47  447 47  HOH HOH A . 
D 4 HOH 48  448 39  HOH HOH A . 
D 4 HOH 49  449 99  HOH HOH A . 
D 4 HOH 50  450 34  HOH HOH A . 
D 4 HOH 51  451 126 HOH HOH A . 
D 4 HOH 52  452 22  HOH HOH A . 
D 4 HOH 53  453 112 HOH HOH A . 
D 4 HOH 54  454 94  HOH HOH A . 
D 4 HOH 55  455 111 HOH HOH A . 
D 4 HOH 56  456 84  HOH HOH A . 
D 4 HOH 57  457 37  HOH HOH A . 
D 4 HOH 58  458 130 HOH HOH A . 
D 4 HOH 59  459 49  HOH HOH A . 
D 4 HOH 60  460 54  HOH HOH A . 
D 4 HOH 61  461 14  HOH HOH A . 
D 4 HOH 62  462 14  HOH HOH A . 
D 4 HOH 63  463 5   HOH HOH A . 
D 4 HOH 64  464 51  HOH HOH A . 
D 4 HOH 65  465 108 HOH HOH A . 
D 4 HOH 66  466 61  HOH HOH A . 
D 4 HOH 67  467 6   HOH HOH A . 
D 4 HOH 68  468 66  HOH HOH A . 
D 4 HOH 69  469 77  HOH HOH A . 
D 4 HOH 70  470 101 HOH HOH A . 
D 4 HOH 71  471 71  HOH HOH A . 
D 4 HOH 72  472 58  HOH HOH A . 
D 4 HOH 73  473 86  HOH HOH A . 
D 4 HOH 74  474 89  HOH HOH A . 
D 4 HOH 75  475 46  HOH HOH A . 
D 4 HOH 76  476 21  HOH HOH A . 
D 4 HOH 77  477 55  HOH HOH A . 
D 4 HOH 78  478 117 HOH HOH A . 
D 4 HOH 79  479 106 HOH HOH A . 
D 4 HOH 80  480 25  HOH HOH A . 
D 4 HOH 81  481 5   HOH HOH A . 
D 4 HOH 82  482 53  HOH HOH A . 
D 4 HOH 83  483 30  HOH HOH A . 
D 4 HOH 84  484 87  HOH HOH A . 
D 4 HOH 85  485 20  HOH HOH A . 
D 4 HOH 86  486 50  HOH HOH A . 
D 4 HOH 87  487 4   HOH HOH A . 
D 4 HOH 88  488 35  HOH HOH A . 
D 4 HOH 89  489 133 HOH HOH A . 
D 4 HOH 90  490 13  HOH HOH A . 
D 4 HOH 91  491 7   HOH HOH A . 
D 4 HOH 92  492 33  HOH HOH A . 
D 4 HOH 93  493 114 HOH HOH A . 
D 4 HOH 94  494 115 HOH HOH A . 
D 4 HOH 95  495 1   HOH HOH A . 
D 4 HOH 96  496 119 HOH HOH A . 
D 4 HOH 97  497 38  HOH HOH A . 
D 4 HOH 98  498 125 HOH HOH A . 
D 4 HOH 99  499 118 HOH HOH A . 
D 4 HOH 100 500 134 HOH HOH A . 
D 4 HOH 101 501 22  HOH HOH A . 
D 4 HOH 102 502 54  HOH HOH A . 
D 4 HOH 103 503 120 HOH HOH A . 
D 4 HOH 104 504 44  HOH HOH A . 
D 4 HOH 105 505 72  HOH HOH A . 
D 4 HOH 106 506 45  HOH HOH A . 
D 4 HOH 107 507 18  HOH HOH A . 
D 4 HOH 108 508 9   HOH HOH A . 
D 4 HOH 109 509 109 HOH HOH A . 
D 4 HOH 110 510 95  HOH HOH A . 
D 4 HOH 111 511 88  HOH HOH A . 
D 4 HOH 112 512 122 HOH HOH A . 
D 4 HOH 113 513 61  HOH HOH A . 
D 4 HOH 114 514 60  HOH HOH A . 
D 4 HOH 115 515 12  HOH HOH A . 
D 4 HOH 116 516 56  HOH HOH A . 
D 4 HOH 117 517 129 HOH HOH A . 
D 4 HOH 118 518 62  HOH HOH A . 
D 4 HOH 119 519 59  HOH HOH A . 
D 4 HOH 120 520 81  HOH HOH A . 
D 4 HOH 121 521 98  HOH HOH A . 
D 4 HOH 122 522 80  HOH HOH A . 
D 4 HOH 123 523 136 HOH HOH A . 
D 4 HOH 124 524 56  HOH HOH A . 
D 4 HOH 125 525 131 HOH HOH A . 
D 4 HOH 126 526 75  HOH HOH A . 
D 4 HOH 127 527 31  HOH HOH A . 
D 4 HOH 128 528 102 HOH HOH A . 
D 4 HOH 129 529 82  HOH HOH A . 
D 4 HOH 130 530 127 HOH HOH A . 
D 4 HOH 131 531 52  HOH HOH A . 
D 4 HOH 132 532 60  HOH HOH A . 
D 4 HOH 133 533 63  HOH HOH A . 
D 4 HOH 134 534 58  HOH HOH A . 
E 4 HOH 1   601 7   HOH HOH B . 
E 4 HOH 2   602 28  HOH HOH B . 
E 4 HOH 3   603 105 HOH HOH B . 
E 4 HOH 4   604 19  HOH HOH B . 
E 4 HOH 5   605 19  HOH HOH B . 
E 4 HOH 6   606 2   HOH HOH B . 
E 4 HOH 7   607 36  HOH HOH B . 
E 4 HOH 8   608 27  HOH HOH B . 
E 4 HOH 9   609 17  HOH HOH B . 
E 4 HOH 10  610 57  HOH HOH B . 
E 4 HOH 11  611 1   HOH HOH B . 
E 4 HOH 12  612 4   HOH HOH B . 
E 4 HOH 13  613 3   HOH HOH B . 
E 4 HOH 14  614 74  HOH HOH B . 
E 4 HOH 15  615 83  HOH HOH B . 
# 
_pdbx_struct_assembly.id                   1 
_pdbx_struct_assembly.details              author_and_software_defined_assembly 
_pdbx_struct_assembly.method_details       PISA 
_pdbx_struct_assembly.oligomeric_details   dimeric 
_pdbx_struct_assembly.oligomeric_count     2 
# 
_pdbx_struct_assembly_gen.assembly_id       1 
_pdbx_struct_assembly_gen.oper_expression   1 
_pdbx_struct_assembly_gen.asym_id_list      A,B,C,D,E 
# 
loop_
_pdbx_struct_assembly_prop.biol_id 
_pdbx_struct_assembly_prop.type 
_pdbx_struct_assembly_prop.value 
_pdbx_struct_assembly_prop.details 
1 'ABSA (A^2)' 1200 ? 
1 MORE         -18  ? 
1 'SSA (A^2)'  8700 ? 
# 
_pdbx_struct_oper_list.id                   1 
_pdbx_struct_oper_list.type                 'identity operation' 
_pdbx_struct_oper_list.name                 1_555 
_pdbx_struct_oper_list.symmetry_operation   x,y,z 
_pdbx_struct_oper_list.matrix[1][1]         1.0000000000 
_pdbx_struct_oper_list.matrix[1][2]         0.0000000000 
_pdbx_struct_oper_list.matrix[1][3]         0.0000000000 
_pdbx_struct_oper_list.vector[1]            0.0000000000 
_pdbx_struct_oper_list.matrix[2][1]         0.0000000000 
_pdbx_struct_oper_list.matrix[2][2]         1.0000000000 
_pdbx_struct_oper_list.matrix[2][3]         0.0000000000 
_pdbx_struct_oper_list.vector[2]            0.0000000000 
_pdbx_struct_oper_list.matrix[3][1]         0.0000000000 
_pdbx_struct_oper_list.matrix[3][2]         0.0000000000 
_pdbx_struct_oper_list.matrix[3][3]         1.0000000000 
_pdbx_struct_oper_list.vector[3]            0.0000000000 
# 
loop_
_pdbx_struct_conn_angle.id 
_pdbx_struct_conn_angle.ptnr1_label_atom_id 
_pdbx_struct_conn_angle.ptnr1_label_alt_id 
_pdbx_struct_conn_angle.ptnr1_label_asym_id 
_pdbx_struct_conn_angle.ptnr1_label_comp_id 
_pdbx_struct_conn_angle.ptnr1_label_seq_id 
_pdbx_struct_conn_angle.ptnr1_auth_atom_id 
_pdbx_struct_conn_angle.ptnr1_auth_asym_id 
_pdbx_struct_conn_angle.ptnr1_auth_comp_id 
_pdbx_struct_conn_angle.ptnr1_auth_seq_id 
_pdbx_struct_conn_angle.ptnr1_PDB_ins_code 
_pdbx_struct_conn_angle.ptnr1_symmetry 
_pdbx_struct_conn_angle.ptnr2_label_atom_id 
_pdbx_struct_conn_angle.ptnr2_label_alt_id 
_pdbx_struct_conn_angle.ptnr2_label_asym_id 
_pdbx_struct_conn_angle.ptnr2_label_comp_id 
_pdbx_struct_conn_angle.ptnr2_label_seq_id 
_pdbx_struct_conn_angle.ptnr2_auth_atom_id 
_pdbx_struct_conn_angle.ptnr2_auth_asym_id 
_pdbx_struct_conn_angle.ptnr2_auth_comp_id 
_pdbx_struct_conn_angle.ptnr2_auth_seq_id 
_pdbx_struct_conn_angle.ptnr2_PDB_ins_code 
_pdbx_struct_conn_angle.ptnr2_symmetry 
_pdbx_struct_conn_angle.ptnr3_label_atom_id 
_pdbx_struct_conn_angle.ptnr3_label_alt_id 
_pdbx_struct_conn_angle.ptnr3_label_asym_id 
_pdbx_struct_conn_angle.ptnr3_label_comp_id 
_pdbx_struct_conn_angle.ptnr3_label_seq_id 
_pdbx_struct_conn_angle.ptnr3_auth_atom_id 
_pdbx_struct_conn_angle.ptnr3_auth_asym_id 
_pdbx_struct_conn_angle.ptnr3_auth_comp_id 
_pdbx_struct_conn_angle.ptnr3_auth_seq_id 
_pdbx_struct_conn_angle.ptnr3_PDB_ins_code 
_pdbx_struct_conn_angle.ptnr3_symmetry 
_pdbx_struct_conn_angle.value 
_pdbx_struct_conn_angle.value_esd 
1  O   ? A ALA 16  ? A ALA 155 ? 1_555 CA ? C CA . ? A CA 301 ? 1_555 O   ? A GLN 90  ? A GLN 229 ? 1_555 96.1  ? 
2  O   ? A ALA 16  ? A ALA 155 ? 1_555 CA ? C CA . ? A CA 301 ? 1_555 OD1 ? A ASN 105 ? A ASN 244 ? 1_555 132.2 ? 
3  O   ? A GLN 90  ? A GLN 229 ? 1_555 CA ? C CA . ? A CA 301 ? 1_555 OD1 ? A ASN 105 ? A ASN 244 ? 1_555 78.3  ? 
4  O   ? A ALA 16  ? A ALA 155 ? 1_555 CA ? C CA . ? A CA 301 ? 1_555 O   ? D HOH .   ? A HOH 473 ? 1_555 75.0  ? 
5  O   ? A GLN 90  ? A GLN 229 ? 1_555 CA ? C CA . ? A CA 301 ? 1_555 O   ? D HOH .   ? A HOH 473 ? 1_555 67.4  ? 
6  OD1 ? A ASN 105 ? A ASN 244 ? 1_555 CA ? C CA . ? A CA 301 ? 1_555 O   ? D HOH .   ? A HOH 473 ? 1_555 139.0 ? 
7  O   ? A ALA 16  ? A ALA 155 ? 1_555 CA ? C CA . ? A CA 301 ? 1_555 O   ? D HOH .   ? A HOH 474 ? 1_555 82.6  ? 
8  O   ? A GLN 90  ? A GLN 229 ? 1_555 CA ? C CA . ? A CA 301 ? 1_555 O   ? D HOH .   ? A HOH 474 ? 1_555 23.0  ? 
9  OD1 ? A ASN 105 ? A ASN 244 ? 1_555 CA ? C CA . ? A CA 301 ? 1_555 O   ? D HOH .   ? A HOH 474 ? 1_555 74.4  ? 
10 O   ? D HOH .   ? A HOH 473 ? 1_555 CA ? C CA . ? A CA 301 ? 1_555 O   ? D HOH .   ? A HOH 474 ? 1_555 81.7  ? 
11 O   ? A ALA 16  ? A ALA 155 ? 1_555 CA ? C CA . ? A CA 301 ? 1_555 O   ? D HOH .   ? A HOH 484 ? 1_555 75.6  ? 
12 O   ? A GLN 90  ? A GLN 229 ? 1_555 CA ? C CA . ? A CA 301 ? 1_555 O   ? D HOH .   ? A HOH 484 ? 1_555 130.7 ? 
13 OD1 ? A ASN 105 ? A ASN 244 ? 1_555 CA ? C CA . ? A CA 301 ? 1_555 O   ? D HOH .   ? A HOH 484 ? 1_555 73.3  ? 
14 O   ? D HOH .   ? A HOH 473 ? 1_555 CA ? C CA . ? A CA 301 ? 1_555 O   ? D HOH .   ? A HOH 484 ? 1_555 147.1 ? 
15 O   ? D HOH .   ? A HOH 474 ? 1_555 CA ? C CA . ? A CA 301 ? 1_555 O   ? D HOH .   ? A HOH 484 ? 1_555 109.0 ? 
16 O   ? A ALA 16  ? A ALA 155 ? 1_555 CA ? C CA . ? A CA 301 ? 1_555 O   ? D HOH .   ? A HOH 511 ? 6_455 83.1  ? 
17 O   ? A GLN 90  ? A GLN 229 ? 1_555 CA ? C CA . ? A CA 301 ? 1_555 O   ? D HOH .   ? A HOH 511 ? 6_455 155.0 ? 
18 OD1 ? A ASN 105 ? A ASN 244 ? 1_555 CA ? C CA . ? A CA 301 ? 1_555 O   ? D HOH .   ? A HOH 511 ? 6_455 120.4 ? 
19 O   ? D HOH .   ? A HOH 473 ? 1_555 CA ? C CA . ? A CA 301 ? 1_555 O   ? D HOH .   ? A HOH 511 ? 6_455 88.4  ? 
20 O   ? D HOH .   ? A HOH 474 ? 1_555 CA ? C CA . ? A CA 301 ? 1_555 O   ? D HOH .   ? A HOH 511 ? 6_455 164.3 ? 
21 O   ? D HOH .   ? A HOH 484 ? 1_555 CA ? C CA . ? A CA 301 ? 1_555 O   ? D HOH .   ? A HOH 511 ? 6_455 73.5  ? 
# 
loop_
_pdbx_audit_revision_history.ordinal 
_pdbx_audit_revision_history.data_content_type 
_pdbx_audit_revision_history.major_revision 
_pdbx_audit_revision_history.minor_revision 
_pdbx_audit_revision_history.revision_date 
1 'Structure model' 1 0 2018-12-12 
2 'Structure model' 1 1 2019-02-20 
3 'Structure model' 1 2 2019-12-18 
4 'Structure model' 1 3 2023-10-11 
# 
_pdbx_audit_revision_details.ordinal             1 
_pdbx_audit_revision_details.revision_ordinal    1 
_pdbx_audit_revision_details.data_content_type   'Structure model' 
_pdbx_audit_revision_details.provider            repository 
_pdbx_audit_revision_details.type                'Initial release' 
_pdbx_audit_revision_details.description         ? 
_pdbx_audit_revision_details.details             ? 
# 
loop_
_pdbx_audit_revision_group.ordinal 
_pdbx_audit_revision_group.revision_ordinal 
_pdbx_audit_revision_group.data_content_type 
_pdbx_audit_revision_group.group 
1 2 'Structure model' 'Data collection'            
2 2 'Structure model' 'Database references'        
3 3 'Structure model' 'Author supporting evidence' 
4 4 'Structure model' 'Data collection'            
5 4 'Structure model' 'Database references'        
6 4 'Structure model' 'Derived calculations'       
7 4 'Structure model' 'Refinement description'     
# 
loop_
_pdbx_audit_revision_category.ordinal 
_pdbx_audit_revision_category.revision_ordinal 
_pdbx_audit_revision_category.data_content_type 
_pdbx_audit_revision_category.category 
1 2 'Structure model' citation                      
2 2 'Structure model' citation_author               
3 3 'Structure model' pdbx_audit_support            
4 4 'Structure model' chem_comp_atom                
5 4 'Structure model' chem_comp_bond                
6 4 'Structure model' database_2                    
7 4 'Structure model' pdbx_initial_refinement_model 
8 4 'Structure model' pdbx_struct_conn_angle        
9 4 'Structure model' struct_conn                   
# 
loop_
_pdbx_audit_revision_item.ordinal 
_pdbx_audit_revision_item.revision_ordinal 
_pdbx_audit_revision_item.data_content_type 
_pdbx_audit_revision_item.item 
1  2 'Structure model' '_citation.journal_abbrev'                    
2  2 'Structure model' '_citation.journal_id_CSD'                    
3  2 'Structure model' '_citation.journal_id_ISSN'                   
4  2 'Structure model' '_citation.journal_volume'                    
5  2 'Structure model' '_citation.page_first'                        
6  2 'Structure model' '_citation.page_last'                         
7  2 'Structure model' '_citation.pdbx_database_id_DOI'              
8  2 'Structure model' '_citation.pdbx_database_id_PubMed'           
9  2 'Structure model' '_citation.title'                             
10 2 'Structure model' '_citation.year'                              
11 3 'Structure model' '_pdbx_audit_support.funding_organization'    
12 4 'Structure model' '_database_2.pdbx_DOI'                        
13 4 'Structure model' '_database_2.pdbx_database_accession'         
14 4 'Structure model' '_pdbx_struct_conn_angle.ptnr1_auth_comp_id'  
15 4 'Structure model' '_pdbx_struct_conn_angle.ptnr1_auth_seq_id'   
16 4 'Structure model' '_pdbx_struct_conn_angle.ptnr1_label_asym_id' 
17 4 'Structure model' '_pdbx_struct_conn_angle.ptnr1_label_atom_id' 
18 4 'Structure model' '_pdbx_struct_conn_angle.ptnr1_label_comp_id' 
19 4 'Structure model' '_pdbx_struct_conn_angle.ptnr1_label_seq_id'  
20 4 'Structure model' '_pdbx_struct_conn_angle.ptnr3_auth_comp_id'  
21 4 'Structure model' '_pdbx_struct_conn_angle.ptnr3_auth_seq_id'   
22 4 'Structure model' '_pdbx_struct_conn_angle.ptnr3_label_asym_id' 
23 4 'Structure model' '_pdbx_struct_conn_angle.ptnr3_label_atom_id' 
24 4 'Structure model' '_pdbx_struct_conn_angle.ptnr3_label_comp_id' 
25 4 'Structure model' '_pdbx_struct_conn_angle.ptnr3_label_seq_id'  
26 4 'Structure model' '_pdbx_struct_conn_angle.value'               
27 4 'Structure model' '_struct_conn.pdbx_dist_value'                
28 4 'Structure model' '_struct_conn.ptnr1_auth_comp_id'             
29 4 'Structure model' '_struct_conn.ptnr1_auth_seq_id'              
30 4 'Structure model' '_struct_conn.ptnr1_label_asym_id'            
31 4 'Structure model' '_struct_conn.ptnr1_label_atom_id'            
32 4 'Structure model' '_struct_conn.ptnr1_label_comp_id'            
33 4 'Structure model' '_struct_conn.ptnr1_label_seq_id'             
34 4 'Structure model' '_struct_conn.ptnr2_auth_comp_id'             
35 4 'Structure model' '_struct_conn.ptnr2_auth_seq_id'              
36 4 'Structure model' '_struct_conn.ptnr2_label_asym_id'            
37 4 'Structure model' '_struct_conn.ptnr2_label_atom_id'            
38 4 'Structure model' '_struct_conn.ptnr2_label_comp_id'            
39 4 'Structure model' '_struct_conn.ptnr2_symmetry'                 
# 
loop_
_software.citation_id 
_software.classification 
_software.compiler_name 
_software.compiler_version 
_software.contact_author 
_software.contact_author_email 
_software.date 
_software.description 
_software.dependencies 
_software.hardware 
_software.language 
_software.location 
_software.mods 
_software.name 
_software.os 
_software.os_version 
_software.type 
_software.version 
_software.pdbx_ordinal 
? refinement       ? ? ? ? ? ? ? ? ? ? ? REFMAC ? ? ? 5.8.0230 1 
? 'data reduction' ? ? ? ? ? ? ? ? ? ? ? XDS    ? ? ? .        2 
? 'data scaling'   ? ? ? ? ? ? ? ? ? ? ? XDS    ? ? ? .        3 
? phasing          ? ? ? ? ? ? ? ? ? ? ? PHASER ? ? ? .        4 
# 
loop_
_pdbx_validate_close_contact.id 
_pdbx_validate_close_contact.PDB_model_num 
_pdbx_validate_close_contact.auth_atom_id_1 
_pdbx_validate_close_contact.auth_asym_id_1 
_pdbx_validate_close_contact.auth_comp_id_1 
_pdbx_validate_close_contact.auth_seq_id_1 
_pdbx_validate_close_contact.PDB_ins_code_1 
_pdbx_validate_close_contact.label_alt_id_1 
_pdbx_validate_close_contact.auth_atom_id_2 
_pdbx_validate_close_contact.auth_asym_id_2 
_pdbx_validate_close_contact.auth_comp_id_2 
_pdbx_validate_close_contact.auth_seq_id_2 
_pdbx_validate_close_contact.PDB_ins_code_2 
_pdbx_validate_close_contact.label_alt_id_2 
_pdbx_validate_close_contact.dist 
1  1 O   B HOH 604 ? ? O B HOH 606 ? ? 0.88 
2  1 O   A HOH 422 ? ? O A HOH 449 ? ? 1.52 
3  1 OE1 A GLN 248 ? ? O A HOH 401 ? ? 1.62 
4  1 O   A HOH 411 ? ? O A HOH 514 ? ? 1.68 
5  1 O   A HOH 523 ? ? O A HOH 528 ? ? 1.70 
6  1 O   A HOH 429 ? ? O A HOH 514 ? ? 1.76 
7  1 NZ  A LYS 180 ? ? O A HOH 402 ? ? 1.76 
8  1 O   A HOH 470 ? ? O A HOH 523 ? ? 1.79 
9  1 O   A HOH 503 ? ? O A HOH 513 ? ? 1.84 
10 1 O   A HOH 452 ? ? O A HOH 453 ? ? 1.98 
11 1 O   A HOH 510 ? ? O A HOH 523 ? ? 1.99 
12 1 CD  A GLN 248 ? ? O A HOH 401 ? ? 2.08 
13 1 O   A HOH 438 ? ? O A HOH 522 ? ? 2.09 
# 
loop_
_pdbx_validate_symm_contact.id 
_pdbx_validate_symm_contact.PDB_model_num 
_pdbx_validate_symm_contact.auth_atom_id_1 
_pdbx_validate_symm_contact.auth_asym_id_1 
_pdbx_validate_symm_contact.auth_comp_id_1 
_pdbx_validate_symm_contact.auth_seq_id_1 
_pdbx_validate_symm_contact.PDB_ins_code_1 
_pdbx_validate_symm_contact.label_alt_id_1 
_pdbx_validate_symm_contact.site_symmetry_1 
_pdbx_validate_symm_contact.auth_atom_id_2 
_pdbx_validate_symm_contact.auth_asym_id_2 
_pdbx_validate_symm_contact.auth_comp_id_2 
_pdbx_validate_symm_contact.auth_seq_id_2 
_pdbx_validate_symm_contact.PDB_ins_code_2 
_pdbx_validate_symm_contact.label_alt_id_2 
_pdbx_validate_symm_contact.site_symmetry_2 
_pdbx_validate_symm_contact.dist 
1 1 O  A HOH 419 ? ? 1_555 O A HOH 421 ? ? 6_455 1.15 
2 1 O  A HOH 406 ? ? 1_555 O A HOH 481 ? ? 6_455 1.20 
3 1 O  A HOH 414 ? ? 1_555 O A HOH 507 ? ? 6_555 1.60 
4 1 SG A CYS 251 ? ? 1_555 O A HOH 402 ? ? 8_555 1.76 
# 
_pdbx_validate_torsion.id              1 
_pdbx_validate_torsion.PDB_model_num   1 
_pdbx_validate_torsion.auth_comp_id    SER 
_pdbx_validate_torsion.auth_asym_id    A 
_pdbx_validate_torsion.auth_seq_id     254 
_pdbx_validate_torsion.PDB_ins_code    ? 
_pdbx_validate_torsion.label_alt_id    ? 
_pdbx_validate_torsion.phi             -36.30 
_pdbx_validate_torsion.psi             119.82 
# 
loop_
_pdbx_unobs_or_zero_occ_atoms.id 
_pdbx_unobs_or_zero_occ_atoms.PDB_model_num 
_pdbx_unobs_or_zero_occ_atoms.polymer_flag 
_pdbx_unobs_or_zero_occ_atoms.occupancy_flag 
_pdbx_unobs_or_zero_occ_atoms.auth_asym_id 
_pdbx_unobs_or_zero_occ_atoms.auth_comp_id 
_pdbx_unobs_or_zero_occ_atoms.auth_seq_id 
_pdbx_unobs_or_zero_occ_atoms.PDB_ins_code 
_pdbx_unobs_or_zero_occ_atoms.auth_atom_id 
_pdbx_unobs_or_zero_occ_atoms.label_alt_id 
_pdbx_unobs_or_zero_occ_atoms.label_asym_id 
_pdbx_unobs_or_zero_occ_atoms.label_comp_id 
_pdbx_unobs_or_zero_occ_atoms.label_seq_id 
_pdbx_unobs_or_zero_occ_atoms.label_atom_id 
1 1 Y 1 A SER 259 ? OG  ? A SER 120 OG  
2 1 Y 1 A ARG 262 ? CG  ? A ARG 123 CG  
3 1 Y 1 A ARG 262 ? CD  ? A ARG 123 CD  
4 1 Y 1 A ARG 262 ? NE  ? A ARG 123 NE  
5 1 Y 1 A ARG 262 ? CZ  ? A ARG 123 CZ  
6 1 Y 1 A ARG 262 ? NH1 ? A ARG 123 NH1 
7 1 Y 1 A ARG 262 ? NH2 ? A ARG 123 NH2 
# 
loop_
_pdbx_unobs_or_zero_occ_residues.id 
_pdbx_unobs_or_zero_occ_residues.PDB_model_num 
_pdbx_unobs_or_zero_occ_residues.polymer_flag 
_pdbx_unobs_or_zero_occ_residues.occupancy_flag 
_pdbx_unobs_or_zero_occ_residues.auth_asym_id 
_pdbx_unobs_or_zero_occ_residues.auth_comp_id 
_pdbx_unobs_or_zero_occ_residues.auth_seq_id 
_pdbx_unobs_or_zero_occ_residues.PDB_ins_code 
_pdbx_unobs_or_zero_occ_residues.label_asym_id 
_pdbx_unobs_or_zero_occ_residues.label_comp_id 
_pdbx_unobs_or_zero_occ_residues.label_seq_id 
1 1 Y 1 B PRO 554 ? B PRO 1 
2 1 Y 1 B VAL 555 ? B VAL 2 
# 
loop_
_chem_comp_atom.comp_id 
_chem_comp_atom.atom_id 
_chem_comp_atom.type_symbol 
_chem_comp_atom.pdbx_aromatic_flag 
_chem_comp_atom.pdbx_stereo_config 
_chem_comp_atom.pdbx_ordinal 
ALA N    N  N N 1   
ALA CA   C  N S 2   
ALA C    C  N N 3   
ALA O    O  N N 4   
ALA CB   C  N N 5   
ALA OXT  O  N N 6   
ALA H    H  N N 7   
ALA H2   H  N N 8   
ALA HA   H  N N 9   
ALA HB1  H  N N 10  
ALA HB2  H  N N 11  
ALA HB3  H  N N 12  
ALA HXT  H  N N 13  
ARG N    N  N N 14  
ARG CA   C  N S 15  
ARG C    C  N N 16  
ARG O    O  N N 17  
ARG CB   C  N N 18  
ARG CG   C  N N 19  
ARG CD   C  N N 20  
ARG NE   N  N N 21  
ARG CZ   C  N N 22  
ARG NH1  N  N N 23  
ARG NH2  N  N N 24  
ARG OXT  O  N N 25  
ARG H    H  N N 26  
ARG H2   H  N N 27  
ARG HA   H  N N 28  
ARG HB2  H  N N 29  
ARG HB3  H  N N 30  
ARG HG2  H  N N 31  
ARG HG3  H  N N 32  
ARG HD2  H  N N 33  
ARG HD3  H  N N 34  
ARG HE   H  N N 35  
ARG HH11 H  N N 36  
ARG HH12 H  N N 37  
ARG HH21 H  N N 38  
ARG HH22 H  N N 39  
ARG HXT  H  N N 40  
ASN N    N  N N 41  
ASN CA   C  N S 42  
ASN C    C  N N 43  
ASN O    O  N N 44  
ASN CB   C  N N 45  
ASN CG   C  N N 46  
ASN OD1  O  N N 47  
ASN ND2  N  N N 48  
ASN OXT  O  N N 49  
ASN H    H  N N 50  
ASN H2   H  N N 51  
ASN HA   H  N N 52  
ASN HB2  H  N N 53  
ASN HB3  H  N N 54  
ASN HD21 H  N N 55  
ASN HD22 H  N N 56  
ASN HXT  H  N N 57  
ASP N    N  N N 58  
ASP CA   C  N S 59  
ASP C    C  N N 60  
ASP O    O  N N 61  
ASP CB   C  N N 62  
ASP CG   C  N N 63  
ASP OD1  O  N N 64  
ASP OD2  O  N N 65  
ASP OXT  O  N N 66  
ASP H    H  N N 67  
ASP H2   H  N N 68  
ASP HA   H  N N 69  
ASP HB2  H  N N 70  
ASP HB3  H  N N 71  
ASP HD2  H  N N 72  
ASP HXT  H  N N 73  
CA  CA   CA N N 74  
CYS N    N  N N 75  
CYS CA   C  N R 76  
CYS C    C  N N 77  
CYS O    O  N N 78  
CYS CB   C  N N 79  
CYS SG   S  N N 80  
CYS OXT  O  N N 81  
CYS H    H  N N 82  
CYS H2   H  N N 83  
CYS HA   H  N N 84  
CYS HB2  H  N N 85  
CYS HB3  H  N N 86  
CYS HG   H  N N 87  
CYS HXT  H  N N 88  
GLN N    N  N N 89  
GLN CA   C  N S 90  
GLN C    C  N N 91  
GLN O    O  N N 92  
GLN CB   C  N N 93  
GLN CG   C  N N 94  
GLN CD   C  N N 95  
GLN OE1  O  N N 96  
GLN NE2  N  N N 97  
GLN OXT  O  N N 98  
GLN H    H  N N 99  
GLN H2   H  N N 100 
GLN HA   H  N N 101 
GLN HB2  H  N N 102 
GLN HB3  H  N N 103 
GLN HG2  H  N N 104 
GLN HG3  H  N N 105 
GLN HE21 H  N N 106 
GLN HE22 H  N N 107 
GLN HXT  H  N N 108 
GLU N    N  N N 109 
GLU CA   C  N S 110 
GLU C    C  N N 111 
GLU O    O  N N 112 
GLU CB   C  N N 113 
GLU CG   C  N N 114 
GLU CD   C  N N 115 
GLU OE1  O  N N 116 
GLU OE2  O  N N 117 
GLU OXT  O  N N 118 
GLU H    H  N N 119 
GLU H2   H  N N 120 
GLU HA   H  N N 121 
GLU HB2  H  N N 122 
GLU HB3  H  N N 123 
GLU HG2  H  N N 124 
GLU HG3  H  N N 125 
GLU HE2  H  N N 126 
GLU HXT  H  N N 127 
GLY N    N  N N 128 
GLY CA   C  N N 129 
GLY C    C  N N 130 
GLY O    O  N N 131 
GLY OXT  O  N N 132 
GLY H    H  N N 133 
GLY H2   H  N N 134 
GLY HA2  H  N N 135 
GLY HA3  H  N N 136 
GLY HXT  H  N N 137 
HIS N    N  N N 138 
HIS CA   C  N S 139 
HIS C    C  N N 140 
HIS O    O  N N 141 
HIS CB   C  N N 142 
HIS CG   C  Y N 143 
HIS ND1  N  Y N 144 
HIS CD2  C  Y N 145 
HIS CE1  C  Y N 146 
HIS NE2  N  Y N 147 
HIS OXT  O  N N 148 
HIS H    H  N N 149 
HIS H2   H  N N 150 
HIS HA   H  N N 151 
HIS HB2  H  N N 152 
HIS HB3  H  N N 153 
HIS HD1  H  N N 154 
HIS HD2  H  N N 155 
HIS HE1  H  N N 156 
HIS HE2  H  N N 157 
HIS HXT  H  N N 158 
HOH O    O  N N 159 
HOH H1   H  N N 160 
HOH H2   H  N N 161 
ILE N    N  N N 162 
ILE CA   C  N S 163 
ILE C    C  N N 164 
ILE O    O  N N 165 
ILE CB   C  N S 166 
ILE CG1  C  N N 167 
ILE CG2  C  N N 168 
ILE CD1  C  N N 169 
ILE OXT  O  N N 170 
ILE H    H  N N 171 
ILE H2   H  N N 172 
ILE HA   H  N N 173 
ILE HB   H  N N 174 
ILE HG12 H  N N 175 
ILE HG13 H  N N 176 
ILE HG21 H  N N 177 
ILE HG22 H  N N 178 
ILE HG23 H  N N 179 
ILE HD11 H  N N 180 
ILE HD12 H  N N 181 
ILE HD13 H  N N 182 
ILE HXT  H  N N 183 
LEU N    N  N N 184 
LEU CA   C  N S 185 
LEU C    C  N N 186 
LEU O    O  N N 187 
LEU CB   C  N N 188 
LEU CG   C  N N 189 
LEU CD1  C  N N 190 
LEU CD2  C  N N 191 
LEU OXT  O  N N 192 
LEU H    H  N N 193 
LEU H2   H  N N 194 
LEU HA   H  N N 195 
LEU HB2  H  N N 196 
LEU HB3  H  N N 197 
LEU HG   H  N N 198 
LEU HD11 H  N N 199 
LEU HD12 H  N N 200 
LEU HD13 H  N N 201 
LEU HD21 H  N N 202 
LEU HD22 H  N N 203 
LEU HD23 H  N N 204 
LEU HXT  H  N N 205 
LYS N    N  N N 206 
LYS CA   C  N S 207 
LYS C    C  N N 208 
LYS O    O  N N 209 
LYS CB   C  N N 210 
LYS CG   C  N N 211 
LYS CD   C  N N 212 
LYS CE   C  N N 213 
LYS NZ   N  N N 214 
LYS OXT  O  N N 215 
LYS H    H  N N 216 
LYS H2   H  N N 217 
LYS HA   H  N N 218 
LYS HB2  H  N N 219 
LYS HB3  H  N N 220 
LYS HG2  H  N N 221 
LYS HG3  H  N N 222 
LYS HD2  H  N N 223 
LYS HD3  H  N N 224 
LYS HE2  H  N N 225 
LYS HE3  H  N N 226 
LYS HZ1  H  N N 227 
LYS HZ2  H  N N 228 
LYS HZ3  H  N N 229 
LYS HXT  H  N N 230 
MET N    N  N N 231 
MET CA   C  N S 232 
MET C    C  N N 233 
MET O    O  N N 234 
MET CB   C  N N 235 
MET CG   C  N N 236 
MET SD   S  N N 237 
MET CE   C  N N 238 
MET OXT  O  N N 239 
MET H    H  N N 240 
MET H2   H  N N 241 
MET HA   H  N N 242 
MET HB2  H  N N 243 
MET HB3  H  N N 244 
MET HG2  H  N N 245 
MET HG3  H  N N 246 
MET HE1  H  N N 247 
MET HE2  H  N N 248 
MET HE3  H  N N 249 
MET HXT  H  N N 250 
PHE N    N  N N 251 
PHE CA   C  N S 252 
PHE C    C  N N 253 
PHE O    O  N N 254 
PHE CB   C  N N 255 
PHE CG   C  Y N 256 
PHE CD1  C  Y N 257 
PHE CD2  C  Y N 258 
PHE CE1  C  Y N 259 
PHE CE2  C  Y N 260 
PHE CZ   C  Y N 261 
PHE OXT  O  N N 262 
PHE H    H  N N 263 
PHE H2   H  N N 264 
PHE HA   H  N N 265 
PHE HB2  H  N N 266 
PHE HB3  H  N N 267 
PHE HD1  H  N N 268 
PHE HD2  H  N N 269 
PHE HE1  H  N N 270 
PHE HE2  H  N N 271 
PHE HZ   H  N N 272 
PHE HXT  H  N N 273 
PRO N    N  N N 274 
PRO CA   C  N S 275 
PRO C    C  N N 276 
PRO O    O  N N 277 
PRO CB   C  N N 278 
PRO CG   C  N N 279 
PRO CD   C  N N 280 
PRO OXT  O  N N 281 
PRO H    H  N N 282 
PRO HA   H  N N 283 
PRO HB2  H  N N 284 
PRO HB3  H  N N 285 
PRO HG2  H  N N 286 
PRO HG3  H  N N 287 
PRO HD2  H  N N 288 
PRO HD3  H  N N 289 
PRO HXT  H  N N 290 
SER N    N  N N 291 
SER CA   C  N S 292 
SER C    C  N N 293 
SER O    O  N N 294 
SER CB   C  N N 295 
SER OG   O  N N 296 
SER OXT  O  N N 297 
SER H    H  N N 298 
SER H2   H  N N 299 
SER HA   H  N N 300 
SER HB2  H  N N 301 
SER HB3  H  N N 302 
SER HG   H  N N 303 
SER HXT  H  N N 304 
THR N    N  N N 305 
THR CA   C  N S 306 
THR C    C  N N 307 
THR O    O  N N 308 
THR CB   C  N R 309 
THR OG1  O  N N 310 
THR CG2  C  N N 311 
THR OXT  O  N N 312 
THR H    H  N N 313 
THR H2   H  N N 314 
THR HA   H  N N 315 
THR HB   H  N N 316 
THR HG1  H  N N 317 
THR HG21 H  N N 318 
THR HG22 H  N N 319 
THR HG23 H  N N 320 
THR HXT  H  N N 321 
TRP N    N  N N 322 
TRP CA   C  N S 323 
TRP C    C  N N 324 
TRP O    O  N N 325 
TRP CB   C  N N 326 
TRP CG   C  Y N 327 
TRP CD1  C  Y N 328 
TRP CD2  C  Y N 329 
TRP NE1  N  Y N 330 
TRP CE2  C  Y N 331 
TRP CE3  C  Y N 332 
TRP CZ2  C  Y N 333 
TRP CZ3  C  Y N 334 
TRP CH2  C  Y N 335 
TRP OXT  O  N N 336 
TRP H    H  N N 337 
TRP H2   H  N N 338 
TRP HA   H  N N 339 
TRP HB2  H  N N 340 
TRP HB3  H  N N 341 
TRP HD1  H  N N 342 
TRP HE1  H  N N 343 
TRP HE3  H  N N 344 
TRP HZ2  H  N N 345 
TRP HZ3  H  N N 346 
TRP HH2  H  N N 347 
TRP HXT  H  N N 348 
TYR N    N  N N 349 
TYR CA   C  N S 350 
TYR C    C  N N 351 
TYR O    O  N N 352 
TYR CB   C  N N 353 
TYR CG   C  Y N 354 
TYR CD1  C  Y N 355 
TYR CD2  C  Y N 356 
TYR CE1  C  Y N 357 
TYR CE2  C  Y N 358 
TYR CZ   C  Y N 359 
TYR OH   O  N N 360 
TYR OXT  O  N N 361 
TYR H    H  N N 362 
TYR H2   H  N N 363 
TYR HA   H  N N 364 
TYR HB2  H  N N 365 
TYR HB3  H  N N 366 
TYR HD1  H  N N 367 
TYR HD2  H  N N 368 
TYR HE1  H  N N 369 
TYR HE2  H  N N 370 
TYR HH   H  N N 371 
TYR HXT  H  N N 372 
VAL N    N  N N 373 
VAL CA   C  N S 374 
VAL C    C  N N 375 
VAL O    O  N N 376 
VAL CB   C  N N 377 
VAL CG1  C  N N 378 
VAL CG2  C  N N 379 
VAL OXT  O  N N 380 
VAL H    H  N N 381 
VAL H2   H  N N 382 
VAL HA   H  N N 383 
VAL HB   H  N N 384 
VAL HG11 H  N N 385 
VAL HG12 H  N N 386 
VAL HG13 H  N N 387 
VAL HG21 H  N N 388 
VAL HG22 H  N N 389 
VAL HG23 H  N N 390 
VAL HXT  H  N N 391 
# 
loop_
_chem_comp_bond.comp_id 
_chem_comp_bond.atom_id_1 
_chem_comp_bond.atom_id_2 
_chem_comp_bond.value_order 
_chem_comp_bond.pdbx_aromatic_flag 
_chem_comp_bond.pdbx_stereo_config 
_chem_comp_bond.pdbx_ordinal 
ALA N   CA   sing N N 1   
ALA N   H    sing N N 2   
ALA N   H2   sing N N 3   
ALA CA  C    sing N N 4   
ALA CA  CB   sing N N 5   
ALA CA  HA   sing N N 6   
ALA C   O    doub N N 7   
ALA C   OXT  sing N N 8   
ALA CB  HB1  sing N N 9   
ALA CB  HB2  sing N N 10  
ALA CB  HB3  sing N N 11  
ALA OXT HXT  sing N N 12  
ARG N   CA   sing N N 13  
ARG N   H    sing N N 14  
ARG N   H2   sing N N 15  
ARG CA  C    sing N N 16  
ARG CA  CB   sing N N 17  
ARG CA  HA   sing N N 18  
ARG C   O    doub N N 19  
ARG C   OXT  sing N N 20  
ARG CB  CG   sing N N 21  
ARG CB  HB2  sing N N 22  
ARG CB  HB3  sing N N 23  
ARG CG  CD   sing N N 24  
ARG CG  HG2  sing N N 25  
ARG CG  HG3  sing N N 26  
ARG CD  NE   sing N N 27  
ARG CD  HD2  sing N N 28  
ARG CD  HD3  sing N N 29  
ARG NE  CZ   sing N N 30  
ARG NE  HE   sing N N 31  
ARG CZ  NH1  sing N N 32  
ARG CZ  NH2  doub N N 33  
ARG NH1 HH11 sing N N 34  
ARG NH1 HH12 sing N N 35  
ARG NH2 HH21 sing N N 36  
ARG NH2 HH22 sing N N 37  
ARG OXT HXT  sing N N 38  
ASN N   CA   sing N N 39  
ASN N   H    sing N N 40  
ASN N   H2   sing N N 41  
ASN CA  C    sing N N 42  
ASN CA  CB   sing N N 43  
ASN CA  HA   sing N N 44  
ASN C   O    doub N N 45  
ASN C   OXT  sing N N 46  
ASN CB  CG   sing N N 47  
ASN CB  HB2  sing N N 48  
ASN CB  HB3  sing N N 49  
ASN CG  OD1  doub N N 50  
ASN CG  ND2  sing N N 51  
ASN ND2 HD21 sing N N 52  
ASN ND2 HD22 sing N N 53  
ASN OXT HXT  sing N N 54  
ASP N   CA   sing N N 55  
ASP N   H    sing N N 56  
ASP N   H2   sing N N 57  
ASP CA  C    sing N N 58  
ASP CA  CB   sing N N 59  
ASP CA  HA   sing N N 60  
ASP C   O    doub N N 61  
ASP C   OXT  sing N N 62  
ASP CB  CG   sing N N 63  
ASP CB  HB2  sing N N 64  
ASP CB  HB3  sing N N 65  
ASP CG  OD1  doub N N 66  
ASP CG  OD2  sing N N 67  
ASP OD2 HD2  sing N N 68  
ASP OXT HXT  sing N N 69  
CYS N   CA   sing N N 70  
CYS N   H    sing N N 71  
CYS N   H2   sing N N 72  
CYS CA  C    sing N N 73  
CYS CA  CB   sing N N 74  
CYS CA  HA   sing N N 75  
CYS C   O    doub N N 76  
CYS C   OXT  sing N N 77  
CYS CB  SG   sing N N 78  
CYS CB  HB2  sing N N 79  
CYS CB  HB3  sing N N 80  
CYS SG  HG   sing N N 81  
CYS OXT HXT  sing N N 82  
GLN N   CA   sing N N 83  
GLN N   H    sing N N 84  
GLN N   H2   sing N N 85  
GLN CA  C    sing N N 86  
GLN CA  CB   sing N N 87  
GLN CA  HA   sing N N 88  
GLN C   O    doub N N 89  
GLN C   OXT  sing N N 90  
GLN CB  CG   sing N N 91  
GLN CB  HB2  sing N N 92  
GLN CB  HB3  sing N N 93  
GLN CG  CD   sing N N 94  
GLN CG  HG2  sing N N 95  
GLN CG  HG3  sing N N 96  
GLN CD  OE1  doub N N 97  
GLN CD  NE2  sing N N 98  
GLN NE2 HE21 sing N N 99  
GLN NE2 HE22 sing N N 100 
GLN OXT HXT  sing N N 101 
GLU N   CA   sing N N 102 
GLU N   H    sing N N 103 
GLU N   H2   sing N N 104 
GLU CA  C    sing N N 105 
GLU CA  CB   sing N N 106 
GLU CA  HA   sing N N 107 
GLU C   O    doub N N 108 
GLU C   OXT  sing N N 109 
GLU CB  CG   sing N N 110 
GLU CB  HB2  sing N N 111 
GLU CB  HB3  sing N N 112 
GLU CG  CD   sing N N 113 
GLU CG  HG2  sing N N 114 
GLU CG  HG3  sing N N 115 
GLU CD  OE1  doub N N 116 
GLU CD  OE2  sing N N 117 
GLU OE2 HE2  sing N N 118 
GLU OXT HXT  sing N N 119 
GLY N   CA   sing N N 120 
GLY N   H    sing N N 121 
GLY N   H2   sing N N 122 
GLY CA  C    sing N N 123 
GLY CA  HA2  sing N N 124 
GLY CA  HA3  sing N N 125 
GLY C   O    doub N N 126 
GLY C   OXT  sing N N 127 
GLY OXT HXT  sing N N 128 
HIS N   CA   sing N N 129 
HIS N   H    sing N N 130 
HIS N   H2   sing N N 131 
HIS CA  C    sing N N 132 
HIS CA  CB   sing N N 133 
HIS CA  HA   sing N N 134 
HIS C   O    doub N N 135 
HIS C   OXT  sing N N 136 
HIS CB  CG   sing N N 137 
HIS CB  HB2  sing N N 138 
HIS CB  HB3  sing N N 139 
HIS CG  ND1  sing Y N 140 
HIS CG  CD2  doub Y N 141 
HIS ND1 CE1  doub Y N 142 
HIS ND1 HD1  sing N N 143 
HIS CD2 NE2  sing Y N 144 
HIS CD2 HD2  sing N N 145 
HIS CE1 NE2  sing Y N 146 
HIS CE1 HE1  sing N N 147 
HIS NE2 HE2  sing N N 148 
HIS OXT HXT  sing N N 149 
HOH O   H1   sing N N 150 
HOH O   H2   sing N N 151 
ILE N   CA   sing N N 152 
ILE N   H    sing N N 153 
ILE N   H2   sing N N 154 
ILE CA  C    sing N N 155 
ILE CA  CB   sing N N 156 
ILE CA  HA   sing N N 157 
ILE C   O    doub N N 158 
ILE C   OXT  sing N N 159 
ILE CB  CG1  sing N N 160 
ILE CB  CG2  sing N N 161 
ILE CB  HB   sing N N 162 
ILE CG1 CD1  sing N N 163 
ILE CG1 HG12 sing N N 164 
ILE CG1 HG13 sing N N 165 
ILE CG2 HG21 sing N N 166 
ILE CG2 HG22 sing N N 167 
ILE CG2 HG23 sing N N 168 
ILE CD1 HD11 sing N N 169 
ILE CD1 HD12 sing N N 170 
ILE CD1 HD13 sing N N 171 
ILE OXT HXT  sing N N 172 
LEU N   CA   sing N N 173 
LEU N   H    sing N N 174 
LEU N   H2   sing N N 175 
LEU CA  C    sing N N 176 
LEU CA  CB   sing N N 177 
LEU CA  HA   sing N N 178 
LEU C   O    doub N N 179 
LEU C   OXT  sing N N 180 
LEU CB  CG   sing N N 181 
LEU CB  HB2  sing N N 182 
LEU CB  HB3  sing N N 183 
LEU CG  CD1  sing N N 184 
LEU CG  CD2  sing N N 185 
LEU CG  HG   sing N N 186 
LEU CD1 HD11 sing N N 187 
LEU CD1 HD12 sing N N 188 
LEU CD1 HD13 sing N N 189 
LEU CD2 HD21 sing N N 190 
LEU CD2 HD22 sing N N 191 
LEU CD2 HD23 sing N N 192 
LEU OXT HXT  sing N N 193 
LYS N   CA   sing N N 194 
LYS N   H    sing N N 195 
LYS N   H2   sing N N 196 
LYS CA  C    sing N N 197 
LYS CA  CB   sing N N 198 
LYS CA  HA   sing N N 199 
LYS C   O    doub N N 200 
LYS C   OXT  sing N N 201 
LYS CB  CG   sing N N 202 
LYS CB  HB2  sing N N 203 
LYS CB  HB3  sing N N 204 
LYS CG  CD   sing N N 205 
LYS CG  HG2  sing N N 206 
LYS CG  HG3  sing N N 207 
LYS CD  CE   sing N N 208 
LYS CD  HD2  sing N N 209 
LYS CD  HD3  sing N N 210 
LYS CE  NZ   sing N N 211 
LYS CE  HE2  sing N N 212 
LYS CE  HE3  sing N N 213 
LYS NZ  HZ1  sing N N 214 
LYS NZ  HZ2  sing N N 215 
LYS NZ  HZ3  sing N N 216 
LYS OXT HXT  sing N N 217 
MET N   CA   sing N N 218 
MET N   H    sing N N 219 
MET N   H2   sing N N 220 
MET CA  C    sing N N 221 
MET CA  CB   sing N N 222 
MET CA  HA   sing N N 223 
MET C   O    doub N N 224 
MET C   OXT  sing N N 225 
MET CB  CG   sing N N 226 
MET CB  HB2  sing N N 227 
MET CB  HB3  sing N N 228 
MET CG  SD   sing N N 229 
MET CG  HG2  sing N N 230 
MET CG  HG3  sing N N 231 
MET SD  CE   sing N N 232 
MET CE  HE1  sing N N 233 
MET CE  HE2  sing N N 234 
MET CE  HE3  sing N N 235 
MET OXT HXT  sing N N 236 
PHE N   CA   sing N N 237 
PHE N   H    sing N N 238 
PHE N   H2   sing N N 239 
PHE CA  C    sing N N 240 
PHE CA  CB   sing N N 241 
PHE CA  HA   sing N N 242 
PHE C   O    doub N N 243 
PHE C   OXT  sing N N 244 
PHE CB  CG   sing N N 245 
PHE CB  HB2  sing N N 246 
PHE CB  HB3  sing N N 247 
PHE CG  CD1  doub Y N 248 
PHE CG  CD2  sing Y N 249 
PHE CD1 CE1  sing Y N 250 
PHE CD1 HD1  sing N N 251 
PHE CD2 CE2  doub Y N 252 
PHE CD2 HD2  sing N N 253 
PHE CE1 CZ   doub Y N 254 
PHE CE1 HE1  sing N N 255 
PHE CE2 CZ   sing Y N 256 
PHE CE2 HE2  sing N N 257 
PHE CZ  HZ   sing N N 258 
PHE OXT HXT  sing N N 259 
PRO N   CA   sing N N 260 
PRO N   CD   sing N N 261 
PRO N   H    sing N N 262 
PRO CA  C    sing N N 263 
PRO CA  CB   sing N N 264 
PRO CA  HA   sing N N 265 
PRO C   O    doub N N 266 
PRO C   OXT  sing N N 267 
PRO CB  CG   sing N N 268 
PRO CB  HB2  sing N N 269 
PRO CB  HB3  sing N N 270 
PRO CG  CD   sing N N 271 
PRO CG  HG2  sing N N 272 
PRO CG  HG3  sing N N 273 
PRO CD  HD2  sing N N 274 
PRO CD  HD3  sing N N 275 
PRO OXT HXT  sing N N 276 
SER N   CA   sing N N 277 
SER N   H    sing N N 278 
SER N   H2   sing N N 279 
SER CA  C    sing N N 280 
SER CA  CB   sing N N 281 
SER CA  HA   sing N N 282 
SER C   O    doub N N 283 
SER C   OXT  sing N N 284 
SER CB  OG   sing N N 285 
SER CB  HB2  sing N N 286 
SER CB  HB3  sing N N 287 
SER OG  HG   sing N N 288 
SER OXT HXT  sing N N 289 
THR N   CA   sing N N 290 
THR N   H    sing N N 291 
THR N   H2   sing N N 292 
THR CA  C    sing N N 293 
THR CA  CB   sing N N 294 
THR CA  HA   sing N N 295 
THR C   O    doub N N 296 
THR C   OXT  sing N N 297 
THR CB  OG1  sing N N 298 
THR CB  CG2  sing N N 299 
THR CB  HB   sing N N 300 
THR OG1 HG1  sing N N 301 
THR CG2 HG21 sing N N 302 
THR CG2 HG22 sing N N 303 
THR CG2 HG23 sing N N 304 
THR OXT HXT  sing N N 305 
TRP N   CA   sing N N 306 
TRP N   H    sing N N 307 
TRP N   H2   sing N N 308 
TRP CA  C    sing N N 309 
TRP CA  CB   sing N N 310 
TRP CA  HA   sing N N 311 
TRP C   O    doub N N 312 
TRP C   OXT  sing N N 313 
TRP CB  CG   sing N N 314 
TRP CB  HB2  sing N N 315 
TRP CB  HB3  sing N N 316 
TRP CG  CD1  doub Y N 317 
TRP CG  CD2  sing Y N 318 
TRP CD1 NE1  sing Y N 319 
TRP CD1 HD1  sing N N 320 
TRP CD2 CE2  doub Y N 321 
TRP CD2 CE3  sing Y N 322 
TRP NE1 CE2  sing Y N 323 
TRP NE1 HE1  sing N N 324 
TRP CE2 CZ2  sing Y N 325 
TRP CE3 CZ3  doub Y N 326 
TRP CE3 HE3  sing N N 327 
TRP CZ2 CH2  doub Y N 328 
TRP CZ2 HZ2  sing N N 329 
TRP CZ3 CH2  sing Y N 330 
TRP CZ3 HZ3  sing N N 331 
TRP CH2 HH2  sing N N 332 
TRP OXT HXT  sing N N 333 
TYR N   CA   sing N N 334 
TYR N   H    sing N N 335 
TYR N   H2   sing N N 336 
TYR CA  C    sing N N 337 
TYR CA  CB   sing N N 338 
TYR CA  HA   sing N N 339 
TYR C   O    doub N N 340 
TYR C   OXT  sing N N 341 
TYR CB  CG   sing N N 342 
TYR CB  HB2  sing N N 343 
TYR CB  HB3  sing N N 344 
TYR CG  CD1  doub Y N 345 
TYR CG  CD2  sing Y N 346 
TYR CD1 CE1  sing Y N 347 
TYR CD1 HD1  sing N N 348 
TYR CD2 CE2  doub Y N 349 
TYR CD2 HD2  sing N N 350 
TYR CE1 CZ   doub Y N 351 
TYR CE1 HE1  sing N N 352 
TYR CE2 CZ   sing Y N 353 
TYR CE2 HE2  sing N N 354 
TYR CZ  OH   sing N N 355 
TYR OH  HH   sing N N 356 
TYR OXT HXT  sing N N 357 
VAL N   CA   sing N N 358 
VAL N   H    sing N N 359 
VAL N   H2   sing N N 360 
VAL CA  C    sing N N 361 
VAL CA  CB   sing N N 362 
VAL CA  HA   sing N N 363 
VAL C   O    doub N N 364 
VAL C   OXT  sing N N 365 
VAL CB  CG1  sing N N 366 
VAL CB  CG2  sing N N 367 
VAL CB  HB   sing N N 368 
VAL CG1 HG11 sing N N 369 
VAL CG1 HG12 sing N N 370 
VAL CG1 HG13 sing N N 371 
VAL CG2 HG21 sing N N 372 
VAL CG2 HG22 sing N N 373 
VAL CG2 HG23 sing N N 374 
VAL OXT HXT  sing N N 375 
# 
loop_
_pdbx_audit_support.funding_organization 
_pdbx_audit_support.country 
_pdbx_audit_support.grant_number 
_pdbx_audit_support.ordinal 
'National Institutes of Health/National Institute Of Allergy and Infectious Diseases (NIH/NIAID)' 'United States' AI120943 1 
'National Institutes of Health/National Human Genome Research Institute (NIH/NHGRI)'              'United States' AI123926 2 
# 
loop_
_pdbx_entity_nonpoly.entity_id 
_pdbx_entity_nonpoly.name 
_pdbx_entity_nonpoly.comp_id 
3 'CALCIUM ION' CA  
4 water         HOH 
# 
_pdbx_initial_refinement_model.id               1 
_pdbx_initial_refinement_model.entity_id_list   ? 
_pdbx_initial_refinement_model.type             'experimental model' 
_pdbx_initial_refinement_model.source_name      PDB 
_pdbx_initial_refinement_model.accession_code   5VAP 
_pdbx_initial_refinement_model.details          'PDB entry 5VAP' 
# 
_pdbx_struct_assembly_auth_evidence.id                     1 
_pdbx_struct_assembly_auth_evidence.assembly_id            1 
_pdbx_struct_assembly_auth_evidence.experimental_support   'gel filtration' 
_pdbx_struct_assembly_auth_evidence.details                ? 
# 
